data_1V9W
#
_entry.id   1V9W
#
_entity_poly.entity_id   1
_entity_poly.type   'polypeptide(L)'
_entity_poly.pdbx_seq_one_letter_code
;GSEGAATMATFEEVSVLGFEEFDKAVKEHESKTIFAYFSGSKDTEGKSWCPDCVEAEPVIREGLKHVTEDCVFIYCQVGD
KPYWKDPNNDFRQKLKITAVPTLLKYGTPQKLVESECCQSSLVEMIFSED
;
_entity_poly.pdbx_strand_id   A
#
# COMPACT_ATOMS: atom_id res chain seq x y z
N GLY A 1 -10.29 -24.30 15.21
CA GLY A 1 -10.67 -23.89 13.87
C GLY A 1 -9.94 -24.67 12.80
N SER A 2 -10.67 -25.53 12.09
CA SER A 2 -10.08 -26.34 11.03
C SER A 2 -10.02 -25.57 9.71
N GLU A 3 -8.83 -25.09 9.37
CA GLU A 3 -8.64 -24.33 8.14
C GLU A 3 -7.81 -25.12 7.13
N GLY A 4 -7.74 -24.62 5.91
CA GLY A 4 -6.97 -25.29 4.87
C GLY A 4 -6.40 -24.33 3.85
N ALA A 5 -5.12 -24.47 3.57
CA ALA A 5 -4.45 -23.60 2.60
C ALA A 5 -3.59 -24.40 1.64
N ALA A 6 -4.18 -24.80 0.51
CA ALA A 6 -3.47 -25.59 -0.49
C ALA A 6 -2.60 -24.69 -1.36
N THR A 7 -1.42 -24.35 -0.87
CA THR A 7 -0.50 -23.50 -1.62
C THR A 7 -1.09 -22.12 -1.84
N MET A 8 -1.77 -21.59 -0.83
CA MET A 8 -2.39 -20.28 -0.92
C MET A 8 -1.38 -19.18 -0.59
N ALA A 9 -1.46 -18.07 -1.32
CA ALA A 9 -0.56 -16.95 -1.11
C ALA A 9 -0.62 -16.45 0.33
N THR A 10 0.15 -15.41 0.63
CA THR A 10 0.19 -14.84 1.98
C THR A 10 0.55 -13.37 1.94
N PHE A 11 -0.05 -12.59 2.83
CA PHE A 11 0.21 -11.16 2.90
C PHE A 11 0.58 -10.74 4.33
N GLU A 12 1.33 -9.65 4.43
CA GLU A 12 1.75 -9.14 5.74
C GLU A 12 1.43 -7.65 5.87
N GLU A 13 0.65 -7.31 6.89
CA GLU A 13 0.26 -5.93 7.13
C GLU A 13 1.25 -5.25 8.07
N VAL A 14 1.82 -4.12 7.62
CA VAL A 14 2.78 -3.38 8.43
C VAL A 14 2.42 -1.90 8.47
N SER A 15 2.10 -1.41 9.66
CA SER A 15 1.74 -0.01 9.83
C SER A 15 2.97 0.84 10.11
N VAL A 16 3.12 1.92 9.35
CA VAL A 16 4.26 2.82 9.51
C VAL A 16 3.86 4.27 9.26
N LEU A 17 4.77 5.19 9.57
CA LEU A 17 4.51 6.62 9.38
C LEU A 17 5.79 7.35 8.98
N GLY A 18 5.76 7.97 7.81
CA GLY A 18 6.92 8.70 7.33
C GLY A 18 7.76 7.90 6.36
N PHE A 19 8.82 8.51 5.85
CA PHE A 19 9.70 7.84 4.90
C PHE A 19 10.71 6.94 5.62
N GLU A 20 11.20 7.42 6.77
CA GLU A 20 12.17 6.67 7.55
C GLU A 20 11.66 5.25 7.83
N GLU A 21 10.60 5.16 8.62
CA GLU A 21 10.01 3.88 8.96
C GLU A 21 9.71 3.06 7.71
N PHE A 22 9.05 3.69 6.75
CA PHE A 22 8.69 3.02 5.50
C PHE A 22 9.90 2.31 4.91
N ASP A 23 11.04 2.99 4.88
CA ASP A 23 12.27 2.41 4.34
C ASP A 23 12.68 1.18 5.14
N LYS A 24 12.68 1.30 6.46
CA LYS A 24 13.05 0.19 7.33
C LYS A 24 12.23 -1.05 7.02
N ALA A 25 10.91 -0.92 7.11
CA ALA A 25 10.01 -2.03 6.84
C ALA A 25 10.26 -2.61 5.45
N VAL A 26 10.54 -1.73 4.49
CA VAL A 26 10.81 -2.15 3.12
C VAL A 26 12.04 -3.03 3.03
N LYS A 27 13.18 -2.48 3.44
CA LYS A 27 14.44 -3.22 3.41
C LYS A 27 14.29 -4.56 4.12
N GLU A 28 13.45 -4.59 5.15
CA GLU A 28 13.23 -5.83 5.90
C GLU A 28 12.51 -6.86 5.04
N HIS A 29 11.60 -6.40 4.20
CA HIS A 29 10.84 -7.30 3.32
C HIS A 29 11.30 -7.15 1.87
N GLU A 30 12.56 -6.77 1.70
CA GLU A 30 13.12 -6.59 0.36
C GLU A 30 13.20 -7.92 -0.37
N SER A 31 13.31 -9.01 0.40
CA SER A 31 13.41 -10.35 -0.17
C SER A 31 12.10 -10.74 -0.87
N LYS A 32 10.99 -10.34 -0.28
CA LYS A 32 9.68 -10.64 -0.84
C LYS A 32 9.01 -9.38 -1.39
N THR A 33 7.95 -9.57 -2.16
CA THR A 33 7.22 -8.46 -2.75
C THR A 33 6.73 -7.49 -1.67
N ILE A 34 6.84 -6.19 -1.94
CA ILE A 34 6.41 -5.17 -1.00
C ILE A 34 5.35 -4.27 -1.61
N PHE A 35 4.39 -3.85 -0.79
CA PHE A 35 3.31 -2.98 -1.25
C PHE A 35 3.14 -1.79 -0.31
N ALA A 36 3.52 -0.61 -0.80
CA ALA A 36 3.41 0.61 0.00
C ALA A 36 2.11 1.36 -0.33
N TYR A 37 1.31 1.63 0.70
CA TYR A 37 0.05 2.33 0.52
C TYR A 37 0.12 3.73 1.12
N PHE A 38 0.64 4.68 0.33
CA PHE A 38 0.77 6.05 0.78
C PHE A 38 -0.61 6.72 0.87
N SER A 39 -1.04 6.99 2.10
CA SER A 39 -2.34 7.62 2.33
C SER A 39 -2.27 8.57 3.53
N GLY A 40 -3.24 9.48 3.60
CA GLY A 40 -3.27 10.43 4.70
C GLY A 40 -3.28 9.76 6.05
N SER A 41 -2.89 10.50 7.08
CA SER A 41 -2.85 9.96 8.44
C SER A 41 -4.27 9.73 8.97
N LYS A 42 -4.40 8.75 9.86
CA LYS A 42 -5.69 8.43 10.45
C LYS A 42 -5.97 9.32 11.66
N ASP A 43 -7.25 9.65 11.86
CA ASP A 43 -7.65 10.49 12.98
C ASP A 43 -7.86 9.64 14.24
N THR A 44 -8.33 10.28 15.30
CA THR A 44 -8.58 9.59 16.56
C THR A 44 -9.54 8.41 16.37
N GLU A 45 -10.54 8.61 15.52
CA GLU A 45 -11.52 7.55 15.25
C GLU A 45 -10.91 6.45 14.40
N GLY A 46 -9.83 6.78 13.69
CA GLY A 46 -9.17 5.81 12.83
C GLY A 46 -9.57 5.94 11.38
N LYS A 47 -9.78 7.17 10.93
CA LYS A 47 -10.17 7.43 9.56
C LYS A 47 -9.28 8.50 8.92
N SER A 48 -9.09 8.40 7.61
CA SER A 48 -8.26 9.35 6.89
C SER A 48 -9.10 10.51 6.35
N TRP A 49 -8.63 11.73 6.60
CA TRP A 49 -9.34 12.92 6.15
C TRP A 49 -9.97 12.70 4.78
N CYS A 50 -9.23 12.01 3.91
CA CYS A 50 -9.71 11.71 2.56
C CYS A 50 -10.75 10.61 2.58
N PRO A 51 -11.89 10.86 1.90
CA PRO A 51 -12.99 9.90 1.83
C PRO A 51 -12.64 8.67 0.98
N ASP A 52 -11.53 8.77 0.25
CA ASP A 52 -11.08 7.67 -0.61
C ASP A 52 -10.33 6.63 0.22
N CYS A 53 -9.21 7.04 0.80
CA CYS A 53 -8.39 6.13 1.61
C CYS A 53 -9.26 5.33 2.57
N VAL A 54 -10.36 5.94 3.02
CA VAL A 54 -11.28 5.28 3.95
C VAL A 54 -12.13 4.25 3.23
N GLU A 55 -12.44 4.52 1.96
CA GLU A 55 -13.27 3.63 1.16
C GLU A 55 -12.40 2.66 0.35
N ALA A 56 -11.10 2.94 0.32
CA ALA A 56 -10.16 2.10 -0.41
C ALA A 56 -9.44 1.13 0.52
N GLU A 57 -9.33 1.51 1.78
CA GLU A 57 -8.67 0.67 2.77
C GLU A 57 -9.13 -0.77 2.67
N PRO A 58 -10.46 -0.97 2.78
CA PRO A 58 -11.06 -2.31 2.69
C PRO A 58 -11.00 -2.89 1.29
N VAL A 59 -10.90 -2.00 0.29
CA VAL A 59 -10.84 -2.43 -1.10
C VAL A 59 -9.44 -2.95 -1.44
N ILE A 60 -8.43 -2.44 -0.75
CA ILE A 60 -7.05 -2.86 -0.98
C ILE A 60 -6.68 -4.03 -0.08
N ARG A 61 -7.15 -3.99 1.16
CA ARG A 61 -6.86 -5.05 2.11
C ARG A 61 -7.48 -6.37 1.67
N GLU A 62 -8.73 -6.30 1.20
CA GLU A 62 -9.44 -7.48 0.76
C GLU A 62 -8.78 -8.07 -0.48
N GLY A 63 -8.46 -7.22 -1.44
CA GLY A 63 -7.82 -7.68 -2.66
C GLY A 63 -6.50 -8.35 -2.41
N LEU A 64 -5.72 -7.81 -1.47
CA LEU A 64 -4.42 -8.37 -1.13
C LEU A 64 -4.51 -9.87 -0.91
N LYS A 65 -5.69 -10.33 -0.49
CA LYS A 65 -5.91 -11.75 -0.24
C LYS A 65 -5.90 -12.54 -1.54
N HIS A 66 -6.45 -11.94 -2.60
CA HIS A 66 -6.50 -12.59 -3.91
C HIS A 66 -5.10 -12.82 -4.45
N VAL A 67 -4.14 -12.04 -3.97
CA VAL A 67 -2.75 -12.15 -4.41
C VAL A 67 -2.32 -13.61 -4.45
N THR A 68 -1.55 -13.97 -5.47
CA THR A 68 -1.05 -15.33 -5.63
C THR A 68 0.41 -15.42 -5.26
N GLU A 69 0.95 -14.37 -4.66
CA GLU A 69 2.35 -14.34 -4.26
C GLU A 69 2.51 -13.76 -2.85
N ASP A 70 3.57 -14.17 -2.17
CA ASP A 70 3.83 -13.69 -0.81
C ASP A 70 4.32 -12.25 -0.84
N CYS A 71 3.41 -11.32 -0.57
CA CYS A 71 3.75 -9.91 -0.55
C CYS A 71 3.75 -9.36 0.87
N VAL A 72 4.19 -8.11 1.02
CA VAL A 72 4.24 -7.47 2.33
C VAL A 72 3.66 -6.06 2.28
N PHE A 73 2.39 -5.94 2.64
CA PHE A 73 1.71 -4.65 2.63
C PHE A 73 2.33 -3.71 3.65
N ILE A 74 2.29 -2.41 3.35
CA ILE A 74 2.86 -1.40 4.24
C ILE A 74 2.02 -0.12 4.22
N TYR A 75 1.27 0.10 5.28
CA TYR A 75 0.43 1.29 5.39
C TYR A 75 1.26 2.51 5.74
N CYS A 76 1.76 3.20 4.72
CA CYS A 76 2.57 4.39 4.91
C CYS A 76 1.69 5.64 4.97
N GLN A 77 1.79 6.37 6.08
CA GLN A 77 1.01 7.58 6.26
C GLN A 77 1.80 8.81 5.83
N VAL A 78 1.36 9.45 4.75
CA VAL A 78 2.02 10.64 4.24
C VAL A 78 2.10 11.73 5.30
N GLY A 79 1.00 11.94 6.01
CA GLY A 79 0.97 12.95 7.06
C GLY A 79 -0.41 13.55 7.25
N ASP A 80 -0.49 14.87 7.27
CA ASP A 80 -1.76 15.55 7.44
C ASP A 80 -2.38 15.90 6.10
N LYS A 81 -3.65 16.32 6.12
CA LYS A 81 -4.36 16.70 4.90
C LYS A 81 -3.62 17.80 4.16
N PRO A 82 -3.42 18.94 4.84
CA PRO A 82 -2.73 20.09 4.26
C PRO A 82 -1.23 19.83 4.05
N TYR A 83 -0.77 18.69 4.55
CA TYR A 83 0.64 18.33 4.43
C TYR A 83 0.90 17.59 3.13
N TRP A 84 -0.09 16.81 2.68
CA TRP A 84 0.03 16.04 1.44
C TRP A 84 0.20 16.98 0.25
N LYS A 85 -0.42 18.15 0.33
CA LYS A 85 -0.34 19.13 -0.74
C LYS A 85 1.10 19.58 -0.97
N ASP A 86 1.87 19.66 0.11
CA ASP A 86 3.26 20.07 0.03
C ASP A 86 3.97 19.39 -1.15
N PRO A 87 4.17 20.14 -2.24
CA PRO A 87 4.82 19.63 -3.44
C PRO A 87 6.31 19.37 -3.22
N ASN A 88 6.83 19.86 -2.10
CA ASN A 88 8.25 19.67 -1.78
C ASN A 88 8.43 18.52 -0.80
N ASN A 89 7.52 17.56 -0.85
CA ASN A 89 7.58 16.40 0.03
C ASN A 89 8.44 15.30 -0.58
N ASP A 90 9.13 14.54 0.27
CA ASP A 90 9.98 13.46 -0.19
C ASP A 90 9.18 12.43 -0.98
N PHE A 91 7.87 12.46 -0.81
CA PHE A 91 6.98 11.52 -1.50
C PHE A 91 6.82 11.91 -2.97
N ARG A 92 6.69 13.20 -3.22
CA ARG A 92 6.53 13.71 -4.57
C ARG A 92 7.88 14.06 -5.19
N GLN A 93 8.93 14.05 -4.37
CA GLN A 93 10.27 14.36 -4.83
C GLN A 93 11.07 13.09 -5.10
N LYS A 94 11.04 12.17 -4.14
CA LYS A 94 11.76 10.90 -4.28
C LYS A 94 10.85 9.81 -4.80
N LEU A 95 9.73 9.59 -4.11
CA LEU A 95 8.77 8.58 -4.52
C LEU A 95 7.96 9.04 -5.73
N LYS A 96 8.01 10.33 -6.01
CA LYS A 96 7.29 10.90 -7.13
C LYS A 96 5.84 10.42 -7.15
N ILE A 97 5.15 10.60 -6.04
CA ILE A 97 3.75 10.19 -5.93
C ILE A 97 2.84 11.10 -6.74
N THR A 98 1.89 10.49 -7.45
CA THR A 98 0.95 11.25 -8.27
C THR A 98 -0.20 11.79 -7.43
N ALA A 99 -1.05 10.89 -6.95
CA ALA A 99 -2.20 11.27 -6.13
C ALA A 99 -2.54 10.18 -5.12
N VAL A 100 -2.63 10.58 -3.85
CA VAL A 100 -2.94 9.64 -2.79
C VAL A 100 -4.45 9.41 -2.68
N PRO A 101 -4.84 8.19 -2.26
CA PRO A 101 -3.89 7.14 -1.91
C PRO A 101 -3.17 6.59 -3.13
N THR A 102 -1.87 6.31 -2.97
CA THR A 102 -1.06 5.78 -4.06
C THR A 102 -0.51 4.40 -3.71
N LEU A 103 -0.94 3.38 -4.45
CA LEU A 103 -0.49 2.02 -4.21
C LEU A 103 0.63 1.65 -5.19
N LEU A 104 1.86 1.72 -4.73
CA LEU A 104 3.02 1.39 -5.56
C LEU A 104 3.53 0.00 -5.22
N LYS A 105 3.80 -0.79 -6.26
CA LYS A 105 4.31 -2.15 -6.08
C LYS A 105 5.84 -2.18 -6.18
N TYR A 106 6.49 -2.09 -5.03
CA TYR A 106 7.95 -2.10 -4.98
C TYR A 106 8.52 -3.17 -5.90
N GLY A 107 9.11 -2.75 -7.01
CA GLY A 107 9.68 -3.69 -7.95
C GLY A 107 9.16 -3.49 -9.36
N THR A 108 7.88 -3.15 -9.48
CA THR A 108 7.25 -2.93 -10.77
C THR A 108 6.65 -1.53 -10.86
N PRO A 109 6.63 -0.97 -12.08
CA PRO A 109 6.07 0.36 -12.33
C PRO A 109 4.55 0.39 -12.18
N GLN A 110 3.97 -0.77 -11.90
CA GLN A 110 2.52 -0.88 -11.74
C GLN A 110 2.07 -0.26 -10.42
N LYS A 111 1.18 0.73 -10.50
CA LYS A 111 0.68 1.41 -9.32
C LYS A 111 -0.81 1.75 -9.49
N LEU A 112 -1.54 1.74 -8.39
CA LEU A 112 -2.96 2.05 -8.41
C LEU A 112 -3.23 3.37 -7.69
N VAL A 113 -3.82 4.32 -8.42
CA VAL A 113 -4.15 5.63 -7.85
C VAL A 113 -5.47 5.59 -7.11
N GLU A 114 -5.82 6.70 -6.47
CA GLU A 114 -7.08 6.80 -5.73
C GLU A 114 -8.17 5.96 -6.39
N SER A 115 -8.54 6.33 -7.60
CA SER A 115 -9.57 5.62 -8.34
C SER A 115 -9.24 4.14 -8.44
N GLU A 116 -7.98 3.85 -8.76
CA GLU A 116 -7.53 2.46 -8.90
C GLU A 116 -7.40 1.80 -7.54
N CYS A 117 -7.48 2.60 -6.48
CA CYS A 117 -7.36 2.09 -5.12
C CYS A 117 -8.73 1.68 -4.59
N CYS A 118 -9.78 2.18 -5.22
CA CYS A 118 -11.15 1.87 -4.80
C CYS A 118 -11.77 0.82 -5.72
N GLN A 119 -11.05 0.47 -6.78
CA GLN A 119 -11.53 -0.52 -7.73
C GLN A 119 -11.02 -1.92 -7.38
N SER A 120 -11.87 -2.70 -6.72
CA SER A 120 -11.49 -4.06 -6.32
C SER A 120 -11.00 -4.86 -7.51
N SER A 121 -11.66 -4.69 -8.65
CA SER A 121 -11.29 -5.40 -9.87
C SER A 121 -9.82 -5.20 -10.19
N LEU A 122 -9.32 -4.00 -9.92
CA LEU A 122 -7.91 -3.67 -10.17
C LEU A 122 -7.02 -4.14 -9.03
N VAL A 123 -7.51 -3.95 -7.80
CA VAL A 123 -6.76 -4.36 -6.62
C VAL A 123 -6.44 -5.84 -6.65
N GLU A 124 -7.44 -6.65 -7.00
CA GLU A 124 -7.26 -8.10 -7.06
C GLU A 124 -6.42 -8.49 -8.27
N MET A 125 -6.23 -7.54 -9.18
CA MET A 125 -5.42 -7.77 -10.38
C MET A 125 -3.94 -7.51 -10.11
N ILE A 126 -3.63 -6.28 -9.74
CA ILE A 126 -2.24 -5.90 -9.45
C ILE A 126 -1.57 -6.94 -8.55
N PHE A 127 -2.38 -7.69 -7.81
CA PHE A 127 -1.86 -8.72 -6.91
C PHE A 127 -1.76 -10.06 -7.62
N SER A 128 -2.77 -10.38 -8.42
CA SER A 128 -2.80 -11.64 -9.16
C SER A 128 -1.61 -11.74 -10.11
N GLU A 129 -1.56 -10.82 -11.08
CA GLU A 129 -0.48 -10.79 -12.05
C GLU A 129 0.82 -10.30 -11.42
N ASP A 130 1.93 -10.63 -12.05
CA ASP A 130 3.25 -10.21 -11.55
C ASP A 130 3.64 -8.86 -12.13
N GLY A 1 2.24 -35.75 9.74
CA GLY A 1 1.72 -34.78 8.79
C GLY A 1 0.57 -35.34 7.98
N SER A 2 -0.43 -34.51 7.72
CA SER A 2 -1.61 -34.93 6.95
C SER A 2 -1.96 -33.91 5.89
N GLU A 3 -2.26 -32.69 6.33
CA GLU A 3 -2.61 -31.60 5.41
C GLU A 3 -1.80 -31.71 4.12
N GLY A 4 -2.51 -31.74 3.00
CA GLY A 4 -1.84 -31.84 1.71
C GLY A 4 -0.75 -30.80 1.54
N ALA A 5 0.17 -31.04 0.61
CA ALA A 5 1.27 -30.12 0.35
C ALA A 5 0.85 -29.06 -0.67
N ALA A 6 0.57 -27.86 -0.17
CA ALA A 6 0.17 -26.76 -1.04
C ALA A 6 0.95 -25.49 -0.72
N THR A 7 1.22 -24.68 -1.74
CA THR A 7 1.96 -23.44 -1.56
C THR A 7 1.06 -22.23 -1.77
N MET A 8 0.49 -21.72 -0.68
CA MET A 8 -0.38 -20.56 -0.75
C MET A 8 0.40 -19.27 -0.56
N ALA A 9 -0.20 -18.15 -0.95
CA ALA A 9 0.44 -16.85 -0.84
C ALA A 9 0.35 -16.32 0.60
N THR A 10 1.25 -15.41 0.94
CA THR A 10 1.26 -14.83 2.28
C THR A 10 1.29 -13.30 2.22
N PHE A 11 0.36 -12.67 2.94
CA PHE A 11 0.28 -11.22 2.95
C PHE A 11 0.40 -10.69 4.38
N GLU A 12 1.33 -9.77 4.59
CA GLU A 12 1.56 -9.18 5.90
C GLU A 12 1.33 -7.67 5.88
N GLU A 13 0.63 -7.16 6.88
CA GLU A 13 0.35 -5.74 6.98
C GLU A 13 1.32 -5.05 7.93
N VAL A 14 2.00 -4.01 7.43
CA VAL A 14 2.96 -3.27 8.23
C VAL A 14 2.61 -1.78 8.27
N SER A 15 2.16 -1.30 9.42
CA SER A 15 1.79 0.09 9.58
C SER A 15 3.02 0.94 9.91
N VAL A 16 3.20 2.03 9.17
CA VAL A 16 4.33 2.92 9.37
C VAL A 16 3.92 4.38 9.19
N LEU A 17 4.67 5.28 9.79
CA LEU A 17 4.40 6.71 9.69
C LEU A 17 5.65 7.49 9.29
N GLY A 18 5.65 7.99 8.06
CA GLY A 18 6.80 8.75 7.58
C GLY A 18 7.60 7.98 6.54
N PHE A 19 8.77 8.51 6.20
CA PHE A 19 9.64 7.87 5.21
C PHE A 19 10.66 6.97 5.90
N GLU A 20 11.29 7.48 6.95
CA GLU A 20 12.29 6.72 7.70
C GLU A 20 11.78 5.32 8.02
N GLU A 21 10.70 5.25 8.79
CA GLU A 21 10.11 3.98 9.17
C GLU A 21 9.73 3.16 7.94
N PHE A 22 9.13 3.83 6.95
CA PHE A 22 8.72 3.18 5.72
C PHE A 22 9.86 2.35 5.14
N ASP A 23 10.94 3.03 4.77
CA ASP A 23 12.10 2.36 4.19
C ASP A 23 12.51 1.16 5.04
N LYS A 24 12.66 1.37 6.33
CA LYS A 24 13.04 0.30 7.25
C LYS A 24 12.23 -0.96 6.98
N ALA A 25 10.92 -0.81 6.88
CA ALA A 25 10.03 -1.93 6.63
C ALA A 25 10.28 -2.53 5.25
N VAL A 26 10.66 -1.69 4.30
CA VAL A 26 10.94 -2.13 2.94
C VAL A 26 12.24 -2.92 2.88
N LYS A 27 13.34 -2.28 3.24
CA LYS A 27 14.64 -2.92 3.22
C LYS A 27 14.61 -4.24 3.98
N GLU A 28 13.57 -4.42 4.81
CA GLU A 28 13.43 -5.64 5.59
C GLU A 28 12.80 -6.74 4.75
N HIS A 29 11.73 -6.40 4.02
CA HIS A 29 11.03 -7.37 3.18
C HIS A 29 11.42 -7.18 1.72
N GLU A 30 12.61 -6.63 1.48
CA GLU A 30 13.09 -6.40 0.13
C GLU A 30 13.18 -7.72 -0.66
N SER A 31 13.36 -8.81 0.07
CA SER A 31 13.47 -10.13 -0.55
C SER A 31 12.21 -10.47 -1.33
N LYS A 32 11.05 -10.23 -0.70
CA LYS A 32 9.77 -10.51 -1.33
C LYS A 32 9.12 -9.23 -1.84
N THR A 33 8.00 -9.37 -2.55
CA THR A 33 7.28 -8.23 -3.08
C THR A 33 6.74 -7.35 -1.96
N ILE A 34 6.97 -6.04 -2.08
CA ILE A 34 6.50 -5.09 -1.08
C ILE A 34 5.44 -4.15 -1.66
N PHE A 35 4.44 -3.82 -0.85
CA PHE A 35 3.37 -2.94 -1.28
C PHE A 35 3.23 -1.75 -0.34
N ALA A 36 3.60 -0.56 -0.82
CA ALA A 36 3.52 0.65 -0.02
C ALA A 36 2.25 1.43 -0.34
N TYR A 37 1.41 1.60 0.67
CA TYR A 37 0.15 2.33 0.49
C TYR A 37 0.25 3.73 1.10
N PHE A 38 0.66 4.69 0.28
CA PHE A 38 0.79 6.07 0.72
C PHE A 38 -0.58 6.74 0.82
N SER A 39 -0.92 7.20 2.02
CA SER A 39 -2.20 7.86 2.26
C SER A 39 -2.13 8.78 3.47
N GLY A 40 -3.17 9.58 3.66
CA GLY A 40 -3.20 10.50 4.78
C GLY A 40 -3.21 9.78 6.12
N SER A 41 -2.73 10.46 7.16
CA SER A 41 -2.67 9.88 8.49
C SER A 41 -4.08 9.55 9.00
N LYS A 42 -4.17 8.51 9.82
CA LYS A 42 -5.46 8.10 10.39
C LYS A 42 -5.74 8.84 11.69
N ASP A 43 -7.01 8.90 12.06
CA ASP A 43 -7.43 9.58 13.29
C ASP A 43 -7.62 8.57 14.42
N THR A 44 -8.09 9.06 15.56
CA THR A 44 -8.32 8.21 16.72
C THR A 44 -9.32 7.11 16.40
N GLU A 45 -10.25 7.40 15.49
CA GLU A 45 -11.25 6.42 15.10
C GLU A 45 -10.67 5.37 14.16
N GLY A 46 -9.57 5.74 13.49
CA GLY A 46 -8.92 4.81 12.58
C GLY A 46 -9.33 5.05 11.14
N LYS A 47 -9.56 6.31 10.78
CA LYS A 47 -9.95 6.67 9.43
C LYS A 47 -9.12 7.84 8.91
N SER A 48 -8.88 7.85 7.60
CA SER A 48 -8.09 8.90 6.97
C SER A 48 -8.95 10.12 6.65
N TRP A 49 -8.40 11.30 6.88
CA TRP A 49 -9.13 12.54 6.61
C TRP A 49 -9.77 12.52 5.23
N CYS A 50 -9.26 11.63 4.37
CA CYS A 50 -9.79 11.51 3.01
C CYS A 50 -10.94 10.51 2.96
N PRO A 51 -12.01 10.89 2.26
CA PRO A 51 -13.20 10.04 2.11
C PRO A 51 -12.93 8.81 1.24
N ASP A 52 -12.27 9.03 0.12
CA ASP A 52 -11.94 7.94 -0.80
C ASP A 52 -11.11 6.87 -0.10
N CYS A 53 -10.04 7.31 0.55
CA CYS A 53 -9.14 6.39 1.26
C CYS A 53 -9.93 5.46 2.16
N VAL A 54 -10.88 6.02 2.92
CA VAL A 54 -11.70 5.25 3.84
C VAL A 54 -12.51 4.20 3.08
N GLU A 55 -12.70 4.42 1.78
CA GLU A 55 -13.46 3.50 0.95
C GLU A 55 -12.53 2.53 0.22
N ALA A 56 -11.31 2.98 -0.04
CA ALA A 56 -10.33 2.15 -0.73
C ALA A 56 -9.67 1.17 0.22
N GLU A 57 -9.54 1.57 1.48
CA GLU A 57 -8.92 0.73 2.50
C GLU A 57 -9.43 -0.71 2.40
N PRO A 58 -10.75 -0.87 2.53
CA PRO A 58 -11.40 -2.19 2.45
C PRO A 58 -11.37 -2.77 1.04
N VAL A 59 -11.02 -1.93 0.07
CA VAL A 59 -10.95 -2.36 -1.32
C VAL A 59 -9.56 -2.86 -1.67
N ILE A 60 -8.56 -2.40 -0.93
CA ILE A 60 -7.18 -2.80 -1.16
C ILE A 60 -6.80 -4.00 -0.29
N ARG A 61 -7.17 -3.93 0.99
CA ARG A 61 -6.87 -5.01 1.92
C ARG A 61 -7.48 -6.33 1.45
N GLU A 62 -8.74 -6.28 1.02
CA GLU A 62 -9.42 -7.47 0.54
C GLU A 62 -8.58 -8.21 -0.50
N GLY A 63 -8.27 -7.52 -1.60
CA GLY A 63 -7.48 -8.13 -2.65
C GLY A 63 -6.16 -8.68 -2.13
N LEU A 64 -5.54 -7.97 -1.20
CA LEU A 64 -4.27 -8.39 -0.63
C LEU A 64 -4.39 -9.79 -0.02
N LYS A 65 -5.62 -10.23 0.19
CA LYS A 65 -5.87 -11.55 0.77
C LYS A 65 -5.91 -12.61 -0.33
N HIS A 66 -6.29 -12.20 -1.53
CA HIS A 66 -6.36 -13.12 -2.67
C HIS A 66 -5.12 -13.02 -3.53
N VAL A 67 -4.05 -12.47 -2.96
CA VAL A 67 -2.78 -12.32 -3.68
C VAL A 67 -2.17 -13.68 -4.00
N THR A 68 -1.50 -13.77 -5.14
CA THR A 68 -0.87 -15.01 -5.56
C THR A 68 0.65 -14.87 -5.55
N GLU A 69 1.17 -14.05 -4.65
CA GLU A 69 2.61 -13.84 -4.54
C GLU A 69 2.98 -13.35 -3.15
N ASP A 70 3.78 -14.14 -2.44
CA ASP A 70 4.21 -13.78 -1.10
C ASP A 70 4.76 -12.37 -1.05
N CYS A 71 3.94 -11.44 -0.57
CA CYS A 71 4.34 -10.04 -0.48
C CYS A 71 4.12 -9.49 0.93
N VAL A 72 4.59 -8.27 1.17
CA VAL A 72 4.44 -7.63 2.47
C VAL A 72 3.87 -6.23 2.33
N PHE A 73 2.59 -6.08 2.66
CA PHE A 73 1.93 -4.78 2.57
C PHE A 73 2.50 -3.80 3.59
N ILE A 74 2.41 -2.52 3.27
CA ILE A 74 2.93 -1.48 4.17
C ILE A 74 2.03 -0.24 4.14
N TYR A 75 1.30 -0.03 5.23
CA TYR A 75 0.41 1.12 5.33
C TYR A 75 1.15 2.34 5.87
N CYS A 76 1.72 3.12 4.97
CA CYS A 76 2.47 4.32 5.34
C CYS A 76 1.57 5.55 5.28
N GLN A 77 1.83 6.50 6.18
CA GLN A 77 1.04 7.73 6.24
C GLN A 77 1.89 8.94 5.85
N VAL A 78 1.50 9.62 4.77
CA VAL A 78 2.22 10.79 4.31
C VAL A 78 2.55 11.73 5.46
N GLY A 79 1.51 12.14 6.20
CA GLY A 79 1.71 13.04 7.32
C GLY A 79 0.43 13.71 7.76
N ASP A 80 -0.15 14.52 6.87
CA ASP A 80 -1.40 15.21 7.18
C ASP A 80 -2.09 15.65 5.90
N LYS A 81 -3.27 16.25 6.05
CA LYS A 81 -4.05 16.72 4.91
C LYS A 81 -3.33 17.86 4.20
N PRO A 82 -3.06 18.94 4.94
CA PRO A 82 -2.37 20.12 4.39
C PRO A 82 -0.91 19.84 4.08
N TYR A 83 -0.36 18.82 4.73
CA TYR A 83 1.04 18.46 4.53
C TYR A 83 1.22 17.72 3.20
N TRP A 84 0.22 16.94 2.83
CA TRP A 84 0.27 16.18 1.58
C TRP A 84 0.51 17.10 0.39
N LYS A 85 -0.25 18.19 0.33
CA LYS A 85 -0.12 19.16 -0.76
C LYS A 85 1.34 19.54 -0.97
N ASP A 86 2.09 19.67 0.13
CA ASP A 86 3.50 20.04 0.07
C ASP A 86 4.17 19.34 -1.12
N PRO A 87 4.36 20.10 -2.21
CA PRO A 87 4.99 19.58 -3.43
C PRO A 87 6.49 19.33 -3.24
N ASN A 88 7.04 19.86 -2.14
CA ASN A 88 8.45 19.68 -1.85
C ASN A 88 8.67 18.55 -0.85
N ASN A 89 7.76 17.59 -0.85
CA ASN A 89 7.83 16.45 0.06
C ASN A 89 8.75 15.36 -0.51
N ASP A 90 9.31 14.55 0.37
CA ASP A 90 10.21 13.48 -0.04
C ASP A 90 9.45 12.40 -0.81
N PHE A 91 8.12 12.40 -0.68
CA PHE A 91 7.27 11.44 -1.36
C PHE A 91 7.17 11.76 -2.85
N ARG A 92 6.79 13.00 -3.15
CA ARG A 92 6.65 13.43 -4.53
C ARG A 92 8.01 13.72 -5.16
N GLN A 93 9.04 13.80 -4.32
CA GLN A 93 10.39 14.07 -4.80
C GLN A 93 11.17 12.78 -4.98
N LYS A 94 10.93 11.82 -4.08
CA LYS A 94 11.61 10.53 -4.14
C LYS A 94 10.70 9.45 -4.73
N LEU A 95 9.51 9.34 -4.17
CA LEU A 95 8.54 8.35 -4.64
C LEU A 95 7.70 8.91 -5.79
N LYS A 96 7.96 10.16 -6.14
CA LYS A 96 7.25 10.81 -7.24
C LYS A 96 5.78 10.39 -7.25
N ILE A 97 5.14 10.43 -6.08
CA ILE A 97 3.74 10.06 -5.96
C ILE A 97 2.86 10.96 -6.82
N THR A 98 1.72 10.42 -7.26
CA THR A 98 0.79 11.17 -8.09
C THR A 98 -0.36 11.74 -7.25
N ALA A 99 -1.16 10.85 -6.68
CA ALA A 99 -2.29 11.26 -5.84
C ALA A 99 -2.68 10.16 -4.86
N VAL A 100 -2.70 10.50 -3.57
CA VAL A 100 -3.07 9.54 -2.54
C VAL A 100 -4.58 9.37 -2.45
N PRO A 101 -5.01 8.15 -2.07
CA PRO A 101 -4.10 7.05 -1.76
C PRO A 101 -3.39 6.52 -2.98
N THR A 102 -2.12 6.15 -2.83
CA THR A 102 -1.33 5.62 -3.92
C THR A 102 -0.69 4.29 -3.55
N LEU A 103 -1.19 3.21 -4.15
CA LEU A 103 -0.65 1.87 -3.88
C LEU A 103 0.42 1.50 -4.90
N LEU A 104 1.68 1.67 -4.51
CA LEU A 104 2.80 1.34 -5.38
C LEU A 104 3.33 -0.06 -5.09
N LYS A 105 3.43 -0.88 -6.15
CA LYS A 105 3.94 -2.23 -6.00
C LYS A 105 5.46 -2.28 -6.13
N TYR A 106 6.15 -2.11 -5.01
CA TYR A 106 7.61 -2.13 -5.00
C TYR A 106 8.14 -3.28 -5.85
N GLY A 107 8.76 -2.94 -6.97
CA GLY A 107 9.31 -3.96 -7.84
C GLY A 107 8.84 -3.81 -9.28
N THR A 108 7.69 -3.15 -9.45
CA THR A 108 7.13 -2.94 -10.78
C THR A 108 6.50 -1.56 -10.90
N PRO A 109 6.55 -1.00 -12.11
CA PRO A 109 5.99 0.33 -12.40
C PRO A 109 4.46 0.33 -12.33
N GLN A 110 3.88 -0.81 -11.99
CA GLN A 110 2.43 -0.92 -11.89
C GLN A 110 1.93 -0.52 -10.51
N LYS A 111 1.16 0.56 -10.46
CA LYS A 111 0.61 1.05 -9.20
C LYS A 111 -0.87 1.36 -9.33
N LEU A 112 -1.50 1.73 -8.21
CA LEU A 112 -2.92 2.05 -8.20
C LEU A 112 -3.17 3.38 -7.49
N VAL A 113 -3.84 4.30 -8.18
CA VAL A 113 -4.15 5.60 -7.61
C VAL A 113 -5.51 5.60 -6.93
N GLU A 114 -5.86 6.71 -6.29
CA GLU A 114 -7.13 6.84 -5.59
C GLU A 114 -8.21 6.03 -6.30
N SER A 115 -8.45 6.35 -7.57
CA SER A 115 -9.46 5.66 -8.36
C SER A 115 -9.16 4.16 -8.43
N GLU A 116 -7.93 3.83 -8.80
CA GLU A 116 -7.53 2.43 -8.91
C GLU A 116 -7.33 1.81 -7.53
N CYS A 117 -7.56 2.61 -6.49
CA CYS A 117 -7.41 2.14 -5.12
C CYS A 117 -8.76 1.71 -4.54
N CYS A 118 -9.84 2.20 -5.15
CA CYS A 118 -11.18 1.87 -4.69
C CYS A 118 -11.83 0.84 -5.61
N GLN A 119 -11.12 0.47 -6.68
CA GLN A 119 -11.63 -0.50 -7.65
C GLN A 119 -11.04 -1.88 -7.38
N SER A 120 -11.78 -2.70 -6.65
CA SER A 120 -11.34 -4.04 -6.32
C SER A 120 -10.80 -4.76 -7.55
N SER A 121 -11.60 -4.78 -8.62
CA SER A 121 -11.20 -5.42 -9.86
C SER A 121 -9.72 -5.22 -10.13
N LEU A 122 -9.22 -4.03 -9.82
CA LEU A 122 -7.81 -3.71 -10.02
C LEU A 122 -6.96 -4.23 -8.87
N VAL A 123 -7.42 -3.97 -7.65
CA VAL A 123 -6.70 -4.41 -6.45
C VAL A 123 -6.39 -5.90 -6.52
N GLU A 124 -7.35 -6.69 -7.00
CA GLU A 124 -7.18 -8.13 -7.11
C GLU A 124 -6.36 -8.48 -8.34
N MET A 125 -6.26 -7.53 -9.27
CA MET A 125 -5.50 -7.74 -10.50
C MET A 125 -4.02 -7.55 -10.26
N ILE A 126 -3.65 -6.38 -9.74
CA ILE A 126 -2.25 -6.08 -9.46
C ILE A 126 -1.61 -7.16 -8.60
N PHE A 127 -2.43 -7.85 -7.82
CA PHE A 127 -1.94 -8.92 -6.95
C PHE A 127 -1.91 -10.25 -7.69
N SER A 128 -2.96 -10.54 -8.43
CA SER A 128 -3.06 -11.79 -9.18
C SER A 128 -1.93 -11.89 -10.21
N GLU A 129 -1.73 -10.81 -10.96
CA GLU A 129 -0.68 -10.77 -11.97
C GLU A 129 0.65 -11.23 -11.40
N ASP A 130 1.33 -12.10 -12.13
CA ASP A 130 2.63 -12.62 -11.70
C ASP A 130 3.46 -11.54 -11.02
N GLY A 1 15.54 -31.41 4.64
CA GLY A 1 14.79 -30.70 5.67
C GLY A 1 13.38 -31.24 5.82
N SER A 2 12.87 -31.22 7.05
CA SER A 2 11.52 -31.72 7.33
C SER A 2 10.47 -30.89 6.60
N GLU A 3 10.50 -29.58 6.82
CA GLU A 3 9.55 -28.68 6.17
C GLU A 3 9.45 -28.98 4.68
N GLY A 4 8.26 -28.81 4.12
CA GLY A 4 8.05 -29.05 2.71
C GLY A 4 6.57 -29.17 2.34
N ALA A 5 5.79 -28.19 2.77
CA ALA A 5 4.36 -28.18 2.49
C ALA A 5 3.92 -26.85 1.90
N ALA A 6 3.43 -26.88 0.66
CA ALA A 6 2.97 -25.67 -0.01
C ALA A 6 1.85 -25.01 0.76
N THR A 7 1.55 -23.76 0.41
CA THR A 7 0.48 -23.01 1.08
C THR A 7 0.18 -21.72 0.33
N MET A 8 -1.05 -21.24 0.48
CA MET A 8 -1.47 -20.00 -0.18
C MET A 8 -0.46 -18.89 0.06
N ALA A 9 -0.46 -17.89 -0.82
CA ALA A 9 0.45 -16.76 -0.71
C ALA A 9 0.53 -16.26 0.73
N THR A 10 1.53 -15.43 1.02
CA THR A 10 1.71 -14.89 2.35
C THR A 10 1.68 -13.36 2.33
N PHE A 11 0.78 -12.78 3.12
CA PHE A 11 0.66 -11.33 3.19
C PHE A 11 0.83 -10.83 4.63
N GLU A 12 1.54 -9.71 4.78
CA GLU A 12 1.77 -9.14 6.10
C GLU A 12 1.47 -7.64 6.10
N GLU A 13 0.71 -7.21 7.09
CA GLU A 13 0.35 -5.80 7.22
C GLU A 13 1.32 -5.06 8.12
N VAL A 14 1.97 -4.03 7.56
CA VAL A 14 2.93 -3.25 8.30
C VAL A 14 2.53 -1.77 8.34
N SER A 15 2.17 -1.29 9.54
CA SER A 15 1.76 0.09 9.70
C SER A 15 2.95 0.98 10.07
N VAL A 16 3.19 2.00 9.26
CA VAL A 16 4.30 2.92 9.50
C VAL A 16 3.89 4.36 9.21
N LEU A 17 4.64 5.30 9.76
CA LEU A 17 4.37 6.72 9.56
C LEU A 17 5.61 7.46 9.08
N GLY A 18 5.55 8.00 7.86
CA GLY A 18 6.68 8.73 7.32
C GLY A 18 7.51 7.88 6.36
N PHE A 19 8.55 8.48 5.80
CA PHE A 19 9.42 7.78 4.86
C PHE A 19 10.45 6.93 5.61
N GLU A 20 11.12 7.54 6.58
CA GLU A 20 12.13 6.84 7.36
C GLU A 20 11.64 5.45 7.77
N GLU A 21 10.54 5.41 8.53
CA GLU A 21 9.98 4.14 8.98
C GLU A 21 9.64 3.25 7.79
N PHE A 22 9.00 3.82 6.78
CA PHE A 22 8.62 3.08 5.59
C PHE A 22 9.81 2.32 5.01
N ASP A 23 10.87 3.05 4.69
CA ASP A 23 12.07 2.45 4.13
C ASP A 23 12.50 1.23 4.94
N LYS A 24 12.76 1.45 6.23
CA LYS A 24 13.18 0.37 7.12
C LYS A 24 12.33 -0.89 6.88
N ALA A 25 11.03 -0.70 6.73
CA ALA A 25 10.12 -1.81 6.50
C ALA A 25 10.40 -2.47 5.16
N VAL A 26 10.77 -1.67 4.17
CA VAL A 26 11.06 -2.17 2.84
C VAL A 26 12.40 -2.91 2.82
N LYS A 27 13.45 -2.24 3.27
CA LYS A 27 14.78 -2.84 3.31
C LYS A 27 14.77 -4.15 4.09
N GLU A 28 13.69 -4.37 4.84
CA GLU A 28 13.55 -5.59 5.64
C GLU A 28 12.88 -6.70 4.83
N HIS A 29 11.91 -6.32 4.02
CA HIS A 29 11.18 -7.27 3.19
C HIS A 29 11.56 -7.13 1.72
N GLU A 30 12.78 -6.67 1.47
CA GLU A 30 13.26 -6.48 0.11
C GLU A 30 13.44 -7.82 -0.60
N SER A 31 13.30 -8.90 0.16
CA SER A 31 13.46 -10.25 -0.39
C SER A 31 12.19 -10.67 -1.12
N LYS A 32 11.04 -10.17 -0.66
CA LYS A 32 9.76 -10.51 -1.26
C LYS A 32 9.04 -9.24 -1.72
N THR A 33 8.02 -9.43 -2.56
CA THR A 33 7.24 -8.30 -3.07
C THR A 33 6.74 -7.41 -1.94
N ILE A 34 6.90 -6.10 -2.11
CA ILE A 34 6.45 -5.15 -1.10
C ILE A 34 5.41 -4.20 -1.66
N PHE A 35 4.37 -3.95 -0.88
CA PHE A 35 3.29 -3.05 -1.30
C PHE A 35 3.12 -1.91 -0.31
N ALA A 36 3.53 -0.72 -0.72
CA ALA A 36 3.42 0.46 0.13
C ALA A 36 2.16 1.26 -0.19
N TYR A 37 1.28 1.38 0.79
CA TYR A 37 0.03 2.10 0.63
C TYR A 37 0.11 3.49 1.26
N PHE A 38 0.39 4.49 0.43
CA PHE A 38 0.50 5.86 0.91
C PHE A 38 -0.88 6.49 1.06
N SER A 39 -1.35 6.60 2.30
CA SER A 39 -2.66 7.17 2.58
C SER A 39 -2.58 8.13 3.77
N GLY A 40 -3.23 9.28 3.63
CA GLY A 40 -3.22 10.27 4.70
C GLY A 40 -3.30 9.64 6.07
N SER A 41 -2.78 10.34 7.08
CA SER A 41 -2.79 9.83 8.44
C SER A 41 -4.19 9.41 8.85
N LYS A 42 -4.28 8.53 9.84
CA LYS A 42 -5.56 8.04 10.34
C LYS A 42 -5.97 8.79 11.60
N ASP A 43 -7.27 8.78 11.89
CA ASP A 43 -7.80 9.45 13.07
C ASP A 43 -8.02 8.46 14.21
N THR A 44 -8.44 8.98 15.36
CA THR A 44 -8.69 8.14 16.53
C THR A 44 -9.62 6.97 16.18
N GLU A 45 -10.59 7.25 15.30
CA GLU A 45 -11.54 6.22 14.89
C GLU A 45 -10.89 5.23 13.92
N GLY A 46 -9.78 5.64 13.33
CA GLY A 46 -9.08 4.78 12.38
C GLY A 46 -9.40 5.12 10.94
N LYS A 47 -9.80 6.36 10.70
CA LYS A 47 -10.13 6.82 9.36
C LYS A 47 -9.21 7.96 8.92
N SER A 48 -8.88 7.97 7.64
CA SER A 48 -7.99 9.00 7.10
C SER A 48 -8.79 10.24 6.71
N TRP A 49 -8.29 11.41 7.10
CA TRP A 49 -8.96 12.67 6.81
C TRP A 49 -9.59 12.64 5.41
N CYS A 50 -8.97 11.88 4.51
CA CYS A 50 -9.46 11.76 3.14
C CYS A 50 -10.44 10.60 3.02
N PRO A 51 -11.57 10.84 2.34
CA PRO A 51 -12.61 9.81 2.14
C PRO A 51 -12.15 8.72 1.18
N ASP A 52 -11.56 9.11 0.06
CA ASP A 52 -11.09 8.16 -0.94
C ASP A 52 -10.21 7.10 -0.28
N CYS A 53 -9.46 7.50 0.73
CA CYS A 53 -8.58 6.57 1.44
C CYS A 53 -9.38 5.61 2.31
N VAL A 54 -10.44 6.12 2.94
CA VAL A 54 -11.28 5.31 3.80
C VAL A 54 -12.21 4.42 2.97
N GLU A 55 -12.31 4.71 1.68
CA GLU A 55 -13.16 3.94 0.79
C GLU A 55 -12.35 2.86 0.07
N ALA A 56 -11.16 3.22 -0.38
CA ALA A 56 -10.29 2.28 -1.08
C ALA A 56 -9.55 1.37 -0.09
N GLU A 57 -9.56 1.76 1.19
CA GLU A 57 -8.90 0.98 2.22
C GLU A 57 -9.43 -0.45 2.24
N PRO A 58 -10.75 -0.60 2.43
CA PRO A 58 -11.41 -1.90 2.49
C PRO A 58 -11.42 -2.59 1.13
N VAL A 59 -11.03 -1.85 0.08
CA VAL A 59 -11.01 -2.39 -1.27
C VAL A 59 -9.64 -2.98 -1.60
N ILE A 60 -8.59 -2.37 -1.06
CA ILE A 60 -7.23 -2.83 -1.30
C ILE A 60 -6.91 -4.06 -0.46
N ARG A 61 -7.41 -4.07 0.78
CA ARG A 61 -7.18 -5.18 1.68
C ARG A 61 -8.07 -6.37 1.33
N GLU A 62 -9.17 -6.09 0.64
CA GLU A 62 -10.10 -7.13 0.23
C GLU A 62 -9.45 -8.08 -0.78
N GLY A 63 -8.63 -7.52 -1.66
CA GLY A 63 -7.96 -8.33 -2.66
C GLY A 63 -6.61 -8.84 -2.19
N LEU A 64 -5.97 -8.07 -1.31
CA LEU A 64 -4.66 -8.45 -0.79
C LEU A 64 -4.67 -9.88 -0.26
N LYS A 65 -5.79 -10.26 0.37
CA LYS A 65 -5.94 -11.60 0.91
C LYS A 65 -5.93 -12.65 -0.21
N HIS A 66 -6.46 -12.28 -1.37
CA HIS A 66 -6.51 -13.18 -2.51
C HIS A 66 -5.25 -13.06 -3.36
N VAL A 67 -4.20 -12.47 -2.78
CA VAL A 67 -2.94 -12.30 -3.48
C VAL A 67 -2.30 -13.65 -3.80
N THR A 68 -1.69 -13.74 -4.98
CA THR A 68 -1.04 -14.98 -5.41
C THR A 68 0.48 -14.80 -5.46
N GLU A 69 1.00 -13.95 -4.60
CA GLU A 69 2.44 -13.70 -4.54
C GLU A 69 2.87 -13.26 -3.15
N ASP A 70 3.67 -14.10 -2.50
CA ASP A 70 4.15 -13.81 -1.16
C ASP A 70 4.71 -12.39 -1.08
N CYS A 71 3.87 -11.45 -0.63
CA CYS A 71 4.28 -10.06 -0.51
C CYS A 71 4.05 -9.54 0.91
N VAL A 72 4.54 -8.34 1.18
CA VAL A 72 4.38 -7.73 2.50
C VAL A 72 3.78 -6.34 2.39
N PHE A 73 2.50 -6.22 2.73
CA PHE A 73 1.81 -4.94 2.68
C PHE A 73 2.37 -3.98 3.73
N ILE A 74 2.37 -2.70 3.39
CA ILE A 74 2.88 -1.67 4.30
C ILE A 74 2.03 -0.40 4.22
N TYR A 75 1.27 -0.16 5.27
CA TYR A 75 0.40 1.02 5.33
C TYR A 75 1.19 2.26 5.77
N CYS A 76 1.71 3.00 4.81
CA CYS A 76 2.48 4.20 5.09
C CYS A 76 1.60 5.44 5.03
N GLN A 77 1.76 6.33 6.02
CA GLN A 77 0.98 7.55 6.08
C GLN A 77 1.78 8.75 5.58
N VAL A 78 1.25 9.46 4.59
CA VAL A 78 1.94 10.61 4.02
C VAL A 78 2.10 11.72 5.07
N GLY A 79 1.11 11.84 5.95
CA GLY A 79 1.16 12.85 6.98
C GLY A 79 -0.19 13.51 7.22
N ASP A 80 -0.19 14.82 7.39
CA ASP A 80 -1.42 15.56 7.63
C ASP A 80 -2.11 15.92 6.31
N LYS A 81 -3.38 16.29 6.40
CA LYS A 81 -4.14 16.66 5.22
C LYS A 81 -3.46 17.78 4.44
N PRO A 82 -3.24 18.91 5.10
CA PRO A 82 -2.58 20.08 4.50
C PRO A 82 -1.10 19.84 4.24
N TYR A 83 -0.57 18.75 4.80
CA TYR A 83 0.83 18.40 4.63
C TYR A 83 1.05 17.66 3.32
N TRP A 84 0.10 16.81 2.95
CA TRP A 84 0.19 16.04 1.72
C TRP A 84 0.40 16.95 0.52
N LYS A 85 -0.38 18.04 0.46
CA LYS A 85 -0.28 19.00 -0.64
C LYS A 85 1.17 19.41 -0.87
N ASP A 86 1.92 19.60 0.22
CA ASP A 86 3.31 19.99 0.13
C ASP A 86 3.99 19.32 -1.05
N PRO A 87 4.14 20.06 -2.16
CA PRO A 87 4.78 19.55 -3.37
C PRO A 87 6.28 19.35 -3.20
N ASN A 88 6.79 19.75 -2.04
CA ASN A 88 8.22 19.62 -1.76
C ASN A 88 8.45 18.51 -0.74
N ASN A 89 7.59 17.50 -0.74
CA ASN A 89 7.72 16.37 0.18
C ASN A 89 8.60 15.27 -0.40
N ASP A 90 9.13 14.44 0.47
CA ASP A 90 9.99 13.34 0.04
C ASP A 90 9.20 12.30 -0.76
N PHE A 91 7.89 12.30 -0.58
CA PHE A 91 7.01 11.37 -1.27
C PHE A 91 6.90 11.73 -2.75
N ARG A 92 6.63 13.00 -3.02
CA ARG A 92 6.49 13.46 -4.39
C ARG A 92 7.85 13.76 -5.01
N GLN A 93 8.87 13.81 -4.16
CA GLN A 93 10.23 14.08 -4.62
C GLN A 93 11.00 12.78 -4.85
N LYS A 94 10.73 11.79 -4.01
CA LYS A 94 11.39 10.50 -4.12
C LYS A 94 10.47 9.45 -4.73
N LEU A 95 9.30 9.29 -4.11
CA LEU A 95 8.32 8.32 -4.60
C LEU A 95 7.47 8.92 -5.73
N LYS A 96 7.70 10.20 -6.01
CA LYS A 96 6.97 10.88 -7.07
C LYS A 96 5.51 10.46 -7.08
N ILE A 97 4.89 10.42 -5.90
CA ILE A 97 3.49 10.03 -5.78
C ILE A 97 2.59 10.96 -6.59
N THR A 98 1.68 10.37 -7.35
CA THR A 98 0.76 11.14 -8.18
C THR A 98 -0.38 11.71 -7.33
N ALA A 99 -1.18 10.82 -6.75
CA ALA A 99 -2.30 11.25 -5.92
C ALA A 99 -2.70 10.15 -4.94
N VAL A 100 -2.73 10.49 -3.65
CA VAL A 100 -3.09 9.54 -2.61
C VAL A 100 -4.61 9.34 -2.55
N PRO A 101 -5.04 8.13 -2.17
CA PRO A 101 -4.11 7.04 -1.83
C PRO A 101 -3.37 6.50 -3.04
N THR A 102 -2.06 6.28 -2.88
CA THR A 102 -1.24 5.77 -3.97
C THR A 102 -0.68 4.39 -3.63
N LEU A 103 -1.13 3.38 -4.36
CA LEU A 103 -0.66 2.01 -4.14
C LEU A 103 0.45 1.65 -5.12
N LEU A 104 1.69 1.70 -4.64
CA LEU A 104 2.84 1.38 -5.47
C LEU A 104 3.34 -0.04 -5.17
N LYS A 105 3.63 -0.79 -6.23
CA LYS A 105 4.12 -2.16 -6.09
C LYS A 105 5.64 -2.20 -6.17
N TYR A 106 6.30 -2.10 -5.02
CA TYR A 106 7.75 -2.12 -4.96
C TYR A 106 8.31 -3.22 -5.86
N GLY A 107 8.96 -2.82 -6.96
CA GLY A 107 9.52 -3.78 -7.87
C GLY A 107 9.02 -3.59 -9.30
N THR A 108 7.84 -3.01 -9.43
CA THR A 108 7.25 -2.77 -10.74
C THR A 108 6.57 -1.40 -10.80
N PRO A 109 6.55 -0.81 -12.01
CA PRO A 109 5.95 0.51 -12.23
C PRO A 109 4.43 0.47 -12.11
N GLN A 110 3.89 -0.70 -11.77
CA GLN A 110 2.45 -0.87 -11.63
C GLN A 110 1.96 -0.27 -10.32
N LYS A 111 1.21 0.83 -10.42
CA LYS A 111 0.67 1.50 -9.24
C LYS A 111 -0.80 1.87 -9.44
N LEU A 112 -1.56 1.84 -8.35
CA LEU A 112 -2.98 2.17 -8.41
C LEU A 112 -3.26 3.48 -7.67
N VAL A 113 -3.89 4.42 -8.38
CA VAL A 113 -4.22 5.71 -7.80
C VAL A 113 -5.55 5.66 -7.05
N GLU A 114 -5.91 6.75 -6.40
CA GLU A 114 -7.15 6.84 -5.64
C GLU A 114 -8.23 5.98 -6.29
N SER A 115 -8.59 6.31 -7.53
CA SER A 115 -9.63 5.58 -8.26
C SER A 115 -9.25 4.11 -8.37
N GLU A 116 -8.02 3.84 -8.80
CA GLU A 116 -7.55 2.47 -8.96
C GLU A 116 -7.37 1.79 -7.60
N CYS A 117 -7.48 2.59 -6.53
CA CYS A 117 -7.34 2.06 -5.18
C CYS A 117 -8.70 1.68 -4.60
N CYS A 118 -9.76 2.10 -5.27
CA CYS A 118 -11.11 1.80 -4.83
C CYS A 118 -11.76 0.75 -5.71
N GLN A 119 -11.09 0.41 -6.81
CA GLN A 119 -11.61 -0.59 -7.75
C GLN A 119 -11.08 -1.98 -7.40
N SER A 120 -11.82 -2.69 -6.56
CA SER A 120 -11.43 -4.03 -6.14
C SER A 120 -10.84 -4.81 -7.31
N SER A 121 -11.59 -4.89 -8.41
CA SER A 121 -11.14 -5.61 -9.60
C SER A 121 -9.65 -5.36 -9.85
N LEU A 122 -9.22 -4.13 -9.65
CA LEU A 122 -7.83 -3.77 -9.86
C LEU A 122 -6.96 -4.24 -8.69
N VAL A 123 -7.44 -3.98 -7.47
CA VAL A 123 -6.72 -4.39 -6.27
C VAL A 123 -6.28 -5.85 -6.36
N GLU A 124 -7.21 -6.72 -6.73
CA GLU A 124 -6.91 -8.14 -6.85
C GLU A 124 -6.05 -8.42 -8.08
N MET A 125 -6.19 -7.57 -9.09
CA MET A 125 -5.43 -7.72 -10.33
C MET A 125 -3.93 -7.54 -10.07
N ILE A 126 -3.56 -6.36 -9.56
CA ILE A 126 -2.16 -6.07 -9.27
C ILE A 126 -1.52 -7.20 -8.47
N PHE A 127 -2.32 -7.86 -7.64
CA PHE A 127 -1.83 -8.96 -6.82
C PHE A 127 -1.75 -10.25 -7.63
N SER A 128 -2.80 -10.54 -8.39
CA SER A 128 -2.84 -11.74 -9.21
C SER A 128 -1.66 -11.78 -10.18
N GLU A 129 -1.48 -10.70 -10.92
CA GLU A 129 -0.39 -10.60 -11.89
C GLU A 129 0.85 -9.99 -11.26
N ASP A 130 2.02 -10.29 -11.82
CA ASP A 130 3.28 -9.76 -11.31
C ASP A 130 4.00 -8.96 -12.39
N GLY A 1 -0.95 -31.28 3.22
CA GLY A 1 0.07 -32.31 3.04
C GLY A 1 0.50 -32.92 4.37
N SER A 2 1.67 -33.57 4.35
CA SER A 2 2.19 -34.20 5.56
C SER A 2 3.10 -33.22 6.32
N GLU A 3 3.98 -32.56 5.60
CA GLU A 3 4.90 -31.60 6.20
C GLU A 3 4.66 -30.20 5.67
N GLY A 4 4.85 -30.03 4.36
CA GLY A 4 4.66 -28.73 3.75
C GLY A 4 3.55 -28.75 2.70
N ALA A 5 3.94 -28.67 1.43
CA ALA A 5 2.98 -28.69 0.34
C ALA A 5 2.03 -27.51 0.44
N ALA A 6 2.57 -26.34 0.80
CA ALA A 6 1.77 -25.13 0.93
C ALA A 6 1.43 -24.55 -0.44
N THR A 7 0.16 -24.69 -0.84
CA THR A 7 -0.29 -24.18 -2.13
C THR A 7 -1.09 -22.89 -1.96
N MET A 8 -0.55 -21.97 -1.16
CA MET A 8 -1.20 -20.68 -0.92
C MET A 8 -0.18 -19.57 -0.72
N ALA A 9 -0.66 -18.34 -0.63
CA ALA A 9 0.22 -17.19 -0.44
C ALA A 9 0.16 -16.70 1.00
N THR A 10 1.09 -15.82 1.36
CA THR A 10 1.13 -15.27 2.71
C THR A 10 1.33 -13.75 2.68
N PHE A 11 0.44 -13.03 3.34
CA PHE A 11 0.52 -11.58 3.40
C PHE A 11 0.67 -11.09 4.83
N GLU A 12 1.54 -10.10 5.02
CA GLU A 12 1.77 -9.54 6.35
C GLU A 12 1.44 -8.06 6.39
N GLU A 13 0.64 -7.66 7.38
CA GLU A 13 0.24 -6.26 7.52
C GLU A 13 1.28 -5.49 8.33
N VAL A 14 1.73 -4.37 7.77
CA VAL A 14 2.72 -3.53 8.44
C VAL A 14 2.26 -2.08 8.51
N SER A 15 2.44 -1.46 9.68
CA SER A 15 2.04 -0.08 9.89
C SER A 15 3.25 0.82 10.10
N VAL A 16 3.28 1.94 9.40
CA VAL A 16 4.39 2.88 9.51
C VAL A 16 3.95 4.29 9.14
N LEU A 17 4.57 5.28 9.76
CA LEU A 17 4.24 6.69 9.50
C LEU A 17 5.50 7.47 9.11
N GLY A 18 5.56 7.88 7.85
CA GLY A 18 6.72 8.65 7.38
C GLY A 18 7.53 7.89 6.37
N PHE A 19 8.53 8.55 5.79
CA PHE A 19 9.39 7.93 4.80
C PHE A 19 10.47 7.08 5.46
N GLU A 20 10.98 7.56 6.59
CA GLU A 20 12.01 6.84 7.33
C GLU A 20 11.57 5.41 7.62
N GLU A 21 10.58 5.26 8.50
CA GLU A 21 10.06 3.96 8.87
C GLU A 21 9.70 3.14 7.63
N PHE A 22 9.00 3.77 6.70
CA PHE A 22 8.60 3.11 5.47
C PHE A 22 9.76 2.34 4.85
N ASP A 23 10.87 3.04 4.64
CA ASP A 23 12.06 2.43 4.05
C ASP A 23 12.51 1.22 4.87
N LYS A 24 12.72 1.43 6.16
CA LYS A 24 13.14 0.37 7.06
C LYS A 24 12.31 -0.89 6.85
N ALA A 25 10.99 -0.72 6.79
CA ALA A 25 10.07 -1.83 6.59
C ALA A 25 10.27 -2.46 5.22
N VAL A 26 10.62 -1.64 4.24
CA VAL A 26 10.84 -2.12 2.88
C VAL A 26 12.12 -2.93 2.79
N LYS A 27 13.23 -2.34 3.23
CA LYS A 27 14.52 -3.01 3.19
C LYS A 27 14.48 -4.31 4.00
N GLU A 28 13.49 -4.42 4.88
CA GLU A 28 13.34 -5.61 5.71
C GLU A 28 12.73 -6.76 4.91
N HIS A 29 11.75 -6.44 4.08
CA HIS A 29 11.08 -7.45 3.26
C HIS A 29 11.55 -7.37 1.82
N GLU A 30 12.72 -6.76 1.61
CA GLU A 30 13.28 -6.62 0.27
C GLU A 30 13.45 -7.98 -0.39
N SER A 31 13.38 -9.04 0.40
CA SER A 31 13.53 -10.39 -0.10
C SER A 31 12.25 -10.85 -0.79
N LYS A 32 11.11 -10.39 -0.28
CA LYS A 32 9.82 -10.76 -0.84
C LYS A 32 9.09 -9.53 -1.38
N THR A 33 8.00 -9.76 -2.11
CA THR A 33 7.22 -8.67 -2.68
C THR A 33 6.81 -7.67 -1.60
N ILE A 34 6.84 -6.39 -1.95
CA ILE A 34 6.46 -5.34 -1.02
C ILE A 34 5.40 -4.41 -1.62
N PHE A 35 4.41 -4.06 -0.82
CA PHE A 35 3.34 -3.18 -1.28
C PHE A 35 3.18 -1.98 -0.34
N ALA A 36 3.52 -0.81 -0.84
CA ALA A 36 3.41 0.42 -0.05
C ALA A 36 2.10 1.15 -0.33
N TYR A 37 1.35 1.45 0.72
CA TYR A 37 0.08 2.13 0.59
C TYR A 37 0.17 3.56 1.13
N PHE A 38 0.72 4.45 0.31
CA PHE A 38 0.87 5.86 0.69
C PHE A 38 -0.49 6.55 0.76
N SER A 39 -0.99 6.75 1.98
CA SER A 39 -2.27 7.40 2.18
C SER A 39 -2.19 8.47 3.27
N GLY A 40 -3.23 9.28 3.38
CA GLY A 40 -3.25 10.33 4.38
C GLY A 40 -3.20 9.78 5.80
N SER A 41 -2.81 10.64 6.75
CA SER A 41 -2.72 10.22 8.14
C SER A 41 -4.10 9.87 8.69
N LYS A 42 -4.12 9.03 9.72
CA LYS A 42 -5.37 8.61 10.35
C LYS A 42 -5.79 9.59 11.43
N ASP A 43 -7.03 9.46 11.89
CA ASP A 43 -7.56 10.34 12.92
C ASP A 43 -7.61 9.62 14.28
N THR A 44 -8.08 10.32 15.30
CA THR A 44 -8.18 9.75 16.63
C THR A 44 -9.28 8.70 16.70
N GLU A 45 -9.96 8.50 15.58
CA GLU A 45 -11.05 7.51 15.51
C GLU A 45 -10.62 6.28 14.73
N GLY A 46 -9.55 6.43 13.94
CA GLY A 46 -9.05 5.31 13.15
C GLY A 46 -9.45 5.42 11.70
N LYS A 47 -9.56 6.64 11.20
CA LYS A 47 -9.93 6.87 9.80
C LYS A 47 -9.11 8.01 9.20
N SER A 48 -9.02 8.03 7.87
CA SER A 48 -8.27 9.06 7.18
C SER A 48 -9.16 10.26 6.86
N TRP A 49 -8.56 11.45 6.84
CA TRP A 49 -9.30 12.67 6.54
C TRP A 49 -10.01 12.58 5.20
N CYS A 50 -9.41 11.82 4.27
CA CYS A 50 -9.99 11.65 2.95
C CYS A 50 -11.01 10.51 2.94
N PRO A 51 -12.13 10.73 2.25
CA PRO A 51 -13.20 9.74 2.14
C PRO A 51 -12.80 8.54 1.31
N ASP A 52 -12.01 8.78 0.26
CA ASP A 52 -11.56 7.72 -0.62
C ASP A 52 -10.71 6.69 0.15
N CYS A 53 -9.72 7.19 0.88
CA CYS A 53 -8.84 6.33 1.66
C CYS A 53 -9.65 5.33 2.49
N VAL A 54 -10.77 5.80 3.03
CA VAL A 54 -11.64 4.96 3.84
C VAL A 54 -12.38 3.94 2.99
N GLU A 55 -12.82 4.37 1.80
CA GLU A 55 -13.53 3.48 0.89
C GLU A 55 -12.56 2.63 0.08
N ALA A 56 -11.28 2.97 0.15
CA ALA A 56 -10.25 2.24 -0.57
C ALA A 56 -9.57 1.21 0.33
N GLU A 57 -9.42 1.57 1.60
CA GLU A 57 -8.78 0.69 2.56
C GLU A 57 -9.30 -0.74 2.43
N PRO A 58 -10.64 -0.88 2.47
CA PRO A 58 -11.30 -2.19 2.36
C PRO A 58 -11.18 -2.78 0.96
N VAL A 59 -11.07 -1.91 -0.04
CA VAL A 59 -10.95 -2.34 -1.43
C VAL A 59 -9.55 -2.88 -1.71
N ILE A 60 -8.58 -2.42 -0.92
CA ILE A 60 -7.20 -2.87 -1.08
C ILE A 60 -6.88 -4.04 -0.16
N ARG A 61 -7.15 -3.86 1.14
CA ARG A 61 -6.90 -4.91 2.12
C ARG A 61 -7.56 -6.21 1.71
N GLU A 62 -8.64 -6.11 0.94
CA GLU A 62 -9.37 -7.29 0.48
C GLU A 62 -8.65 -7.95 -0.69
N GLY A 63 -8.36 -7.17 -1.72
CA GLY A 63 -7.69 -7.70 -2.89
C GLY A 63 -6.36 -8.34 -2.54
N LEU A 64 -5.69 -7.80 -1.53
CA LEU A 64 -4.40 -8.32 -1.10
C LEU A 64 -4.49 -9.81 -0.79
N LYS A 65 -5.67 -10.26 -0.40
CA LYS A 65 -5.90 -11.67 -0.09
C LYS A 65 -5.85 -12.52 -1.36
N HIS A 66 -6.27 -11.94 -2.47
CA HIS A 66 -6.27 -12.64 -3.74
C HIS A 66 -4.87 -12.70 -4.34
N VAL A 67 -3.90 -12.17 -3.61
CA VAL A 67 -2.51 -12.17 -4.06
C VAL A 67 -1.97 -13.58 -4.16
N THR A 68 -1.09 -13.81 -5.14
CA THR A 68 -0.49 -15.12 -5.34
C THR A 68 1.03 -15.06 -5.18
N GLU A 69 1.49 -14.14 -4.36
CA GLU A 69 2.92 -13.98 -4.12
C GLU A 69 3.18 -13.43 -2.72
N ASP A 70 3.85 -14.23 -1.90
CA ASP A 70 4.16 -13.83 -0.53
C ASP A 70 4.70 -12.39 -0.49
N CYS A 71 3.84 -11.46 -0.12
CA CYS A 71 4.22 -10.04 -0.06
C CYS A 71 4.01 -9.50 1.35
N VAL A 72 4.46 -8.27 1.57
CA VAL A 72 4.32 -7.63 2.88
C VAL A 72 3.73 -6.23 2.74
N PHE A 73 2.47 -6.09 3.13
CA PHE A 73 1.79 -4.80 3.05
C PHE A 73 2.43 -3.78 3.97
N ILE A 74 2.54 -2.54 3.51
CA ILE A 74 3.14 -1.48 4.30
C ILE A 74 2.28 -0.21 4.26
N TYR A 75 1.44 -0.04 5.26
CA TYR A 75 0.57 1.14 5.34
C TYR A 75 1.35 2.37 5.77
N CYS A 76 1.90 3.10 4.82
CA CYS A 76 2.68 4.29 5.10
C CYS A 76 1.80 5.55 4.96
N GLN A 77 1.74 6.33 6.03
CA GLN A 77 0.95 7.55 6.04
C GLN A 77 1.78 8.75 5.63
N VAL A 78 1.44 9.33 4.48
CA VAL A 78 2.16 10.49 3.96
C VAL A 78 2.24 11.59 5.01
N GLY A 79 1.09 11.97 5.56
CA GLY A 79 1.04 13.02 6.56
C GLY A 79 -0.34 13.60 6.72
N ASP A 80 -0.39 14.89 7.04
CA ASP A 80 -1.67 15.58 7.23
C ASP A 80 -2.28 15.98 5.88
N LYS A 81 -3.49 16.51 5.92
CA LYS A 81 -4.18 16.94 4.71
C LYS A 81 -3.39 18.03 3.99
N PRO A 82 -3.13 19.14 4.70
CA PRO A 82 -2.38 20.27 4.15
C PRO A 82 -0.90 19.95 3.95
N TYR A 83 -0.41 18.99 4.72
CA TYR A 83 0.99 18.59 4.62
C TYR A 83 1.26 17.85 3.31
N TRP A 84 0.37 16.94 2.97
CA TRP A 84 0.50 16.16 1.74
C TRP A 84 0.57 17.08 0.52
N LYS A 85 -0.38 17.99 0.42
CA LYS A 85 -0.43 18.93 -0.70
C LYS A 85 0.95 19.51 -0.98
N ASP A 86 1.74 19.71 0.08
CA ASP A 86 3.08 20.25 -0.06
C ASP A 86 3.83 19.59 -1.21
N PRO A 87 4.09 20.37 -2.26
CA PRO A 87 4.80 19.88 -3.45
C PRO A 87 6.27 19.58 -3.17
N ASN A 88 6.73 19.97 -1.98
CA ASN A 88 8.12 19.74 -1.60
C ASN A 88 8.22 18.54 -0.65
N ASN A 89 7.30 17.60 -0.79
CA ASN A 89 7.29 16.41 0.05
C ASN A 89 8.21 15.34 -0.53
N ASP A 90 8.81 14.54 0.36
CA ASP A 90 9.72 13.48 -0.07
C ASP A 90 8.97 12.43 -0.88
N PHE A 91 7.65 12.44 -0.77
CA PHE A 91 6.82 11.48 -1.49
C PHE A 91 6.68 11.87 -2.96
N ARG A 92 6.65 13.17 -3.22
CA ARG A 92 6.53 13.67 -4.58
C ARG A 92 7.90 14.00 -5.16
N GLN A 93 8.91 14.02 -4.31
CA GLN A 93 10.28 14.32 -4.73
C GLN A 93 11.08 13.04 -4.93
N LYS A 94 10.97 12.13 -3.96
CA LYS A 94 11.69 10.86 -4.02
C LYS A 94 10.80 9.76 -4.60
N LEU A 95 9.63 9.57 -4.00
CA LEU A 95 8.69 8.55 -4.46
C LEU A 95 7.97 9.01 -5.72
N LYS A 96 7.95 10.32 -5.94
CA LYS A 96 7.28 10.89 -7.12
C LYS A 96 5.82 10.45 -7.17
N ILE A 97 5.10 10.64 -6.08
CA ILE A 97 3.70 10.27 -6.01
C ILE A 97 2.84 11.22 -6.86
N THR A 98 1.74 10.69 -7.37
CA THR A 98 0.83 11.48 -8.20
C THR A 98 -0.38 11.96 -7.41
N ALA A 99 -0.99 11.03 -6.67
CA ALA A 99 -2.16 11.36 -5.86
C ALA A 99 -2.48 10.23 -4.89
N VAL A 100 -2.59 10.56 -3.61
CA VAL A 100 -2.90 9.58 -2.57
C VAL A 100 -4.40 9.33 -2.49
N PRO A 101 -4.77 8.10 -2.10
CA PRO A 101 -3.80 7.05 -1.78
C PRO A 101 -3.05 6.55 -3.01
N THR A 102 -1.79 6.17 -2.83
CA THR A 102 -0.98 5.67 -3.93
C THR A 102 -0.44 4.27 -3.62
N LEU A 103 -0.95 3.29 -4.34
CA LEU A 103 -0.52 1.90 -4.15
C LEU A 103 0.58 1.53 -5.13
N LEU A 104 1.82 1.64 -4.70
CA LEU A 104 2.96 1.32 -5.55
C LEU A 104 3.50 -0.07 -5.23
N LYS A 105 3.60 -0.91 -6.25
CA LYS A 105 4.10 -2.27 -6.07
C LYS A 105 5.62 -2.31 -6.19
N TYR A 106 6.30 -2.12 -5.06
CA TYR A 106 7.76 -2.14 -5.04
C TYR A 106 8.31 -3.24 -5.93
N GLY A 107 8.89 -2.85 -7.06
CA GLY A 107 9.45 -3.82 -7.97
C GLY A 107 8.94 -3.64 -9.40
N THR A 108 7.71 -3.17 -9.52
CA THR A 108 7.11 -2.95 -10.84
C THR A 108 6.49 -1.56 -10.93
N PRO A 109 6.49 -0.99 -12.15
CA PRO A 109 5.93 0.34 -12.39
C PRO A 109 4.41 0.36 -12.29
N GLN A 110 3.84 -0.78 -11.93
CA GLN A 110 2.39 -0.90 -11.80
C GLN A 110 1.93 -0.34 -10.46
N LYS A 111 1.15 0.74 -10.51
CA LYS A 111 0.64 1.38 -9.29
C LYS A 111 -0.83 1.73 -9.45
N LEU A 112 -1.55 1.73 -8.34
CA LEU A 112 -2.97 2.06 -8.34
C LEU A 112 -3.24 3.36 -7.61
N VAL A 113 -3.79 4.35 -8.32
CA VAL A 113 -4.09 5.64 -7.72
C VAL A 113 -5.44 5.62 -7.02
N GLU A 114 -5.78 6.73 -6.36
CA GLU A 114 -7.04 6.83 -5.65
C GLU A 114 -8.13 6.03 -6.35
N SER A 115 -8.46 6.42 -7.58
CA SER A 115 -9.48 5.74 -8.35
C SER A 115 -9.20 4.25 -8.45
N GLU A 116 -7.93 3.91 -8.69
CA GLU A 116 -7.52 2.52 -8.81
C GLU A 116 -7.43 1.85 -7.44
N CYS A 117 -7.52 2.67 -6.38
CA CYS A 117 -7.44 2.17 -5.03
C CYS A 117 -8.83 1.79 -4.50
N CYS A 118 -9.87 2.30 -5.17
CA CYS A 118 -11.23 2.02 -4.78
C CYS A 118 -11.87 1.01 -5.72
N GLN A 119 -11.15 0.64 -6.78
CA GLN A 119 -11.64 -0.32 -7.75
C GLN A 119 -11.06 -1.71 -7.49
N SER A 120 -11.74 -2.49 -6.66
CA SER A 120 -11.29 -3.83 -6.32
C SER A 120 -10.81 -4.56 -7.58
N SER A 121 -11.58 -4.47 -8.65
CA SER A 121 -11.23 -5.12 -9.91
C SER A 121 -9.75 -4.97 -10.21
N LEU A 122 -9.21 -3.79 -9.92
CA LEU A 122 -7.80 -3.51 -10.16
C LEU A 122 -6.94 -4.01 -9.00
N VAL A 123 -7.44 -3.83 -7.78
CA VAL A 123 -6.71 -4.26 -6.59
C VAL A 123 -6.34 -5.74 -6.69
N GLU A 124 -7.31 -6.56 -7.08
CA GLU A 124 -7.09 -8.00 -7.21
C GLU A 124 -6.20 -8.30 -8.41
N MET A 125 -6.23 -7.42 -9.40
CA MET A 125 -5.42 -7.60 -10.60
C MET A 125 -3.94 -7.41 -10.29
N ILE A 126 -3.57 -6.19 -9.91
CA ILE A 126 -2.18 -5.89 -9.58
C ILE A 126 -1.56 -7.00 -8.73
N PHE A 127 -2.38 -7.62 -7.89
CA PHE A 127 -1.91 -8.69 -7.02
C PHE A 127 -1.85 -10.01 -7.77
N SER A 128 -2.95 -10.36 -8.43
CA SER A 128 -3.02 -11.61 -9.20
C SER A 128 -1.68 -11.91 -9.86
N GLU A 129 -1.24 -11.02 -10.73
CA GLU A 129 0.02 -11.19 -11.44
C GLU A 129 1.02 -10.11 -11.05
N ASP A 130 2.30 -10.47 -10.99
CA ASP A 130 3.35 -9.54 -10.63
C ASP A 130 3.23 -8.24 -11.44
N GLY A 1 11.62 -35.49 -2.72
CA GLY A 1 12.02 -35.34 -4.11
C GLY A 1 11.00 -34.57 -4.92
N SER A 2 10.00 -35.29 -5.44
CA SER A 2 8.96 -34.66 -6.25
C SER A 2 8.64 -33.26 -5.75
N GLU A 3 8.60 -32.30 -6.67
CA GLU A 3 8.32 -30.92 -6.33
C GLU A 3 6.86 -30.58 -6.64
N GLY A 4 5.97 -31.55 -6.45
CA GLY A 4 4.57 -31.33 -6.72
C GLY A 4 3.79 -30.94 -5.47
N ALA A 5 3.94 -29.69 -5.05
CA ALA A 5 3.26 -29.20 -3.86
C ALA A 5 2.84 -27.75 -4.03
N ALA A 6 1.54 -27.53 -4.17
CA ALA A 6 1.01 -26.18 -4.33
C ALA A 6 0.81 -25.49 -2.99
N THR A 7 1.75 -24.60 -2.65
CA THR A 7 1.67 -23.88 -1.38
C THR A 7 0.97 -22.53 -1.55
N MET A 8 0.02 -22.26 -0.67
CA MET A 8 -0.74 -21.01 -0.72
C MET A 8 0.19 -19.81 -0.53
N ALA A 9 -0.27 -18.64 -0.95
CA ALA A 9 0.52 -17.41 -0.82
C ALA A 9 0.55 -16.94 0.63
N THR A 10 1.31 -15.86 0.88
CA THR A 10 1.42 -15.31 2.21
C THR A 10 1.50 -13.79 2.17
N PHE A 11 0.65 -13.13 2.94
CA PHE A 11 0.62 -11.68 2.99
C PHE A 11 0.79 -11.17 4.42
N GLU A 12 1.44 -10.03 4.58
CA GLU A 12 1.67 -9.45 5.90
C GLU A 12 1.15 -8.01 5.95
N GLU A 13 0.58 -7.64 7.09
CA GLU A 13 0.04 -6.29 7.27
C GLU A 13 0.96 -5.46 8.16
N VAL A 14 1.77 -4.60 7.53
CA VAL A 14 2.70 -3.75 8.25
C VAL A 14 2.19 -2.31 8.31
N SER A 15 2.43 -1.64 9.44
CA SER A 15 1.99 -0.27 9.61
C SER A 15 3.18 0.65 9.90
N VAL A 16 3.19 1.81 9.26
CA VAL A 16 4.27 2.77 9.45
C VAL A 16 3.79 4.19 9.18
N LEU A 17 4.50 5.16 9.75
CA LEU A 17 4.14 6.57 9.58
C LEU A 17 5.35 7.39 9.13
N GLY A 18 5.32 7.88 7.89
CA GLY A 18 6.41 8.67 7.37
C GLY A 18 7.30 7.88 6.42
N PHE A 19 8.36 8.51 5.94
CA PHE A 19 9.28 7.88 5.01
C PHE A 19 10.34 7.09 5.77
N GLU A 20 10.83 7.67 6.86
CA GLU A 20 11.86 7.02 7.67
C GLU A 20 11.49 5.58 7.97
N GLU A 21 10.45 5.39 8.77
CA GLU A 21 10.00 4.06 9.14
C GLU A 21 9.62 3.25 7.90
N PHE A 22 8.92 3.89 6.97
CA PHE A 22 8.50 3.23 5.74
C PHE A 22 9.67 2.48 5.10
N ASP A 23 10.80 3.17 4.95
CA ASP A 23 11.99 2.57 4.36
C ASP A 23 12.43 1.36 5.16
N LYS A 24 12.63 1.54 6.45
CA LYS A 24 13.05 0.45 7.33
C LYS A 24 12.27 -0.81 7.06
N ALA A 25 10.95 -0.68 6.97
CA ALA A 25 10.07 -1.81 6.69
C ALA A 25 10.28 -2.34 5.27
N VAL A 26 10.53 -1.43 4.34
CA VAL A 26 10.74 -1.80 2.95
C VAL A 26 11.99 -2.66 2.80
N LYS A 27 13.14 -2.06 3.08
CA LYS A 27 14.41 -2.76 2.98
C LYS A 27 14.37 -4.09 3.74
N GLU A 28 13.51 -4.16 4.74
CA GLU A 28 13.37 -5.37 5.55
C GLU A 28 12.73 -6.49 4.73
N HIS A 29 11.66 -6.16 4.01
CA HIS A 29 10.97 -7.14 3.19
C HIS A 29 11.31 -6.95 1.72
N GLU A 30 12.49 -6.40 1.45
CA GLU A 30 12.93 -6.17 0.08
C GLU A 30 13.06 -7.48 -0.68
N SER A 31 13.42 -8.54 0.03
CA SER A 31 13.57 -9.85 -0.58
C SER A 31 12.31 -10.26 -1.33
N LYS A 32 11.16 -10.03 -0.71
CA LYS A 32 9.88 -10.37 -1.32
C LYS A 32 9.17 -9.12 -1.80
N THR A 33 8.08 -9.33 -2.56
CA THR A 33 7.31 -8.21 -3.09
C THR A 33 6.79 -7.31 -1.97
N ILE A 34 6.86 -6.01 -2.18
CA ILE A 34 6.40 -5.04 -1.18
C ILE A 34 5.29 -4.16 -1.75
N PHE A 35 4.39 -3.73 -0.88
CA PHE A 35 3.28 -2.87 -1.29
C PHE A 35 3.10 -1.71 -0.32
N ALA A 36 3.45 -0.51 -0.76
CA ALA A 36 3.34 0.68 0.07
C ALA A 36 2.03 1.42 -0.23
N TYR A 37 1.23 1.62 0.80
CA TYR A 37 -0.05 2.32 0.66
C TYR A 37 0.02 3.72 1.26
N PHE A 38 0.54 4.66 0.48
CA PHE A 38 0.66 6.04 0.93
C PHE A 38 -0.70 6.73 0.97
N SER A 39 -1.03 7.31 2.12
CA SER A 39 -2.31 7.99 2.30
C SER A 39 -2.29 8.88 3.53
N GLY A 40 -3.19 9.86 3.57
CA GLY A 40 -3.26 10.76 4.70
C GLY A 40 -3.35 10.02 6.03
N SER A 41 -2.93 10.68 7.11
CA SER A 41 -2.96 10.08 8.43
C SER A 41 -4.40 9.96 8.94
N LYS A 42 -4.58 9.23 10.03
CA LYS A 42 -5.90 9.04 10.62
C LYS A 42 -6.23 10.15 11.59
N ASP A 43 -7.49 10.57 11.60
CA ASP A 43 -7.94 11.65 12.49
C ASP A 43 -7.99 11.16 13.94
N THR A 44 -8.47 12.02 14.83
CA THR A 44 -8.57 11.68 16.24
C THR A 44 -9.60 10.57 16.47
N GLU A 45 -10.27 10.18 15.40
CA GLU A 45 -11.29 9.13 15.49
C GLU A 45 -10.77 7.82 14.91
N GLY A 46 -9.77 7.92 14.03
CA GLY A 46 -9.20 6.73 13.42
C GLY A 46 -9.58 6.59 11.96
N LYS A 47 -9.79 7.72 11.30
CA LYS A 47 -10.17 7.71 9.89
C LYS A 47 -9.43 8.80 9.12
N SER A 48 -8.97 8.46 7.93
CA SER A 48 -8.24 9.42 7.09
C SER A 48 -9.15 10.57 6.67
N TRP A 49 -8.62 11.78 6.70
CA TRP A 49 -9.37 12.97 6.32
C TRP A 49 -10.06 12.75 4.98
N CYS A 50 -9.36 12.12 4.05
CA CYS A 50 -9.91 11.86 2.71
C CYS A 50 -10.88 10.68 2.75
N PRO A 51 -12.00 10.82 2.02
CA PRO A 51 -13.03 9.78 1.96
C PRO A 51 -12.57 8.56 1.18
N ASP A 52 -12.04 8.78 -0.02
CA ASP A 52 -11.56 7.69 -0.85
C ASP A 52 -10.79 6.67 -0.03
N CYS A 53 -9.71 7.11 0.59
CA CYS A 53 -8.88 6.22 1.42
C CYS A 53 -9.76 5.32 2.28
N VAL A 54 -10.56 5.93 3.14
CA VAL A 54 -11.44 5.16 4.03
C VAL A 54 -12.31 4.20 3.23
N GLU A 55 -12.63 4.58 2.00
CA GLU A 55 -13.45 3.74 1.14
C GLU A 55 -12.59 2.84 0.25
N ALA A 56 -11.29 3.07 0.30
CA ALA A 56 -10.34 2.28 -0.50
C ALA A 56 -9.61 1.27 0.37
N GLU A 57 -9.58 1.52 1.67
CA GLU A 57 -8.90 0.62 2.60
C GLU A 57 -9.44 -0.79 2.48
N PRO A 58 -10.77 -0.94 2.56
CA PRO A 58 -11.43 -2.24 2.45
C PRO A 58 -11.36 -2.82 1.05
N VAL A 59 -10.96 -1.99 0.10
CA VAL A 59 -10.84 -2.42 -1.29
C VAL A 59 -9.43 -2.93 -1.59
N ILE A 60 -8.45 -2.44 -0.84
CA ILE A 60 -7.07 -2.83 -1.03
C ILE A 60 -6.69 -3.98 -0.09
N ARG A 61 -7.17 -3.90 1.15
CA ARG A 61 -6.89 -4.93 2.15
C ARG A 61 -7.50 -6.27 1.72
N GLU A 62 -8.71 -6.22 1.16
CA GLU A 62 -9.39 -7.42 0.73
C GLU A 62 -8.63 -8.10 -0.41
N GLY A 63 -8.38 -7.35 -1.48
CA GLY A 63 -7.66 -7.89 -2.62
C GLY A 63 -6.33 -8.50 -2.23
N LEU A 64 -5.70 -7.93 -1.20
CA LEU A 64 -4.41 -8.42 -0.74
C LEU A 64 -4.52 -9.86 -0.23
N LYS A 65 -5.76 -10.30 0.01
CA LYS A 65 -6.00 -11.64 0.50
C LYS A 65 -6.08 -12.63 -0.66
N HIS A 66 -6.37 -12.12 -1.85
CA HIS A 66 -6.47 -12.96 -3.04
C HIS A 66 -5.19 -12.90 -3.86
N VAL A 67 -4.12 -12.41 -3.25
CA VAL A 67 -2.84 -12.30 -3.93
C VAL A 67 -2.25 -13.67 -4.23
N THR A 68 -1.35 -13.73 -5.20
CA THR A 68 -0.72 -14.98 -5.58
C THR A 68 0.81 -14.86 -5.56
N GLU A 69 1.33 -14.14 -4.57
CA GLU A 69 2.77 -13.95 -4.43
C GLU A 69 3.12 -13.44 -3.04
N ASP A 70 3.95 -14.20 -2.33
CA ASP A 70 4.37 -13.83 -0.98
C ASP A 70 4.84 -12.38 -0.94
N CYS A 71 3.94 -11.48 -0.61
CA CYS A 71 4.26 -10.06 -0.53
C CYS A 71 4.06 -9.52 0.89
N VAL A 72 4.47 -8.28 1.11
CA VAL A 72 4.33 -7.66 2.42
C VAL A 72 3.74 -6.25 2.30
N PHE A 73 2.48 -6.11 2.73
CA PHE A 73 1.80 -4.82 2.66
C PHE A 73 2.41 -3.84 3.67
N ILE A 74 2.37 -2.56 3.32
CA ILE A 74 2.92 -1.52 4.20
C ILE A 74 2.06 -0.27 4.16
N TYR A 75 1.29 -0.05 5.23
CA TYR A 75 0.42 1.11 5.32
C TYR A 75 1.18 2.33 5.83
N CYS A 76 1.71 3.12 4.91
CA CYS A 76 2.47 4.31 5.27
C CYS A 76 1.60 5.56 5.15
N GLN A 77 1.63 6.39 6.19
CA GLN A 77 0.84 7.61 6.21
C GLN A 77 1.68 8.80 5.72
N VAL A 78 1.31 9.34 4.57
CA VAL A 78 2.02 10.48 4.00
C VAL A 78 2.40 11.49 5.07
N GLY A 79 1.47 11.72 6.00
CA GLY A 79 1.72 12.67 7.07
C GLY A 79 0.46 13.38 7.53
N ASP A 80 -0.06 14.25 6.66
CA ASP A 80 -1.28 15.00 6.98
C ASP A 80 -1.93 15.53 5.70
N LYS A 81 -3.11 16.13 5.87
CA LYS A 81 -3.84 16.68 4.73
C LYS A 81 -3.03 17.78 4.04
N PRO A 82 -2.67 18.82 4.81
CA PRO A 82 -1.89 19.95 4.29
C PRO A 82 -0.45 19.56 3.98
N TYR A 83 0.04 18.51 4.63
CA TYR A 83 1.40 18.03 4.42
C TYR A 83 1.54 17.35 3.06
N TRP A 84 0.54 16.56 2.71
CA TRP A 84 0.53 15.85 1.43
C TRP A 84 0.71 16.81 0.27
N LYS A 85 -0.05 17.90 0.29
CA LYS A 85 0.00 18.91 -0.75
C LYS A 85 1.46 19.31 -1.05
N ASP A 86 2.25 19.43 0.00
CA ASP A 86 3.66 19.79 -0.15
C ASP A 86 4.24 19.19 -1.41
N PRO A 87 4.30 20.00 -2.49
CA PRO A 87 4.84 19.56 -3.78
C PRO A 87 6.35 19.36 -3.74
N ASN A 88 6.96 19.73 -2.63
CA ASN A 88 8.40 19.59 -2.46
C ASN A 88 8.72 18.59 -1.35
N ASN A 89 7.88 17.57 -1.20
CA ASN A 89 8.08 16.55 -0.18
C ASN A 89 8.89 15.38 -0.72
N ASP A 90 9.38 14.53 0.18
CA ASP A 90 10.17 13.38 -0.21
C ASP A 90 9.32 12.37 -0.97
N PHE A 91 8.00 12.47 -0.82
CA PHE A 91 7.08 11.57 -1.49
C PHE A 91 7.00 11.89 -2.98
N ARG A 92 6.99 13.17 -3.30
CA ARG A 92 6.91 13.61 -4.69
C ARG A 92 8.30 13.87 -5.26
N GLN A 93 9.29 13.93 -4.38
CA GLN A 93 10.67 14.18 -4.80
C GLN A 93 11.42 12.86 -5.02
N LYS A 94 11.16 11.89 -4.14
CA LYS A 94 11.80 10.58 -4.24
C LYS A 94 10.82 9.53 -4.75
N LEU A 95 9.68 9.41 -4.08
CA LEU A 95 8.67 8.44 -4.48
C LEU A 95 7.86 8.95 -5.66
N LYS A 96 8.00 10.24 -5.95
CA LYS A 96 7.29 10.86 -7.07
C LYS A 96 5.82 10.41 -7.09
N ILE A 97 5.16 10.53 -5.95
CA ILE A 97 3.76 10.14 -5.85
C ILE A 97 2.87 11.00 -6.75
N THR A 98 1.76 10.43 -7.20
CA THR A 98 0.84 11.14 -8.06
C THR A 98 -0.33 11.73 -7.26
N ALA A 99 -1.18 10.86 -6.76
CA ALA A 99 -2.34 11.29 -5.97
C ALA A 99 -2.74 10.22 -4.96
N VAL A 100 -2.77 10.60 -3.68
CA VAL A 100 -3.14 9.68 -2.62
C VAL A 100 -4.65 9.47 -2.58
N PRO A 101 -5.07 8.25 -2.21
CA PRO A 101 -4.14 7.15 -1.87
C PRO A 101 -3.38 6.64 -3.09
N THR A 102 -2.10 6.35 -2.89
CA THR A 102 -1.26 5.85 -3.98
C THR A 102 -0.67 4.49 -3.63
N LEU A 103 -1.14 3.45 -4.31
CA LEU A 103 -0.66 2.09 -4.07
C LEU A 103 0.42 1.71 -5.07
N LEU A 104 1.68 1.90 -4.68
CA LEU A 104 2.81 1.57 -5.55
C LEU A 104 3.41 0.23 -5.17
N LYS A 105 3.69 -0.59 -6.18
CA LYS A 105 4.28 -1.91 -5.96
C LYS A 105 5.79 -1.86 -6.10
N TYR A 106 6.48 -1.83 -4.97
CA TYR A 106 7.94 -1.78 -4.97
C TYR A 106 8.53 -2.86 -5.88
N GLY A 107 9.35 -2.43 -6.84
CA GLY A 107 9.95 -3.37 -7.77
C GLY A 107 9.43 -3.21 -9.19
N THR A 108 8.21 -2.71 -9.30
CA THR A 108 7.59 -2.51 -10.61
C THR A 108 6.78 -1.21 -10.64
N PRO A 109 6.66 -0.62 -11.84
CA PRO A 109 5.92 0.63 -12.04
C PRO A 109 4.42 0.44 -11.87
N GLN A 110 4.01 -0.78 -11.53
CA GLN A 110 2.60 -1.08 -11.34
C GLN A 110 2.07 -0.45 -10.06
N LYS A 111 1.26 0.60 -10.22
CA LYS A 111 0.68 1.29 -9.08
C LYS A 111 -0.79 1.58 -9.31
N LEU A 112 -1.50 1.90 -8.23
CA LEU A 112 -2.93 2.20 -8.32
C LEU A 112 -3.24 3.51 -7.61
N VAL A 113 -3.83 4.46 -8.35
CA VAL A 113 -4.19 5.76 -7.79
C VAL A 113 -5.53 5.69 -7.06
N GLU A 114 -5.91 6.80 -6.43
CA GLU A 114 -7.18 6.86 -5.70
C GLU A 114 -8.24 5.99 -6.37
N SER A 115 -8.60 6.35 -7.60
CA SER A 115 -9.61 5.62 -8.34
C SER A 115 -9.24 4.13 -8.42
N GLU A 116 -8.01 3.85 -8.83
CA GLU A 116 -7.54 2.48 -8.95
C GLU A 116 -7.42 1.82 -7.58
N CYS A 117 -7.51 2.64 -6.53
CA CYS A 117 -7.41 2.13 -5.15
C CYS A 117 -8.79 1.76 -4.61
N CYS A 118 -9.83 2.22 -5.31
CA CYS A 118 -11.20 1.93 -4.90
C CYS A 118 -11.84 0.88 -5.81
N GLN A 119 -11.12 0.51 -6.86
CA GLN A 119 -11.62 -0.48 -7.81
C GLN A 119 -11.05 -1.86 -7.51
N SER A 120 -11.79 -2.64 -6.72
CA SER A 120 -11.35 -3.99 -6.36
C SER A 120 -10.83 -4.74 -7.58
N SER A 121 -11.58 -4.66 -8.67
CA SER A 121 -11.19 -5.34 -9.91
C SER A 121 -9.70 -5.19 -10.18
N LEU A 122 -9.16 -4.01 -9.84
CA LEU A 122 -7.75 -3.74 -10.04
C LEU A 122 -6.92 -4.30 -8.88
N VAL A 123 -7.35 -4.01 -7.66
CA VAL A 123 -6.65 -4.47 -6.48
C VAL A 123 -6.35 -5.96 -6.56
N GLU A 124 -7.37 -6.75 -6.92
CA GLU A 124 -7.22 -8.20 -7.04
C GLU A 124 -6.31 -8.54 -8.21
N MET A 125 -6.27 -7.68 -9.21
CA MET A 125 -5.45 -7.90 -10.39
C MET A 125 -3.97 -7.63 -10.07
N ILE A 126 -3.67 -6.40 -9.70
CA ILE A 126 -2.29 -6.02 -9.37
C ILE A 126 -1.64 -7.06 -8.48
N PHE A 127 -2.46 -7.82 -7.75
CA PHE A 127 -1.97 -8.85 -6.86
C PHE A 127 -1.94 -10.21 -7.56
N SER A 128 -2.99 -10.50 -8.31
CA SER A 128 -3.09 -11.77 -9.02
C SER A 128 -2.01 -11.88 -10.10
N GLU A 129 -2.02 -10.92 -11.03
CA GLU A 129 -1.04 -10.91 -12.11
C GLU A 129 0.37 -11.10 -11.58
N ASP A 130 1.14 -11.96 -12.24
CA ASP A 130 2.52 -12.22 -11.83
C ASP A 130 3.51 -11.57 -12.78
N GLY A 1 -6.32 -28.73 -1.27
CA GLY A 1 -7.15 -28.31 -2.38
C GLY A 1 -6.80 -29.03 -3.68
N SER A 2 -5.98 -28.39 -4.50
CA SER A 2 -5.57 -28.96 -5.77
C SER A 2 -4.10 -29.36 -5.74
N GLU A 3 -3.83 -30.65 -5.60
CA GLU A 3 -2.47 -31.16 -5.56
C GLU A 3 -1.61 -30.33 -4.61
N GLY A 4 -2.18 -29.98 -3.46
CA GLY A 4 -1.45 -29.19 -2.48
C GLY A 4 -2.02 -29.34 -1.08
N ALA A 5 -1.25 -28.91 -0.09
CA ALA A 5 -1.67 -28.99 1.30
C ALA A 5 -1.76 -27.61 1.93
N ALA A 6 -2.93 -26.99 1.80
CA ALA A 6 -3.15 -25.65 2.35
C ALA A 6 -2.22 -24.64 1.73
N THR A 7 -2.02 -24.74 0.41
CA THR A 7 -1.15 -23.83 -0.31
C THR A 7 -1.79 -22.45 -0.44
N MET A 8 -1.39 -21.54 0.44
CA MET A 8 -1.92 -20.18 0.42
C MET A 8 -0.82 -19.15 0.65
N ALA A 9 -0.81 -18.10 -0.15
CA ALA A 9 0.19 -17.05 -0.03
C ALA A 9 0.23 -16.49 1.38
N THR A 10 1.20 -15.60 1.64
CA THR A 10 1.34 -14.99 2.96
C THR A 10 1.37 -13.47 2.86
N PHE A 11 0.47 -12.82 3.59
CA PHE A 11 0.39 -11.37 3.58
C PHE A 11 0.55 -10.81 4.99
N GLU A 12 1.48 -9.88 5.16
CA GLU A 12 1.74 -9.27 6.46
C GLU A 12 1.47 -7.77 6.42
N GLU A 13 0.75 -7.28 7.43
CA GLU A 13 0.43 -5.86 7.51
C GLU A 13 1.48 -5.10 8.31
N VAL A 14 1.98 -4.02 7.73
CA VAL A 14 3.00 -3.20 8.39
C VAL A 14 2.60 -1.73 8.39
N SER A 15 2.30 -1.20 9.57
CA SER A 15 1.91 0.20 9.71
C SER A 15 3.11 1.08 9.99
N VAL A 16 3.28 2.12 9.19
CA VAL A 16 4.38 3.06 9.36
C VAL A 16 3.97 4.49 9.02
N LEU A 17 4.73 5.45 9.53
CA LEU A 17 4.44 6.86 9.29
C LEU A 17 5.71 7.62 8.92
N GLY A 18 5.79 8.02 7.65
CA GLY A 18 6.96 8.76 7.19
C GLY A 18 7.78 7.96 6.19
N PHE A 19 8.89 8.55 5.75
CA PHE A 19 9.77 7.89 4.80
C PHE A 19 10.81 7.02 5.51
N GLU A 20 11.26 7.49 6.67
CA GLU A 20 12.25 6.76 7.44
C GLU A 20 11.76 5.35 7.77
N GLU A 21 10.73 5.26 8.60
CA GLU A 21 10.16 3.98 8.98
C GLU A 21 9.79 3.15 7.76
N PHE A 22 9.20 3.82 6.78
CA PHE A 22 8.79 3.15 5.55
C PHE A 22 9.96 2.38 4.93
N ASP A 23 11.03 3.10 4.61
CA ASP A 23 12.21 2.48 4.02
C ASP A 23 12.66 1.26 4.81
N LYS A 24 12.86 1.45 6.11
CA LYS A 24 13.28 0.36 6.98
C LYS A 24 12.44 -0.88 6.75
N ALA A 25 11.11 -0.71 6.75
CA ALA A 25 10.20 -1.81 6.53
C ALA A 25 10.41 -2.44 5.17
N VAL A 26 10.63 -1.60 4.16
CA VAL A 26 10.84 -2.07 2.79
C VAL A 26 12.09 -2.95 2.72
N LYS A 27 13.25 -2.32 2.89
CA LYS A 27 14.52 -3.04 2.84
C LYS A 27 14.45 -4.32 3.66
N GLU A 28 13.61 -4.33 4.68
CA GLU A 28 13.46 -5.50 5.54
C GLU A 28 12.72 -6.62 4.80
N HIS A 29 11.73 -6.24 4.00
CA HIS A 29 10.95 -7.21 3.24
C HIS A 29 11.36 -7.21 1.77
N GLU A 30 12.49 -6.57 1.47
CA GLU A 30 13.00 -6.49 0.11
C GLU A 30 13.11 -7.89 -0.51
N SER A 31 13.29 -8.88 0.34
CA SER A 31 13.43 -10.26 -0.12
C SER A 31 12.20 -10.68 -0.94
N LYS A 32 11.02 -10.27 -0.47
CA LYS A 32 9.78 -10.60 -1.14
C LYS A 32 9.07 -9.34 -1.62
N THR A 33 7.98 -9.51 -2.38
CA THR A 33 7.22 -8.39 -2.90
C THR A 33 6.75 -7.48 -1.77
N ILE A 34 6.69 -6.18 -2.05
CA ILE A 34 6.26 -5.21 -1.06
C ILE A 34 5.20 -4.27 -1.64
N PHE A 35 4.20 -3.93 -0.82
CA PHE A 35 3.14 -3.05 -1.25
C PHE A 35 2.99 -1.86 -0.30
N ALA A 36 3.38 -0.68 -0.77
CA ALA A 36 3.29 0.53 0.04
C ALA A 36 2.01 1.29 -0.25
N TYR A 37 1.16 1.40 0.76
CA TYR A 37 -0.12 2.11 0.61
C TYR A 37 -0.03 3.52 1.19
N PHE A 38 0.50 4.45 0.40
CA PHE A 38 0.66 5.83 0.82
C PHE A 38 -0.70 6.52 0.91
N SER A 39 -1.06 6.97 2.11
CA SER A 39 -2.34 7.63 2.33
C SER A 39 -2.22 8.67 3.44
N GLY A 40 -3.23 9.53 3.56
CA GLY A 40 -3.23 10.54 4.60
C GLY A 40 -3.28 9.95 6.00
N SER A 41 -2.81 10.72 6.97
CA SER A 41 -2.80 10.27 8.36
C SER A 41 -4.19 9.86 8.81
N LYS A 42 -4.25 8.96 9.79
CA LYS A 42 -5.53 8.49 10.32
C LYS A 42 -6.07 9.45 11.37
N ASP A 43 -7.29 9.18 11.83
CA ASP A 43 -7.93 10.02 12.84
C ASP A 43 -7.90 9.35 14.20
N THR A 44 -8.51 10.00 15.20
CA THR A 44 -8.55 9.47 16.54
C THR A 44 -9.42 8.22 16.62
N GLU A 45 -10.12 7.91 15.53
CA GLU A 45 -10.97 6.74 15.47
C GLU A 45 -10.32 5.62 14.67
N GLY A 46 -9.32 5.98 13.86
CA GLY A 46 -8.63 5.00 13.04
C GLY A 46 -9.03 5.08 11.58
N LYS A 47 -9.36 6.29 11.13
CA LYS A 47 -9.76 6.50 9.74
C LYS A 47 -9.05 7.71 9.15
N SER A 48 -8.72 7.64 7.87
CA SER A 48 -8.04 8.73 7.18
C SER A 48 -8.98 9.91 6.97
N TRP A 49 -8.45 11.11 7.08
CA TRP A 49 -9.24 12.32 6.90
C TRP A 49 -9.99 12.29 5.57
N CYS A 50 -9.32 11.81 4.53
CA CYS A 50 -9.92 11.73 3.20
C CYS A 50 -10.96 10.61 3.16
N PRO A 51 -12.13 10.91 2.55
CA PRO A 51 -13.22 9.95 2.42
C PRO A 51 -12.90 8.82 1.46
N ASP A 52 -12.06 9.12 0.47
CA ASP A 52 -11.66 8.13 -0.53
C ASP A 52 -10.85 7.01 0.12
N CYS A 53 -9.76 7.38 0.79
CA CYS A 53 -8.90 6.40 1.45
C CYS A 53 -9.72 5.45 2.31
N VAL A 54 -10.70 6.00 3.03
CA VAL A 54 -11.55 5.20 3.89
C VAL A 54 -12.43 4.25 3.07
N GLU A 55 -12.63 4.58 1.81
CA GLU A 55 -13.45 3.76 0.92
C GLU A 55 -12.58 2.82 0.09
N ALA A 56 -11.30 3.16 -0.02
CA ALA A 56 -10.35 2.35 -0.78
C ALA A 56 -9.67 1.32 0.11
N GLU A 57 -9.47 1.68 1.37
CA GLU A 57 -8.82 0.79 2.33
C GLU A 57 -9.40 -0.62 2.24
N PRO A 58 -10.73 -0.71 2.33
CA PRO A 58 -11.44 -1.99 2.28
C PRO A 58 -11.39 -2.61 0.88
N VAL A 59 -11.02 -1.81 -0.11
CA VAL A 59 -10.93 -2.27 -1.49
C VAL A 59 -9.55 -2.84 -1.79
N ILE A 60 -8.54 -2.30 -1.11
CA ILE A 60 -7.17 -2.75 -1.30
C ILE A 60 -6.82 -3.90 -0.36
N ARG A 61 -7.20 -3.76 0.90
CA ARG A 61 -6.93 -4.79 1.90
C ARG A 61 -7.68 -6.07 1.55
N GLU A 62 -8.71 -5.96 0.73
CA GLU A 62 -9.50 -7.12 0.33
C GLU A 62 -8.70 -8.01 -0.64
N GLY A 63 -8.31 -7.43 -1.76
CA GLY A 63 -7.55 -8.19 -2.75
C GLY A 63 -6.28 -8.78 -2.18
N LEU A 64 -5.65 -8.06 -1.27
CA LEU A 64 -4.41 -8.51 -0.64
C LEU A 64 -4.57 -9.94 -0.13
N LYS A 65 -5.80 -10.34 0.17
CA LYS A 65 -6.08 -11.67 0.67
C LYS A 65 -6.06 -12.69 -0.47
N HIS A 66 -6.50 -12.26 -1.65
CA HIS A 66 -6.53 -13.12 -2.82
C HIS A 66 -5.22 -13.07 -3.58
N VAL A 67 -4.20 -12.50 -2.94
CA VAL A 67 -2.88 -12.39 -3.56
C VAL A 67 -2.25 -13.76 -3.78
N THR A 68 -1.50 -13.89 -4.87
CA THR A 68 -0.85 -15.15 -5.21
C THR A 68 0.67 -15.01 -5.17
N GLU A 69 1.17 -14.30 -4.16
CA GLU A 69 2.60 -14.10 -4.01
C GLU A 69 2.93 -13.56 -2.62
N ASP A 70 3.72 -14.32 -1.86
CA ASP A 70 4.10 -13.91 -0.52
C ASP A 70 4.64 -12.49 -0.52
N CYS A 71 3.77 -11.53 -0.20
CA CYS A 71 4.16 -10.13 -0.17
C CYS A 71 3.99 -9.56 1.23
N VAL A 72 4.46 -8.33 1.43
CA VAL A 72 4.36 -7.67 2.72
C VAL A 72 3.75 -6.27 2.58
N PHE A 73 2.52 -6.12 3.05
CA PHE A 73 1.82 -4.84 2.96
C PHE A 73 2.43 -3.83 3.93
N ILE A 74 2.56 -2.58 3.49
CA ILE A 74 3.13 -1.53 4.31
C ILE A 74 2.25 -0.28 4.29
N TYR A 75 1.39 -0.16 5.30
CA TYR A 75 0.49 0.98 5.40
C TYR A 75 1.25 2.23 5.84
N CYS A 76 1.74 2.99 4.87
CA CYS A 76 2.48 4.21 5.17
C CYS A 76 1.57 5.43 5.10
N GLN A 77 1.78 6.38 6.00
CA GLN A 77 0.98 7.60 6.05
C GLN A 77 1.80 8.80 5.61
N VAL A 78 1.43 9.38 4.47
CA VAL A 78 2.12 10.55 3.93
C VAL A 78 2.18 11.67 4.96
N GLY A 79 1.09 11.84 5.69
CA GLY A 79 1.03 12.89 6.70
C GLY A 79 -0.36 13.50 6.83
N ASP A 80 -0.44 14.65 7.50
CA ASP A 80 -1.71 15.33 7.70
C ASP A 80 -2.35 15.67 6.34
N LYS A 81 -3.58 16.18 6.39
CA LYS A 81 -4.30 16.54 5.19
C LYS A 81 -3.55 17.62 4.41
N PRO A 82 -3.30 18.76 5.06
CA PRO A 82 -2.59 19.89 4.46
C PRO A 82 -1.11 19.58 4.23
N TYR A 83 -0.61 18.55 4.91
CA TYR A 83 0.79 18.15 4.78
C TYR A 83 1.03 17.44 3.46
N TRP A 84 0.11 16.56 3.09
CA TRP A 84 0.23 15.80 1.85
C TRP A 84 0.40 16.74 0.67
N LYS A 85 -0.35 17.83 0.65
CA LYS A 85 -0.28 18.80 -0.43
C LYS A 85 1.16 19.29 -0.62
N ASP A 86 1.87 19.47 0.48
CA ASP A 86 3.25 19.94 0.43
C ASP A 86 4.00 19.29 -0.73
N PRO A 87 4.14 20.04 -1.84
CA PRO A 87 4.84 19.57 -3.03
C PRO A 87 6.34 19.42 -2.81
N ASN A 88 6.81 19.84 -1.64
CA ASN A 88 8.23 19.75 -1.31
C ASN A 88 8.49 18.57 -0.37
N ASN A 89 7.59 17.60 -0.38
CA ASN A 89 7.72 16.42 0.47
C ASN A 89 8.61 15.38 -0.19
N ASP A 90 9.15 14.46 0.61
CA ASP A 90 10.01 13.41 0.11
C ASP A 90 9.21 12.39 -0.70
N PHE A 91 7.89 12.45 -0.59
CA PHE A 91 7.01 11.54 -1.31
C PHE A 91 6.89 11.94 -2.77
N ARG A 92 6.85 13.25 -3.01
CA ARG A 92 6.73 13.77 -4.38
C ARG A 92 8.10 14.11 -4.94
N GLN A 93 9.11 14.10 -4.09
CA GLN A 93 10.48 14.41 -4.51
C GLN A 93 11.29 13.13 -4.72
N LYS A 94 11.16 12.20 -3.79
CA LYS A 94 11.88 10.93 -3.87
C LYS A 94 10.99 9.83 -4.46
N LEU A 95 9.82 9.64 -3.86
CA LEU A 95 8.87 8.64 -4.33
C LEU A 95 8.13 9.12 -5.57
N LYS A 96 8.17 10.42 -5.80
CA LYS A 96 7.49 11.02 -6.96
C LYS A 96 6.05 10.52 -7.06
N ILE A 97 5.36 10.53 -5.94
CA ILE A 97 3.96 10.08 -5.91
C ILE A 97 3.08 10.96 -6.78
N THR A 98 1.96 10.40 -7.23
CA THR A 98 1.03 11.14 -8.08
C THR A 98 -0.12 11.72 -7.25
N ALA A 99 -0.98 10.84 -6.75
CA ALA A 99 -2.13 11.27 -5.96
C ALA A 99 -2.55 10.18 -4.97
N VAL A 100 -2.52 10.50 -3.69
CA VAL A 100 -2.89 9.56 -2.65
C VAL A 100 -4.40 9.37 -2.60
N PRO A 101 -4.84 8.15 -2.22
CA PRO A 101 -3.93 7.05 -1.90
C PRO A 101 -3.19 6.52 -3.12
N THR A 102 -1.93 6.14 -2.91
CA THR A 102 -1.12 5.62 -4.00
C THR A 102 -0.59 4.23 -3.67
N LEU A 103 -1.08 3.22 -4.39
CA LEU A 103 -0.65 1.84 -4.16
C LEU A 103 0.48 1.46 -5.12
N LEU A 104 1.71 1.59 -4.64
CA LEU A 104 2.88 1.25 -5.44
C LEU A 104 3.37 -0.15 -5.13
N LYS A 105 3.66 -0.93 -6.17
CA LYS A 105 4.15 -2.29 -6.01
C LYS A 105 5.67 -2.34 -6.12
N TYR A 106 6.34 -2.16 -4.99
CA TYR A 106 7.80 -2.19 -4.96
C TYR A 106 8.34 -3.32 -5.82
N GLY A 107 8.94 -2.95 -6.95
CA GLY A 107 9.49 -3.94 -7.85
C GLY A 107 9.03 -3.77 -9.28
N THR A 108 7.78 -3.33 -9.45
CA THR A 108 7.21 -3.12 -10.77
C THR A 108 6.63 -1.71 -10.90
N PRO A 109 6.64 -1.17 -12.12
CA PRO A 109 6.12 0.16 -12.41
C PRO A 109 4.60 0.23 -12.29
N GLN A 110 3.99 -0.90 -11.94
CA GLN A 110 2.54 -0.97 -11.79
C GLN A 110 2.10 -0.34 -10.47
N LYS A 111 1.24 0.67 -10.55
CA LYS A 111 0.73 1.35 -9.36
C LYS A 111 -0.72 1.76 -9.55
N LEU A 112 -1.48 1.74 -8.46
CA LEU A 112 -2.88 2.12 -8.50
C LEU A 112 -3.12 3.44 -7.77
N VAL A 113 -3.79 4.37 -8.43
CA VAL A 113 -4.08 5.67 -7.84
C VAL A 113 -5.42 5.66 -7.12
N GLU A 114 -5.75 6.78 -6.48
CA GLU A 114 -7.01 6.89 -5.75
C GLU A 114 -8.11 6.09 -6.44
N SER A 115 -8.45 6.50 -7.67
CA SER A 115 -9.49 5.82 -8.43
C SER A 115 -9.21 4.32 -8.54
N GLU A 116 -7.99 3.99 -8.92
CA GLU A 116 -7.58 2.59 -9.06
C GLU A 116 -7.55 1.90 -7.69
N CYS A 117 -7.56 2.69 -6.63
CA CYS A 117 -7.53 2.16 -5.28
C CYS A 117 -8.93 1.86 -4.77
N CYS A 118 -9.93 2.23 -5.57
CA CYS A 118 -11.33 2.01 -5.20
C CYS A 118 -11.96 0.94 -6.09
N GLN A 119 -11.21 0.51 -7.11
CA GLN A 119 -11.71 -0.50 -8.04
C GLN A 119 -11.11 -1.87 -7.70
N SER A 120 -11.83 -2.65 -6.90
CA SER A 120 -11.37 -3.97 -6.50
C SER A 120 -10.78 -4.72 -7.69
N SER A 121 -11.51 -4.75 -8.79
CA SER A 121 -11.06 -5.43 -10.00
C SER A 121 -9.57 -5.23 -10.21
N LEU A 122 -9.08 -4.04 -9.89
CA LEU A 122 -7.67 -3.72 -10.04
C LEU A 122 -6.86 -4.28 -8.87
N VAL A 123 -7.31 -4.00 -7.65
CA VAL A 123 -6.64 -4.47 -6.46
C VAL A 123 -6.34 -5.97 -6.55
N GLU A 124 -7.34 -6.74 -6.97
CA GLU A 124 -7.19 -8.18 -7.10
C GLU A 124 -6.36 -8.53 -8.33
N MET A 125 -6.21 -7.57 -9.23
CA MET A 125 -5.43 -7.78 -10.44
C MET A 125 -3.93 -7.63 -10.17
N ILE A 126 -3.54 -6.46 -9.67
CA ILE A 126 -2.14 -6.20 -9.36
C ILE A 126 -1.55 -7.31 -8.51
N PHE A 127 -2.40 -8.00 -7.76
CA PHE A 127 -1.96 -9.09 -6.90
C PHE A 127 -2.00 -10.42 -7.65
N SER A 128 -3.05 -10.63 -8.42
CA SER A 128 -3.21 -11.86 -9.19
C SER A 128 -2.12 -11.98 -10.26
N GLU A 129 -2.06 -11.00 -11.15
CA GLU A 129 -1.07 -11.00 -12.22
C GLU A 129 0.27 -10.49 -11.71
N ASP A 130 1.34 -11.15 -12.11
CA ASP A 130 2.69 -10.76 -11.70
C ASP A 130 2.82 -9.25 -11.63
N GLY A 1 8.62 -39.62 1.51
CA GLY A 1 8.32 -38.71 0.42
C GLY A 1 7.55 -37.49 0.87
N SER A 2 8.05 -36.82 1.92
CA SER A 2 7.40 -35.64 2.45
C SER A 2 8.00 -34.37 1.85
N GLU A 3 7.15 -33.35 1.69
CA GLU A 3 7.61 -32.08 1.13
C GLU A 3 6.83 -30.91 1.74
N GLY A 4 7.58 -29.95 2.28
CA GLY A 4 6.95 -28.79 2.88
C GLY A 4 6.77 -27.65 1.91
N ALA A 5 6.01 -27.90 0.84
CA ALA A 5 5.76 -26.88 -0.17
C ALA A 5 4.51 -26.08 0.15
N ALA A 6 4.64 -24.76 0.19
CA ALA A 6 3.51 -23.88 0.48
C ALA A 6 2.38 -24.09 -0.52
N THR A 7 1.14 -23.96 -0.05
CA THR A 7 -0.02 -24.13 -0.90
C THR A 7 -0.81 -22.83 -1.02
N MET A 8 -0.39 -21.81 -0.30
CA MET A 8 -1.05 -20.51 -0.33
C MET A 8 -0.05 -19.39 -0.05
N ALA A 9 -0.21 -18.28 -0.76
CA ALA A 9 0.67 -17.13 -0.58
C ALA A 9 0.58 -16.57 0.84
N THR A 10 1.42 -15.60 1.14
CA THR A 10 1.44 -14.98 2.46
C THR A 10 1.43 -13.46 2.36
N PHE A 11 0.57 -12.83 3.15
CA PHE A 11 0.46 -11.37 3.16
C PHE A 11 0.69 -10.82 4.56
N GLU A 12 1.66 -9.91 4.67
CA GLU A 12 1.97 -9.30 5.96
C GLU A 12 1.54 -7.84 5.99
N GLU A 13 0.79 -7.47 7.03
CA GLU A 13 0.31 -6.10 7.18
C GLU A 13 1.20 -5.31 8.12
N VAL A 14 1.90 -4.32 7.57
CA VAL A 14 2.79 -3.48 8.35
C VAL A 14 2.22 -2.07 8.52
N SER A 15 2.56 -1.43 9.63
CA SER A 15 2.09 -0.07 9.91
C SER A 15 3.26 0.87 10.14
N VAL A 16 3.40 1.85 9.25
CA VAL A 16 4.48 2.83 9.36
C VAL A 16 3.99 4.23 9.01
N LEU A 17 4.67 5.24 9.53
CA LEU A 17 4.31 6.63 9.28
C LEU A 17 5.54 7.46 8.94
N GLY A 18 5.72 7.76 7.65
CA GLY A 18 6.85 8.55 7.22
C GLY A 18 7.74 7.80 6.25
N PHE A 19 8.62 8.53 5.58
CA PHE A 19 9.53 7.94 4.62
C PHE A 19 10.61 7.12 5.31
N GLU A 20 11.08 7.63 6.45
CA GLU A 20 12.12 6.94 7.22
C GLU A 20 11.67 5.54 7.61
N GLU A 21 10.66 5.46 8.48
CA GLU A 21 10.14 4.19 8.93
C GLU A 21 9.78 3.29 7.75
N PHE A 22 9.12 3.88 6.76
CA PHE A 22 8.70 3.13 5.56
C PHE A 22 9.89 2.41 4.95
N ASP A 23 10.96 3.15 4.66
CA ASP A 23 12.15 2.58 4.07
C ASP A 23 12.62 1.37 4.86
N LYS A 24 12.79 1.55 6.16
CA LYS A 24 13.24 0.46 7.04
C LYS A 24 12.42 -0.80 6.79
N ALA A 25 11.09 -0.66 6.87
CA ALA A 25 10.20 -1.79 6.66
C ALA A 25 10.44 -2.44 5.30
N VAL A 26 10.66 -1.61 4.28
CA VAL A 26 10.91 -2.10 2.93
C VAL A 26 12.22 -2.87 2.85
N LYS A 27 13.32 -2.18 3.10
CA LYS A 27 14.65 -2.80 3.07
C LYS A 27 14.67 -4.07 3.91
N GLU A 28 13.70 -4.20 4.80
CA GLU A 28 13.62 -5.38 5.67
C GLU A 28 12.91 -6.53 4.95
N HIS A 29 11.88 -6.19 4.18
CA HIS A 29 11.10 -7.19 3.45
C HIS A 29 11.55 -7.24 1.99
N GLU A 30 12.67 -6.59 1.68
CA GLU A 30 13.19 -6.56 0.32
C GLU A 30 13.30 -7.97 -0.25
N SER A 31 13.63 -8.93 0.61
CA SER A 31 13.78 -10.31 0.20
C SER A 31 12.53 -10.79 -0.54
N LYS A 32 11.40 -10.17 -0.23
CA LYS A 32 10.13 -10.53 -0.87
C LYS A 32 9.40 -9.30 -1.36
N THR A 33 8.39 -9.52 -2.21
CA THR A 33 7.60 -8.41 -2.75
C THR A 33 7.07 -7.51 -1.65
N ILE A 34 7.05 -6.21 -1.91
CA ILE A 34 6.56 -5.24 -0.93
C ILE A 34 5.51 -4.32 -1.55
N PHE A 35 4.45 -4.06 -0.79
CA PHE A 35 3.38 -3.20 -1.27
C PHE A 35 3.17 -2.01 -0.32
N ALA A 36 3.54 -0.82 -0.78
CA ALA A 36 3.40 0.39 0.01
C ALA A 36 2.10 1.12 -0.31
N TYR A 37 1.35 1.47 0.73
CA TYR A 37 0.09 2.17 0.55
C TYR A 37 0.14 3.57 1.16
N PHE A 38 0.67 4.52 0.40
CA PHE A 38 0.78 5.90 0.85
C PHE A 38 -0.58 6.58 0.84
N SER A 39 -1.06 6.93 2.04
CA SER A 39 -2.36 7.59 2.16
C SER A 39 -2.33 8.63 3.29
N GLY A 40 -3.37 9.47 3.34
CA GLY A 40 -3.43 10.49 4.37
C GLY A 40 -3.43 9.91 5.76
N SER A 41 -2.85 10.64 6.70
CA SER A 41 -2.78 10.19 8.10
C SER A 41 -4.17 9.95 8.67
N LYS A 42 -4.24 9.10 9.69
CA LYS A 42 -5.52 8.79 10.32
C LYS A 42 -5.80 9.74 11.48
N ASP A 43 -7.01 10.29 11.50
CA ASP A 43 -7.42 11.22 12.55
C ASP A 43 -7.30 10.56 13.92
N THR A 44 -7.75 11.28 14.95
CA THR A 44 -7.69 10.77 16.31
C THR A 44 -8.55 9.53 16.48
N GLU A 45 -9.74 9.55 15.88
CA GLU A 45 -10.66 8.42 15.95
C GLU A 45 -10.10 7.22 15.17
N GLY A 46 -9.25 7.50 14.19
CA GLY A 46 -8.67 6.45 13.39
C GLY A 46 -9.24 6.39 11.99
N LYS A 47 -9.52 7.57 11.42
CA LYS A 47 -10.08 7.65 10.08
C LYS A 47 -9.38 8.75 9.27
N SER A 48 -8.98 8.41 8.05
CA SER A 48 -8.30 9.38 7.18
C SER A 48 -9.21 10.57 6.87
N TRP A 49 -8.60 11.67 6.49
CA TRP A 49 -9.34 12.88 6.17
C TRP A 49 -10.07 12.74 4.83
N CYS A 50 -9.40 12.11 3.86
CA CYS A 50 -9.98 11.91 2.54
C CYS A 50 -11.04 10.81 2.57
N PRO A 51 -12.15 11.05 1.87
CA PRO A 51 -13.26 10.09 1.81
C PRO A 51 -12.90 8.84 1.00
N ASP A 52 -12.24 9.05 -0.14
CA ASP A 52 -11.84 7.95 -0.99
C ASP A 52 -11.00 6.94 -0.23
N CYS A 53 -9.89 7.41 0.35
CA CYS A 53 -9.00 6.55 1.11
C CYS A 53 -9.79 5.64 2.05
N VAL A 54 -10.71 6.24 2.80
CA VAL A 54 -11.54 5.49 3.74
C VAL A 54 -12.38 4.45 3.02
N GLU A 55 -12.68 4.71 1.75
CA GLU A 55 -13.49 3.81 0.95
C GLU A 55 -12.61 2.90 0.09
N ALA A 56 -11.32 3.20 0.06
CA ALA A 56 -10.36 2.42 -0.72
C ALA A 56 -9.61 1.43 0.16
N GLU A 57 -9.39 1.80 1.42
CA GLU A 57 -8.69 0.94 2.36
C GLU A 57 -9.29 -0.46 2.37
N PRO A 58 -10.61 -0.54 2.54
CA PRO A 58 -11.34 -1.81 2.56
C PRO A 58 -11.38 -2.48 1.20
N VAL A 59 -11.01 -1.73 0.17
CA VAL A 59 -11.01 -2.26 -1.19
C VAL A 59 -9.65 -2.84 -1.56
N ILE A 60 -8.62 -2.38 -0.85
CA ILE A 60 -7.26 -2.86 -1.09
C ILE A 60 -6.92 -4.06 -0.22
N ARG A 61 -7.42 -4.04 1.01
CA ARG A 61 -7.18 -5.13 1.96
C ARG A 61 -7.84 -6.42 1.47
N GLU A 62 -8.98 -6.27 0.80
CA GLU A 62 -9.72 -7.43 0.29
C GLU A 62 -8.89 -8.18 -0.75
N GLY A 63 -8.48 -7.46 -1.80
CA GLY A 63 -7.69 -8.08 -2.86
C GLY A 63 -6.39 -8.64 -2.35
N LEU A 64 -5.79 -7.97 -1.36
CA LEU A 64 -4.53 -8.41 -0.79
C LEU A 64 -4.64 -9.83 -0.24
N LYS A 65 -5.86 -10.23 0.10
CA LYS A 65 -6.11 -11.57 0.63
C LYS A 65 -6.14 -12.60 -0.49
N HIS A 66 -6.46 -12.14 -1.70
CA HIS A 66 -6.52 -13.03 -2.86
C HIS A 66 -5.24 -12.96 -3.67
N VAL A 67 -4.17 -12.45 -3.04
CA VAL A 67 -2.88 -12.32 -3.70
C VAL A 67 -2.23 -13.69 -3.91
N THR A 68 -1.62 -13.89 -5.08
CA THR A 68 -0.97 -15.15 -5.39
C THR A 68 0.55 -14.99 -5.40
N GLU A 69 1.05 -14.09 -4.55
CA GLU A 69 2.48 -13.85 -4.47
C GLU A 69 2.87 -13.34 -3.08
N ASP A 70 3.59 -14.17 -2.34
CA ASP A 70 4.02 -13.80 -0.99
C ASP A 70 4.63 -12.41 -0.97
N CYS A 71 3.86 -11.44 -0.49
CA CYS A 71 4.33 -10.05 -0.43
C CYS A 71 4.16 -9.49 0.98
N VAL A 72 4.69 -8.30 1.20
CA VAL A 72 4.60 -7.64 2.51
C VAL A 72 3.97 -6.26 2.40
N PHE A 73 2.70 -6.17 2.75
CA PHE A 73 1.98 -4.90 2.69
C PHE A 73 2.51 -3.92 3.73
N ILE A 74 2.48 -2.63 3.39
CA ILE A 74 2.96 -1.60 4.29
C ILE A 74 2.08 -0.36 4.22
N TYR A 75 1.42 -0.05 5.34
CA TYR A 75 0.54 1.11 5.41
C TYR A 75 1.32 2.36 5.81
N CYS A 76 1.85 3.06 4.81
CA CYS A 76 2.62 4.28 5.06
C CYS A 76 1.71 5.51 5.00
N GLN A 77 1.81 6.36 6.02
CA GLN A 77 1.00 7.56 6.09
C GLN A 77 1.80 8.78 5.61
N VAL A 78 1.37 9.35 4.48
CA VAL A 78 2.05 10.50 3.91
C VAL A 78 2.14 11.63 4.93
N GLY A 79 1.01 11.97 5.56
CA GLY A 79 0.99 13.03 6.53
C GLY A 79 -0.37 13.69 6.65
N ASP A 80 -0.46 14.73 7.47
CA ASP A 80 -1.71 15.45 7.66
C ASP A 80 -2.30 15.88 6.33
N LYS A 81 -3.54 16.36 6.36
CA LYS A 81 -4.22 16.80 5.15
C LYS A 81 -3.43 17.87 4.43
N PRO A 82 -3.16 18.98 5.14
CA PRO A 82 -2.40 20.11 4.58
C PRO A 82 -0.92 19.77 4.38
N TYR A 83 -0.52 18.60 4.86
CA TYR A 83 0.86 18.15 4.73
C TYR A 83 1.09 17.48 3.38
N TRP A 84 0.15 16.63 2.99
CA TRP A 84 0.24 15.92 1.72
C TRP A 84 0.41 16.89 0.55
N LYS A 85 -0.32 18.00 0.61
CA LYS A 85 -0.25 19.02 -0.43
C LYS A 85 1.18 19.51 -0.62
N ASP A 86 1.91 19.59 0.49
CA ASP A 86 3.30 20.05 0.45
C ASP A 86 4.05 19.43 -0.73
N PRO A 87 4.31 20.24 -1.76
CA PRO A 87 5.02 19.79 -2.97
C PRO A 87 6.48 19.50 -2.69
N ASN A 88 6.97 19.93 -1.53
CA ASN A 88 8.37 19.71 -1.15
C ASN A 88 8.49 18.51 -0.23
N ASN A 89 7.54 17.58 -0.34
CA ASN A 89 7.55 16.38 0.49
C ASN A 89 8.39 15.28 -0.16
N ASP A 90 9.06 14.49 0.66
CA ASP A 90 9.89 13.40 0.16
C ASP A 90 9.07 12.42 -0.65
N PHE A 91 7.75 12.43 -0.45
CA PHE A 91 6.86 11.54 -1.16
C PHE A 91 6.73 11.95 -2.62
N ARG A 92 6.71 13.25 -2.86
CA ARG A 92 6.59 13.78 -4.22
C ARG A 92 7.96 14.11 -4.81
N GLN A 93 8.99 14.04 -3.96
CA GLN A 93 10.35 14.32 -4.39
C GLN A 93 11.12 13.04 -4.68
N LYS A 94 11.01 12.07 -3.77
CA LYS A 94 11.68 10.79 -3.93
C LYS A 94 10.74 9.74 -4.51
N LEU A 95 9.60 9.55 -3.85
CA LEU A 95 8.61 8.58 -4.30
C LEU A 95 7.84 9.10 -5.50
N LYS A 96 7.88 10.42 -5.70
CA LYS A 96 7.20 11.05 -6.81
C LYS A 96 5.75 10.58 -6.88
N ILE A 97 5.06 10.57 -5.74
CA ILE A 97 3.68 10.16 -5.68
C ILE A 97 2.79 11.07 -6.51
N THR A 98 1.93 10.46 -7.33
CA THR A 98 1.02 11.23 -8.18
C THR A 98 -0.17 11.74 -7.38
N ALA A 99 -0.88 10.84 -6.72
CA ALA A 99 -2.04 11.21 -5.93
C ALA A 99 -2.40 10.10 -4.94
N VAL A 100 -2.53 10.47 -3.66
CA VAL A 100 -2.87 9.51 -2.63
C VAL A 100 -4.38 9.30 -2.55
N PRO A 101 -4.79 8.08 -2.15
CA PRO A 101 -3.85 7.01 -1.80
C PRO A 101 -3.12 6.46 -3.02
N THR A 102 -1.84 6.14 -2.83
CA THR A 102 -1.02 5.60 -3.91
C THR A 102 -0.47 4.22 -3.56
N LEU A 103 -0.98 3.21 -4.26
CA LEU A 103 -0.54 1.84 -4.01
C LEU A 103 0.57 1.44 -4.98
N LEU A 104 1.82 1.57 -4.54
CA LEU A 104 2.97 1.23 -5.36
C LEU A 104 3.47 -0.17 -5.04
N LYS A 105 3.70 -0.96 -6.08
CA LYS A 105 4.18 -2.33 -5.92
C LYS A 105 5.70 -2.38 -6.01
N TYR A 106 6.37 -2.24 -4.88
CA TYR A 106 7.83 -2.27 -4.84
C TYR A 106 8.38 -3.40 -5.71
N GLY A 107 9.02 -3.03 -6.81
CA GLY A 107 9.58 -4.02 -7.71
C GLY A 107 9.09 -3.85 -9.14
N THR A 108 7.84 -3.42 -9.29
CA THR A 108 7.26 -3.22 -10.61
C THR A 108 6.66 -1.82 -10.73
N PRO A 109 6.66 -1.28 -11.96
CA PRO A 109 6.13 0.05 -12.24
C PRO A 109 4.61 0.10 -12.12
N GLN A 110 4.01 -1.03 -11.76
CA GLN A 110 2.56 -1.12 -11.62
C GLN A 110 2.11 -0.49 -10.30
N LYS A 111 1.32 0.57 -10.41
CA LYS A 111 0.82 1.27 -9.23
C LYS A 111 -0.64 1.66 -9.40
N LEU A 112 -1.40 1.65 -8.30
CA LEU A 112 -2.81 2.01 -8.34
C LEU A 112 -3.05 3.33 -7.61
N VAL A 113 -3.72 4.26 -8.30
CA VAL A 113 -4.03 5.55 -7.72
C VAL A 113 -5.39 5.55 -7.03
N GLU A 114 -5.73 6.66 -6.39
CA GLU A 114 -7.00 6.78 -5.68
C GLU A 114 -8.09 5.97 -6.40
N SER A 115 -8.43 6.38 -7.61
CA SER A 115 -9.46 5.69 -8.39
C SER A 115 -9.16 4.20 -8.48
N GLU A 116 -7.90 3.87 -8.74
CA GLU A 116 -7.49 2.47 -8.86
C GLU A 116 -7.42 1.81 -7.48
N CYS A 117 -7.49 2.63 -6.44
CA CYS A 117 -7.43 2.13 -5.07
C CYS A 117 -8.82 1.78 -4.55
N CYS A 118 -9.85 2.26 -5.25
CA CYS A 118 -11.23 2.01 -4.86
C CYS A 118 -11.86 0.96 -5.77
N GLN A 119 -11.14 0.58 -6.82
CA GLN A 119 -11.64 -0.41 -7.77
C GLN A 119 -11.07 -1.80 -7.46
N SER A 120 -11.87 -2.61 -6.78
CA SER A 120 -11.46 -3.96 -6.41
C SER A 120 -10.97 -4.73 -7.63
N SER A 121 -11.66 -4.56 -8.76
CA SER A 121 -11.30 -5.24 -9.99
C SER A 121 -9.81 -5.06 -10.29
N LEU A 122 -9.25 -3.94 -9.84
CA LEU A 122 -7.84 -3.65 -10.06
C LEU A 122 -6.99 -4.16 -8.89
N VAL A 123 -7.52 -4.02 -7.69
CA VAL A 123 -6.81 -4.47 -6.49
C VAL A 123 -6.52 -5.96 -6.55
N GLU A 124 -7.48 -6.73 -7.06
CA GLU A 124 -7.31 -8.18 -7.18
C GLU A 124 -6.47 -8.53 -8.41
N MET A 125 -6.33 -7.57 -9.32
CA MET A 125 -5.53 -7.79 -10.52
C MET A 125 -4.05 -7.62 -10.24
N ILE A 126 -3.70 -6.51 -9.60
CA ILE A 126 -2.30 -6.23 -9.27
C ILE A 126 -1.72 -7.31 -8.37
N PHE A 127 -2.60 -8.01 -7.66
CA PHE A 127 -2.17 -9.07 -6.76
C PHE A 127 -2.25 -10.44 -7.46
N SER A 128 -3.26 -10.61 -8.29
CA SER A 128 -3.45 -11.86 -9.02
C SER A 128 -2.39 -12.03 -10.10
N GLU A 129 -2.26 -11.02 -10.95
CA GLU A 129 -1.28 -11.06 -12.04
C GLU A 129 0.13 -10.95 -11.49
N ASP A 130 0.83 -12.07 -11.43
CA ASP A 130 2.20 -12.11 -10.92
C ASP A 130 2.97 -10.88 -11.40
N GLY A 1 -2.80 -42.48 -4.74
CA GLY A 1 -2.77 -41.38 -5.69
C GLY A 1 -3.14 -40.06 -5.06
N SER A 2 -2.23 -39.52 -4.24
CA SER A 2 -2.46 -38.25 -3.56
C SER A 2 -2.11 -37.08 -4.47
N GLU A 3 -2.44 -35.87 -4.01
CA GLU A 3 -2.16 -34.66 -4.79
C GLU A 3 -2.30 -33.41 -3.92
N GLY A 4 -1.76 -32.30 -4.39
CA GLY A 4 -1.83 -31.05 -3.65
C GLY A 4 -1.74 -29.85 -4.54
N ALA A 5 -0.53 -29.29 -4.67
CA ALA A 5 -0.31 -28.12 -5.50
C ALA A 5 -1.30 -27.01 -5.15
N ALA A 6 -1.71 -26.96 -3.90
CA ALA A 6 -2.65 -25.95 -3.44
C ALA A 6 -2.17 -25.30 -2.15
N THR A 7 -2.11 -23.97 -2.15
CA THR A 7 -1.66 -23.21 -0.98
C THR A 7 -2.09 -21.76 -1.06
N MET A 8 -2.19 -21.11 0.09
CA MET A 8 -2.59 -19.71 0.15
C MET A 8 -1.38 -18.81 0.43
N ALA A 9 -1.30 -17.70 -0.29
CA ALA A 9 -0.20 -16.76 -0.12
C ALA A 9 -0.17 -16.20 1.30
N THR A 10 0.89 -15.47 1.62
CA THR A 10 1.03 -14.88 2.95
C THR A 10 1.23 -13.36 2.85
N PHE A 11 0.35 -12.61 3.51
CA PHE A 11 0.43 -11.16 3.51
C PHE A 11 0.58 -10.62 4.92
N GLU A 12 1.52 -9.68 5.09
CA GLU A 12 1.76 -9.08 6.40
C GLU A 12 1.51 -7.57 6.35
N GLU A 13 0.61 -7.10 7.22
CA GLU A 13 0.28 -5.69 7.28
C GLU A 13 1.26 -4.94 8.18
N VAL A 14 2.14 -4.14 7.57
CA VAL A 14 3.12 -3.38 8.32
C VAL A 14 2.76 -1.90 8.35
N SER A 15 2.31 -1.42 9.51
CA SER A 15 1.93 -0.03 9.68
C SER A 15 3.15 0.84 9.98
N VAL A 16 3.25 1.96 9.26
CA VAL A 16 4.37 2.88 9.46
C VAL A 16 3.92 4.32 9.24
N LEU A 17 4.66 5.25 9.85
CA LEU A 17 4.34 6.67 9.73
C LEU A 17 5.59 7.47 9.33
N GLY A 18 5.65 7.85 8.06
CA GLY A 18 6.77 8.61 7.57
C GLY A 18 7.64 7.82 6.61
N PHE A 19 8.68 8.46 6.07
CA PHE A 19 9.59 7.81 5.14
C PHE A 19 10.62 6.97 5.88
N GLU A 20 11.47 7.63 6.65
CA GLU A 20 12.51 6.94 7.40
C GLU A 20 12.02 5.58 7.88
N GLU A 21 10.81 5.54 8.42
CA GLU A 21 10.23 4.30 8.92
C GLU A 21 9.84 3.38 7.76
N PHE A 22 9.23 3.97 6.73
CA PHE A 22 8.80 3.21 5.56
C PHE A 22 9.99 2.53 4.89
N ASP A 23 10.99 3.33 4.53
CA ASP A 23 12.18 2.80 3.88
C ASP A 23 12.64 1.50 4.53
N LYS A 24 12.82 1.55 5.86
CA LYS A 24 13.26 0.37 6.60
C LYS A 24 12.33 -0.81 6.36
N ALA A 25 11.04 -0.62 6.65
CA ALA A 25 10.05 -1.66 6.45
C ALA A 25 10.16 -2.27 5.06
N VAL A 26 10.69 -1.49 4.12
CA VAL A 26 10.86 -1.96 2.75
C VAL A 26 12.17 -2.71 2.57
N LYS A 27 13.26 -2.12 3.06
CA LYS A 27 14.57 -2.74 2.96
C LYS A 27 14.65 -3.99 3.83
N GLU A 28 13.59 -4.26 4.59
CA GLU A 28 13.54 -5.42 5.46
C GLU A 28 12.81 -6.58 4.79
N HIS A 29 11.83 -6.24 3.95
CA HIS A 29 11.06 -7.26 3.24
C HIS A 29 11.41 -7.27 1.75
N GLU A 30 12.63 -6.84 1.44
CA GLU A 30 13.08 -6.80 0.05
C GLU A 30 12.91 -8.16 -0.62
N SER A 31 13.63 -9.16 -0.11
CA SER A 31 13.56 -10.52 -0.65
C SER A 31 12.16 -10.81 -1.19
N LYS A 32 11.15 -10.54 -0.38
CA LYS A 32 9.77 -10.77 -0.77
C LYS A 32 9.14 -9.50 -1.33
N THR A 33 7.98 -9.66 -1.99
CA THR A 33 7.28 -8.53 -2.57
C THR A 33 6.88 -7.52 -1.50
N ILE A 34 6.77 -6.26 -1.89
CA ILE A 34 6.39 -5.19 -0.97
C ILE A 34 5.34 -4.28 -1.58
N PHE A 35 4.34 -3.92 -0.79
CA PHE A 35 3.27 -3.04 -1.24
C PHE A 35 3.09 -1.86 -0.31
N ALA A 36 3.41 -0.67 -0.80
CA ALA A 36 3.29 0.55 -0.01
C ALA A 36 1.96 1.25 -0.29
N TYR A 37 1.23 1.58 0.78
CA TYR A 37 -0.05 2.25 0.64
C TYR A 37 0.03 3.67 1.17
N PHE A 38 0.60 4.58 0.37
CA PHE A 38 0.73 5.97 0.76
C PHE A 38 -0.64 6.66 0.82
N SER A 39 -1.08 6.96 2.03
CA SER A 39 -2.37 7.62 2.23
C SER A 39 -2.27 8.70 3.30
N GLY A 40 -3.34 9.48 3.45
CA GLY A 40 -3.35 10.54 4.43
C GLY A 40 -3.31 10.01 5.85
N SER A 41 -2.74 10.81 6.75
CA SER A 41 -2.63 10.42 8.16
C SER A 41 -4.00 10.08 8.74
N LYS A 42 -4.00 9.41 9.89
CA LYS A 42 -5.24 9.02 10.55
C LYS A 42 -5.67 10.09 11.55
N ASP A 43 -6.78 10.76 11.26
CA ASP A 43 -7.30 11.80 12.13
C ASP A 43 -7.48 11.28 13.55
N THR A 44 -8.04 12.10 14.42
CA THR A 44 -8.26 11.73 15.81
C THR A 44 -9.11 10.46 15.91
N GLU A 45 -10.07 10.33 15.00
CA GLU A 45 -10.95 9.18 14.98
C GLU A 45 -10.20 7.92 14.53
N GLY A 46 -9.12 8.12 13.79
CA GLY A 46 -8.33 7.01 13.31
C GLY A 46 -8.67 6.64 11.88
N LYS A 47 -8.96 7.64 11.06
CA LYS A 47 -9.30 7.41 9.66
C LYS A 47 -8.73 8.52 8.78
N SER A 48 -8.30 8.14 7.57
CA SER A 48 -7.74 9.10 6.64
C SER A 48 -8.74 10.21 6.30
N TRP A 49 -8.33 11.45 6.51
CA TRP A 49 -9.20 12.59 6.24
C TRP A 49 -9.83 12.47 4.85
N CYS A 50 -9.19 11.70 3.98
CA CYS A 50 -9.69 11.51 2.63
C CYS A 50 -10.85 10.52 2.61
N PRO A 51 -11.91 10.87 1.88
CA PRO A 51 -13.12 10.03 1.77
C PRO A 51 -12.86 8.76 0.97
N ASP A 52 -12.17 8.90 -0.16
CA ASP A 52 -11.86 7.77 -1.02
C ASP A 52 -11.01 6.75 -0.27
N CYS A 53 -9.87 7.20 0.24
CA CYS A 53 -8.96 6.33 0.98
C CYS A 53 -9.74 5.38 1.89
N VAL A 54 -10.61 5.95 2.73
CA VAL A 54 -11.42 5.15 3.65
C VAL A 54 -12.19 4.07 2.91
N GLU A 55 -12.71 4.42 1.73
CA GLU A 55 -13.47 3.48 0.93
C GLU A 55 -12.55 2.60 0.09
N ALA A 56 -11.27 2.97 0.04
CA ALA A 56 -10.29 2.22 -0.72
C ALA A 56 -9.56 1.21 0.16
N GLU A 57 -9.46 1.54 1.45
CA GLU A 57 -8.77 0.66 2.40
C GLU A 57 -9.34 -0.76 2.32
N PRO A 58 -10.67 -0.87 2.44
CA PRO A 58 -11.36 -2.16 2.40
C PRO A 58 -11.33 -2.79 1.00
N VAL A 59 -10.93 -2.00 0.01
CA VAL A 59 -10.86 -2.47 -1.36
C VAL A 59 -9.47 -3.02 -1.68
N ILE A 60 -8.47 -2.54 -0.94
CA ILE A 60 -7.10 -2.99 -1.14
C ILE A 60 -6.77 -4.16 -0.22
N ARG A 61 -7.34 -4.16 0.97
CA ARG A 61 -7.11 -5.23 1.94
C ARG A 61 -7.78 -6.52 1.49
N GLU A 62 -8.90 -6.40 0.81
CA GLU A 62 -9.64 -7.56 0.31
C GLU A 62 -8.89 -8.23 -0.83
N GLY A 63 -8.37 -7.42 -1.74
CA GLY A 63 -7.64 -7.95 -2.88
C GLY A 63 -6.31 -8.57 -2.47
N LEU A 64 -5.65 -7.97 -1.49
CA LEU A 64 -4.37 -8.46 -1.02
C LEU A 64 -4.45 -9.94 -0.65
N LYS A 65 -5.66 -10.39 -0.30
CA LYS A 65 -5.88 -11.79 0.07
C LYS A 65 -5.81 -12.69 -1.16
N HIS A 66 -6.25 -12.17 -2.30
CA HIS A 66 -6.23 -12.94 -3.54
C HIS A 66 -4.81 -13.12 -4.05
N VAL A 67 -3.90 -12.27 -3.55
CA VAL A 67 -2.50 -12.34 -3.96
C VAL A 67 -1.98 -13.77 -3.96
N THR A 68 -1.04 -14.06 -4.85
CA THR A 68 -0.47 -15.39 -4.95
C THR A 68 1.06 -15.35 -4.83
N GLU A 69 1.56 -14.42 -4.01
CA GLU A 69 2.99 -14.28 -3.82
C GLU A 69 3.29 -13.69 -2.44
N ASP A 70 3.98 -14.46 -1.61
CA ASP A 70 4.33 -14.01 -0.27
C ASP A 70 4.85 -12.58 -0.30
N CYS A 71 3.99 -11.63 0.03
CA CYS A 71 4.35 -10.23 0.04
C CYS A 71 4.17 -9.63 1.43
N VAL A 72 4.61 -8.39 1.61
CA VAL A 72 4.50 -7.70 2.88
C VAL A 72 3.88 -6.32 2.72
N PHE A 73 2.58 -6.22 2.93
CA PHE A 73 1.87 -4.96 2.80
C PHE A 73 2.42 -3.92 3.78
N ILE A 74 2.40 -2.66 3.37
CA ILE A 74 2.89 -1.58 4.21
C ILE A 74 1.96 -0.37 4.16
N TYR A 75 1.48 0.03 5.33
CA TYR A 75 0.58 1.18 5.42
C TYR A 75 1.31 2.42 5.91
N CYS A 76 1.83 3.20 4.97
CA CYS A 76 2.57 4.41 5.30
C CYS A 76 1.65 5.62 5.25
N GLN A 77 1.73 6.48 6.27
CA GLN A 77 0.91 7.68 6.33
C GLN A 77 1.72 8.92 5.96
N VAL A 78 1.40 9.52 4.83
CA VAL A 78 2.10 10.71 4.37
C VAL A 78 2.14 11.78 5.46
N GLY A 79 0.98 12.10 6.01
CA GLY A 79 0.90 13.10 7.05
C GLY A 79 -0.44 13.79 7.10
N ASP A 80 -0.49 14.97 7.71
CA ASP A 80 -1.72 15.74 7.82
C ASP A 80 -2.29 16.06 6.44
N LYS A 81 -3.48 16.65 6.42
CA LYS A 81 -4.13 17.00 5.16
C LYS A 81 -3.29 17.99 4.38
N PRO A 82 -3.02 19.16 4.99
CA PRO A 82 -2.21 20.21 4.37
C PRO A 82 -0.74 19.81 4.23
N TYR A 83 -0.39 18.66 4.78
CA TYR A 83 0.98 18.17 4.71
C TYR A 83 1.23 17.39 3.42
N TRP A 84 0.19 16.70 2.95
CA TRP A 84 0.29 15.91 1.73
C TRP A 84 0.43 16.81 0.51
N LYS A 85 -0.12 18.02 0.61
CA LYS A 85 -0.05 18.99 -0.49
C LYS A 85 1.27 19.75 -0.47
N ASP A 86 2.30 19.14 0.12
CA ASP A 86 3.61 19.75 0.20
C ASP A 86 4.56 19.15 -0.83
N PRO A 87 4.98 19.98 -1.80
CA PRO A 87 5.90 19.56 -2.87
C PRO A 87 7.30 19.27 -2.34
N ASN A 88 7.54 19.59 -1.08
CA ASN A 88 8.84 19.37 -0.46
C ASN A 88 8.86 18.05 0.32
N ASN A 89 7.86 17.21 0.06
CA ASN A 89 7.75 15.92 0.73
C ASN A 89 8.62 14.87 0.03
N ASP A 90 9.14 13.92 0.80
CA ASP A 90 9.97 12.87 0.26
C ASP A 90 9.15 11.94 -0.63
N PHE A 91 7.83 12.07 -0.56
CA PHE A 91 6.93 11.24 -1.35
C PHE A 91 6.88 11.72 -2.80
N ARG A 92 6.89 13.04 -2.97
CA ARG A 92 6.84 13.63 -4.30
C ARG A 92 8.25 13.96 -4.80
N GLN A 93 9.23 13.86 -3.90
CA GLN A 93 10.61 14.15 -4.25
C GLN A 93 11.38 12.87 -4.56
N LYS A 94 11.12 11.83 -3.78
CA LYS A 94 11.78 10.54 -3.96
C LYS A 94 10.83 9.53 -4.60
N LEU A 95 9.68 9.34 -3.99
CA LEU A 95 8.68 8.40 -4.51
C LEU A 95 7.94 8.99 -5.69
N LYS A 96 8.00 10.31 -5.83
CA LYS A 96 7.34 10.99 -6.93
C LYS A 96 5.89 10.52 -7.07
N ILE A 97 5.16 10.53 -5.97
CA ILE A 97 3.77 10.10 -5.97
C ILE A 97 2.91 11.05 -6.80
N THR A 98 1.74 10.56 -7.22
CA THR A 98 0.82 11.36 -8.02
C THR A 98 -0.34 11.88 -7.18
N ALA A 99 -1.23 10.98 -6.79
CA ALA A 99 -2.38 11.35 -5.98
C ALA A 99 -2.73 10.25 -4.97
N VAL A 100 -2.73 10.60 -3.70
CA VAL A 100 -3.05 9.63 -2.64
C VAL A 100 -4.55 9.39 -2.55
N PRO A 101 -4.92 8.17 -2.15
CA PRO A 101 -3.97 7.12 -1.81
C PRO A 101 -3.22 6.59 -3.03
N THR A 102 -1.96 6.22 -2.84
CA THR A 102 -1.14 5.70 -3.94
C THR A 102 -0.57 4.33 -3.59
N LEU A 103 -1.06 3.30 -4.26
CA LEU A 103 -0.60 1.94 -4.02
C LEU A 103 0.50 1.56 -5.00
N LEU A 104 1.75 1.73 -4.60
CA LEU A 104 2.89 1.41 -5.44
C LEU A 104 3.43 0.01 -5.12
N LYS A 105 3.49 -0.83 -6.16
CA LYS A 105 3.98 -2.19 -5.98
C LYS A 105 5.50 -2.25 -6.12
N TYR A 106 6.20 -2.04 -5.00
CA TYR A 106 7.65 -2.06 -4.99
C TYR A 106 8.19 -3.18 -5.87
N GLY A 107 8.96 -2.82 -6.89
CA GLY A 107 9.52 -3.80 -7.78
C GLY A 107 9.03 -3.64 -9.21
N THR A 108 7.80 -3.15 -9.35
CA THR A 108 7.20 -2.96 -10.67
C THR A 108 6.56 -1.58 -10.78
N PRO A 109 6.58 -1.00 -11.99
CA PRO A 109 5.99 0.31 -12.26
C PRO A 109 4.47 0.30 -12.19
N GLN A 110 3.91 -0.87 -11.86
CA GLN A 110 2.46 -1.02 -11.76
C GLN A 110 1.96 -0.53 -10.40
N LYS A 111 1.16 0.54 -10.42
CA LYS A 111 0.61 1.11 -9.21
C LYS A 111 -0.88 1.41 -9.37
N LEU A 112 -1.54 1.73 -8.25
CA LEU A 112 -2.96 2.05 -8.27
C LEU A 112 -3.23 3.36 -7.56
N VAL A 113 -3.85 4.30 -8.28
CA VAL A 113 -4.17 5.60 -7.70
C VAL A 113 -5.51 5.57 -6.99
N GLU A 114 -5.86 6.68 -6.35
CA GLU A 114 -7.13 6.78 -5.63
C GLU A 114 -8.21 5.94 -6.30
N SER A 115 -8.53 6.28 -7.54
CA SER A 115 -9.55 5.56 -8.29
C SER A 115 -9.21 4.07 -8.38
N GLU A 116 -7.96 3.78 -8.74
CA GLU A 116 -7.51 2.40 -8.87
C GLU A 116 -7.39 1.73 -7.50
N CYS A 117 -7.49 2.55 -6.45
CA CYS A 117 -7.40 2.04 -5.09
C CYS A 117 -8.78 1.71 -4.53
N CYS A 118 -9.81 2.16 -5.23
CA CYS A 118 -11.18 1.92 -4.81
C CYS A 118 -11.87 0.88 -5.70
N GLN A 119 -11.19 0.53 -6.79
CA GLN A 119 -11.73 -0.45 -7.73
C GLN A 119 -11.17 -1.84 -7.45
N SER A 120 -11.89 -2.61 -6.64
CA SER A 120 -11.45 -3.97 -6.30
C SER A 120 -10.98 -4.71 -7.54
N SER A 121 -11.61 -4.44 -8.67
CA SER A 121 -11.26 -5.10 -9.93
C SER A 121 -9.77 -4.93 -10.22
N LEU A 122 -9.24 -3.75 -9.91
CA LEU A 122 -7.83 -3.46 -10.14
C LEU A 122 -6.97 -4.01 -9.01
N VAL A 123 -7.45 -3.87 -7.78
CA VAL A 123 -6.72 -4.36 -6.62
C VAL A 123 -6.41 -5.84 -6.75
N GLU A 124 -7.42 -6.64 -7.07
CA GLU A 124 -7.24 -8.08 -7.23
C GLU A 124 -6.38 -8.39 -8.45
N MET A 125 -6.39 -7.48 -9.42
CA MET A 125 -5.61 -7.66 -10.63
C MET A 125 -4.12 -7.51 -10.35
N ILE A 126 -3.74 -6.37 -9.77
CA ILE A 126 -2.35 -6.11 -9.44
C ILE A 126 -1.76 -7.23 -8.58
N PHE A 127 -2.61 -7.87 -7.80
CA PHE A 127 -2.18 -8.95 -6.92
C PHE A 127 -2.24 -10.29 -7.64
N SER A 128 -3.15 -10.39 -8.62
CA SER A 128 -3.31 -11.62 -9.39
C SER A 128 -2.13 -11.83 -10.34
N GLU A 129 -1.77 -10.76 -11.06
CA GLU A 129 -0.66 -10.83 -12.01
C GLU A 129 0.61 -11.31 -11.32
N ASP A 130 1.45 -12.01 -12.08
CA ASP A 130 2.70 -12.54 -11.55
C ASP A 130 3.48 -11.45 -10.82
N GLY A 1 12.43 -35.34 9.51
CA GLY A 1 11.58 -34.17 9.46
C GLY A 1 10.47 -34.30 8.45
N SER A 2 9.29 -34.69 8.91
CA SER A 2 8.14 -34.85 8.03
C SER A 2 8.06 -33.71 7.02
N GLU A 3 7.49 -34.00 5.85
CA GLU A 3 7.35 -32.99 4.80
C GLU A 3 6.08 -32.18 4.99
N GLY A 4 5.97 -31.08 4.27
CA GLY A 4 4.79 -30.23 4.37
C GLY A 4 4.75 -29.16 3.29
N ALA A 5 4.75 -29.59 2.03
CA ALA A 5 4.71 -28.67 0.91
C ALA A 5 3.33 -28.03 0.77
N ALA A 6 3.32 -26.74 0.45
CA ALA A 6 2.06 -26.01 0.29
C ALA A 6 2.28 -24.71 -0.46
N THR A 7 1.65 -24.59 -1.64
CA THR A 7 1.78 -23.40 -2.46
C THR A 7 0.67 -22.40 -2.14
N MET A 8 0.91 -21.57 -1.12
CA MET A 8 -0.06 -20.56 -0.72
C MET A 8 0.60 -19.20 -0.52
N ALA A 9 -0.12 -18.14 -0.85
CA ALA A 9 0.40 -16.79 -0.70
C ALA A 9 0.32 -16.31 0.74
N THR A 10 1.01 -15.22 1.05
CA THR A 10 1.02 -14.67 2.39
C THR A 10 1.12 -13.14 2.36
N PHE A 11 0.30 -12.48 3.18
CA PHE A 11 0.29 -11.03 3.24
C PHE A 11 0.42 -10.55 4.69
N GLU A 12 1.33 -9.62 4.92
CA GLU A 12 1.56 -9.07 6.25
C GLU A 12 1.31 -7.56 6.28
N GLU A 13 0.50 -7.11 7.24
CA GLU A 13 0.18 -5.70 7.36
C GLU A 13 1.20 -4.99 8.24
N VAL A 14 1.97 -4.09 7.65
CA VAL A 14 2.98 -3.34 8.38
C VAL A 14 2.67 -1.85 8.38
N SER A 15 2.23 -1.34 9.53
CA SER A 15 1.89 0.07 9.67
C SER A 15 3.15 0.91 9.91
N VAL A 16 3.21 2.07 9.25
CA VAL A 16 4.36 2.96 9.40
C VAL A 16 3.96 4.41 9.14
N LEU A 17 4.72 5.34 9.69
CA LEU A 17 4.46 6.76 9.52
C LEU A 17 5.73 7.52 9.19
N GLY A 18 5.83 7.99 7.94
CA GLY A 18 7.01 8.74 7.53
C GLY A 18 7.86 7.96 6.54
N PHE A 19 8.88 8.62 6.02
CA PHE A 19 9.78 7.98 5.05
C PHE A 19 10.84 7.14 5.76
N GLU A 20 11.21 7.57 6.97
CA GLU A 20 12.22 6.86 7.75
C GLU A 20 11.82 5.40 7.95
N GLU A 21 10.73 5.20 8.69
CA GLU A 21 10.24 3.84 8.97
C GLU A 21 9.95 3.09 7.67
N PHE A 22 9.11 3.70 6.83
CA PHE A 22 8.74 3.09 5.56
C PHE A 22 9.95 2.44 4.89
N ASP A 23 11.04 3.20 4.83
CA ASP A 23 12.28 2.70 4.21
C ASP A 23 12.69 1.36 4.82
N LYS A 24 12.77 1.32 6.15
CA LYS A 24 13.16 0.11 6.85
C LYS A 24 12.23 -1.05 6.48
N ALA A 25 10.94 -0.88 6.73
CA ALA A 25 9.95 -1.90 6.42
C ALA A 25 10.11 -2.40 4.99
N VAL A 26 10.56 -1.52 4.10
CA VAL A 26 10.77 -1.87 2.70
C VAL A 26 12.01 -2.75 2.53
N LYS A 27 13.17 -2.16 2.79
CA LYS A 27 14.43 -2.89 2.65
C LYS A 27 14.40 -4.18 3.45
N GLU A 28 13.65 -4.18 4.55
CA GLU A 28 13.54 -5.35 5.41
C GLU A 28 12.91 -6.52 4.65
N HIS A 29 11.88 -6.22 3.87
CA HIS A 29 11.18 -7.24 3.10
C HIS A 29 11.62 -7.19 1.63
N GLU A 30 12.76 -6.56 1.38
CA GLU A 30 13.28 -6.45 0.03
C GLU A 30 13.34 -7.81 -0.66
N SER A 31 13.59 -8.86 0.12
CA SER A 31 13.66 -10.21 -0.41
C SER A 31 12.35 -10.60 -1.09
N LYS A 32 11.23 -10.24 -0.48
CA LYS A 32 9.92 -10.55 -1.02
C LYS A 32 9.24 -9.28 -1.54
N THR A 33 8.10 -9.46 -2.20
CA THR A 33 7.35 -8.33 -2.73
C THR A 33 6.91 -7.38 -1.63
N ILE A 34 6.82 -6.09 -1.95
CA ILE A 34 6.41 -5.09 -0.99
C ILE A 34 5.34 -4.16 -1.57
N PHE A 35 4.33 -3.86 -0.75
CA PHE A 35 3.24 -2.99 -1.20
C PHE A 35 3.10 -1.80 -0.26
N ALA A 36 3.48 -0.62 -0.75
CA ALA A 36 3.40 0.60 0.05
C ALA A 36 2.11 1.37 -0.27
N TYR A 37 1.30 1.58 0.75
CA TYR A 37 0.04 2.30 0.58
C TYR A 37 0.14 3.71 1.16
N PHE A 38 0.59 4.65 0.33
CA PHE A 38 0.73 6.04 0.76
C PHE A 38 -0.63 6.73 0.81
N SER A 39 -1.11 6.97 2.03
CA SER A 39 -2.41 7.62 2.22
C SER A 39 -2.41 8.43 3.52
N GLY A 40 -3.14 9.55 3.50
CA GLY A 40 -3.21 10.40 4.66
C GLY A 40 -3.34 9.61 5.95
N SER A 41 -2.94 10.22 7.07
CA SER A 41 -3.01 9.55 8.36
C SER A 41 -4.45 9.43 8.85
N LYS A 42 -4.69 8.51 9.78
CA LYS A 42 -6.02 8.30 10.32
C LYS A 42 -6.25 9.18 11.55
N ASP A 43 -7.49 9.62 11.72
CA ASP A 43 -7.85 10.48 12.86
C ASP A 43 -8.20 9.62 14.08
N THR A 44 -8.64 10.29 15.14
CA THR A 44 -9.01 9.60 16.37
C THR A 44 -10.05 8.53 16.11
N GLU A 45 -11.00 8.83 15.23
CA GLU A 45 -12.07 7.90 14.88
C GLU A 45 -11.51 6.69 14.13
N GLY A 46 -10.36 6.90 13.48
CA GLY A 46 -9.74 5.82 12.73
C GLY A 46 -10.02 5.92 11.25
N LYS A 47 -10.08 7.14 10.73
CA LYS A 47 -10.35 7.37 9.31
C LYS A 47 -9.54 8.54 8.79
N SER A 48 -9.04 8.41 7.55
CA SER A 48 -8.24 9.46 6.94
C SER A 48 -9.12 10.63 6.51
N TRP A 49 -8.59 11.83 6.65
CA TRP A 49 -9.32 13.05 6.28
C TRP A 49 -10.05 12.86 4.94
N CYS A 50 -9.43 12.11 4.04
CA CYS A 50 -10.00 11.84 2.73
C CYS A 50 -10.96 10.66 2.78
N PRO A 51 -12.14 10.82 2.17
CA PRO A 51 -13.16 9.78 2.13
C PRO A 51 -12.77 8.60 1.25
N ASP A 52 -12.33 8.90 0.03
CA ASP A 52 -11.91 7.87 -0.91
C ASP A 52 -11.04 6.83 -0.22
N CYS A 53 -9.91 7.26 0.32
CA CYS A 53 -9.01 6.36 1.02
C CYS A 53 -9.76 5.42 1.95
N VAL A 54 -10.61 6.00 2.79
CA VAL A 54 -11.40 5.21 3.74
C VAL A 54 -12.26 4.17 3.01
N GLU A 55 -12.66 4.50 1.79
CA GLU A 55 -13.48 3.60 1.00
C GLU A 55 -12.60 2.66 0.16
N ALA A 56 -11.33 3.03 0.01
CA ALA A 56 -10.39 2.22 -0.75
C ALA A 56 -9.65 1.24 0.14
N GLU A 57 -9.51 1.58 1.41
CA GLU A 57 -8.83 0.74 2.37
C GLU A 57 -9.38 -0.69 2.34
N PRO A 58 -10.72 -0.80 2.47
CA PRO A 58 -11.40 -2.09 2.47
C PRO A 58 -11.39 -2.75 1.09
N VAL A 59 -11.01 -1.98 0.08
CA VAL A 59 -10.94 -2.49 -1.29
C VAL A 59 -9.56 -3.07 -1.60
N ILE A 60 -8.53 -2.44 -1.05
CA ILE A 60 -7.16 -2.89 -1.26
C ILE A 60 -6.84 -4.11 -0.40
N ARG A 61 -7.19 -4.03 0.88
CA ARG A 61 -6.94 -5.13 1.81
C ARG A 61 -7.66 -6.40 1.35
N GLU A 62 -8.80 -6.22 0.70
CA GLU A 62 -9.58 -7.36 0.20
C GLU A 62 -8.77 -8.19 -0.79
N GLY A 63 -8.27 -7.52 -1.83
CA GLY A 63 -7.49 -8.20 -2.84
C GLY A 63 -6.22 -8.83 -2.28
N LEU A 64 -5.61 -8.15 -1.32
CA LEU A 64 -4.39 -8.64 -0.69
C LEU A 64 -4.57 -10.07 -0.20
N LYS A 65 -5.82 -10.50 -0.06
CA LYS A 65 -6.14 -11.84 0.41
C LYS A 65 -6.07 -12.84 -0.75
N HIS A 66 -6.42 -12.38 -1.94
CA HIS A 66 -6.40 -13.24 -3.13
C HIS A 66 -5.08 -13.09 -3.88
N VAL A 67 -4.04 -12.65 -3.17
CA VAL A 67 -2.74 -12.46 -3.77
C VAL A 67 -2.06 -13.81 -4.05
N THR A 68 -1.36 -13.89 -5.18
CA THR A 68 -0.67 -15.12 -5.56
C THR A 68 0.85 -14.97 -5.41
N GLU A 69 1.26 -14.22 -4.39
CA GLU A 69 2.68 -14.00 -4.14
C GLU A 69 2.91 -13.51 -2.71
N ASP A 70 3.85 -14.14 -2.02
CA ASP A 70 4.17 -13.76 -0.65
C ASP A 70 4.71 -12.34 -0.58
N CYS A 71 3.85 -11.40 -0.23
CA CYS A 71 4.23 -10.00 -0.12
C CYS A 71 4.02 -9.47 1.29
N VAL A 72 4.48 -8.25 1.54
CA VAL A 72 4.34 -7.63 2.86
C VAL A 72 3.78 -6.23 2.74
N PHE A 73 2.46 -6.10 2.91
CA PHE A 73 1.80 -4.80 2.83
C PHE A 73 2.42 -3.81 3.81
N ILE A 74 2.44 -2.54 3.42
CA ILE A 74 3.00 -1.49 4.27
C ILE A 74 2.12 -0.25 4.27
N TYR A 75 1.40 -0.05 5.36
CA TYR A 75 0.51 1.10 5.50
C TYR A 75 1.29 2.35 5.92
N CYS A 76 1.79 3.08 4.93
CA CYS A 76 2.56 4.30 5.20
C CYS A 76 1.67 5.53 5.07
N GLN A 77 1.76 6.42 6.05
CA GLN A 77 0.98 7.65 6.04
C GLN A 77 1.85 8.86 5.75
N VAL A 78 1.56 9.55 4.66
CA VAL A 78 2.32 10.73 4.26
C VAL A 78 2.43 11.73 5.42
N GLY A 79 1.36 11.82 6.21
CA GLY A 79 1.36 12.73 7.34
C GLY A 79 -0.02 13.31 7.61
N ASP A 80 -0.14 14.62 7.42
CA ASP A 80 -1.42 15.31 7.64
C ASP A 80 -2.08 15.65 6.31
N LYS A 81 -3.27 16.25 6.39
CA LYS A 81 -4.01 16.63 5.20
C LYS A 81 -3.29 17.75 4.44
N PRO A 82 -3.05 18.87 5.14
CA PRO A 82 -2.37 20.03 4.55
C PRO A 82 -0.90 19.76 4.30
N TYR A 83 -0.42 18.61 4.75
CA TYR A 83 0.97 18.23 4.59
C TYR A 83 1.20 17.56 3.23
N TRP A 84 0.26 16.70 2.85
CA TRP A 84 0.34 15.99 1.58
C TRP A 84 0.55 16.96 0.42
N LYS A 85 -0.14 18.10 0.48
CA LYS A 85 -0.03 19.11 -0.55
C LYS A 85 1.42 19.54 -0.76
N ASP A 86 2.14 19.72 0.34
CA ASP A 86 3.55 20.12 0.27
C ASP A 86 4.25 19.44 -0.90
N PRO A 87 4.50 20.22 -1.97
CA PRO A 87 5.17 19.72 -3.16
C PRO A 87 6.64 19.41 -2.92
N ASN A 88 7.15 19.82 -1.76
CA ASN A 88 8.54 19.58 -1.41
C ASN A 88 8.67 18.40 -0.45
N ASN A 89 7.72 17.48 -0.54
CA ASN A 89 7.73 16.30 0.31
C ASN A 89 8.60 15.19 -0.29
N ASP A 90 9.18 14.36 0.58
CA ASP A 90 10.03 13.27 0.13
C ASP A 90 9.23 12.25 -0.67
N PHE A 91 7.91 12.34 -0.57
CA PHE A 91 7.03 11.42 -1.29
C PHE A 91 6.91 11.81 -2.75
N ARG A 92 6.90 13.11 -3.02
CA ARG A 92 6.78 13.63 -4.38
C ARG A 92 8.16 13.93 -4.96
N GLN A 93 9.18 13.90 -4.10
CA GLN A 93 10.54 14.18 -4.53
C GLN A 93 11.30 12.89 -4.81
N LYS A 94 11.23 11.95 -3.87
CA LYS A 94 11.91 10.67 -4.01
C LYS A 94 10.97 9.61 -4.58
N LEU A 95 9.83 9.43 -3.93
CA LEU A 95 8.83 8.45 -4.38
C LEU A 95 8.08 8.97 -5.59
N LYS A 96 8.09 10.29 -5.78
CA LYS A 96 7.41 10.91 -6.90
C LYS A 96 5.96 10.41 -7.01
N ILE A 97 5.24 10.47 -5.89
CA ILE A 97 3.86 10.04 -5.86
C ILE A 97 2.98 10.90 -6.75
N THR A 98 1.91 10.31 -7.28
CA THR A 98 0.99 11.03 -8.15
C THR A 98 -0.18 11.62 -7.36
N ALA A 99 -0.96 10.74 -6.73
CA ALA A 99 -2.10 11.17 -5.94
C ALA A 99 -2.53 10.08 -4.95
N VAL A 100 -2.51 10.42 -3.67
CA VAL A 100 -2.90 9.47 -2.63
C VAL A 100 -4.42 9.34 -2.54
N PRO A 101 -4.88 8.14 -2.14
CA PRO A 101 -4.00 7.02 -1.80
C PRO A 101 -3.30 6.45 -3.04
N THR A 102 -1.99 6.23 -2.91
CA THR A 102 -1.21 5.69 -4.02
C THR A 102 -0.63 4.33 -3.66
N LEU A 103 -1.11 3.29 -4.34
CA LEU A 103 -0.64 1.93 -4.09
C LEU A 103 0.46 1.55 -5.08
N LEU A 104 1.70 1.65 -4.64
CA LEU A 104 2.84 1.32 -5.48
C LEU A 104 3.36 -0.09 -5.16
N LYS A 105 3.60 -0.87 -6.20
CA LYS A 105 4.10 -2.24 -6.04
C LYS A 105 5.62 -2.28 -6.14
N TYR A 106 6.29 -2.12 -5.01
CA TYR A 106 7.75 -2.14 -4.98
C TYR A 106 8.30 -3.25 -5.88
N GLY A 107 8.91 -2.85 -6.99
CA GLY A 107 9.48 -3.82 -7.91
C GLY A 107 8.96 -3.65 -9.32
N THR A 108 7.70 -3.24 -9.44
CA THR A 108 7.08 -3.04 -10.75
C THR A 108 6.48 -1.65 -10.86
N PRO A 109 6.47 -1.10 -12.09
CA PRO A 109 5.91 0.23 -12.36
C PRO A 109 4.40 0.28 -12.21
N GLN A 110 3.81 -0.86 -11.85
CA GLN A 110 2.36 -0.95 -11.68
C GLN A 110 1.94 -0.33 -10.35
N LYS A 111 1.04 0.64 -10.41
CA LYS A 111 0.54 1.31 -9.22
C LYS A 111 -0.93 1.68 -9.37
N LEU A 112 -1.64 1.72 -8.25
CA LEU A 112 -3.06 2.07 -8.27
C LEU A 112 -3.31 3.38 -7.56
N VAL A 113 -3.89 4.34 -8.28
CA VAL A 113 -4.18 5.66 -7.71
C VAL A 113 -5.51 5.65 -6.97
N GLU A 114 -5.84 6.77 -6.34
CA GLU A 114 -7.08 6.90 -5.59
C GLU A 114 -8.19 6.06 -6.24
N SER A 115 -8.55 6.42 -7.47
CA SER A 115 -9.59 5.72 -8.20
C SER A 115 -9.27 4.24 -8.32
N GLU A 116 -8.02 3.94 -8.67
CA GLU A 116 -7.58 2.55 -8.82
C GLU A 116 -7.45 1.88 -7.46
N CYS A 117 -7.55 2.66 -6.40
CA CYS A 117 -7.44 2.14 -5.04
C CYS A 117 -8.81 1.72 -4.50
N CYS A 118 -9.86 2.17 -5.17
CA CYS A 118 -11.22 1.84 -4.76
C CYS A 118 -11.84 0.82 -5.70
N GLN A 119 -11.16 0.55 -6.82
CA GLN A 119 -11.64 -0.41 -7.80
C GLN A 119 -11.00 -1.78 -7.59
N SER A 120 -11.66 -2.62 -6.81
CA SER A 120 -11.16 -3.96 -6.52
C SER A 120 -10.64 -4.62 -7.78
N SER A 121 -11.43 -4.55 -8.85
CA SER A 121 -11.05 -5.14 -10.13
C SER A 121 -9.56 -5.01 -10.37
N LEU A 122 -9.00 -3.86 -9.98
CA LEU A 122 -7.58 -3.59 -10.16
C LEU A 122 -6.77 -4.13 -8.98
N VAL A 123 -7.33 -4.00 -7.78
CA VAL A 123 -6.67 -4.47 -6.57
C VAL A 123 -6.34 -5.96 -6.68
N GLU A 124 -7.34 -6.77 -6.96
CA GLU A 124 -7.16 -8.21 -7.09
C GLU A 124 -6.28 -8.54 -8.29
N MET A 125 -6.29 -7.65 -9.28
CA MET A 125 -5.48 -7.85 -10.49
C MET A 125 -4.00 -7.67 -10.18
N ILE A 126 -3.64 -6.50 -9.67
CA ILE A 126 -2.24 -6.21 -9.34
C ILE A 126 -1.66 -7.29 -8.43
N PHE A 127 -2.54 -8.00 -7.72
CA PHE A 127 -2.11 -9.06 -6.82
C PHE A 127 -2.13 -10.41 -7.51
N SER A 128 -3.16 -10.65 -8.31
CA SER A 128 -3.29 -11.91 -9.04
C SER A 128 -2.15 -12.08 -10.04
N GLU A 129 -1.90 -11.04 -10.83
CA GLU A 129 -0.84 -11.08 -11.82
C GLU A 129 0.39 -10.32 -11.33
N ASP A 130 1.46 -11.06 -11.06
CA ASP A 130 2.71 -10.46 -10.59
C ASP A 130 3.17 -9.34 -11.53
N GLY A 1 3.05 -35.77 6.78
CA GLY A 1 3.27 -34.94 5.61
C GLY A 1 2.50 -35.42 4.39
N SER A 2 1.17 -35.33 4.47
CA SER A 2 0.32 -35.76 3.37
C SER A 2 0.82 -35.22 2.04
N GLU A 3 0.61 -35.99 0.97
CA GLU A 3 1.03 -35.58 -0.36
C GLU A 3 -0.05 -34.74 -1.05
N GLY A 4 0.34 -34.06 -2.12
CA GLY A 4 -0.60 -33.22 -2.85
C GLY A 4 -1.15 -32.09 -2.01
N ALA A 5 -0.24 -31.29 -1.43
CA ALA A 5 -0.63 -30.16 -0.61
C ALA A 5 -0.16 -28.84 -1.21
N ALA A 6 -1.11 -28.01 -1.61
CA ALA A 6 -0.79 -26.71 -2.20
C ALA A 6 -0.72 -25.63 -1.14
N THR A 7 0.36 -24.85 -1.16
CA THR A 7 0.54 -23.77 -0.20
C THR A 7 0.05 -22.45 -0.76
N MET A 8 -0.78 -21.75 0.01
CA MET A 8 -1.33 -20.47 -0.41
C MET A 8 -0.29 -19.36 -0.25
N ALA A 9 -0.66 -18.14 -0.64
CA ALA A 9 0.24 -17.01 -0.54
C ALA A 9 0.27 -16.44 0.88
N THR A 10 1.33 -15.74 1.23
CA THR A 10 1.47 -15.16 2.55
C THR A 10 1.49 -13.63 2.48
N PHE A 11 0.56 -13.01 3.20
CA PHE A 11 0.46 -11.55 3.22
C PHE A 11 0.58 -11.02 4.64
N GLU A 12 1.56 -10.15 4.87
CA GLU A 12 1.77 -9.57 6.19
C GLU A 12 1.37 -8.09 6.21
N GLU A 13 0.54 -7.72 7.16
CA GLU A 13 0.07 -6.34 7.29
C GLU A 13 1.00 -5.54 8.20
N VAL A 14 1.58 -4.47 7.64
CA VAL A 14 2.48 -3.62 8.40
C VAL A 14 1.96 -2.19 8.48
N SER A 15 2.40 -1.47 9.50
CA SER A 15 1.97 -0.08 9.70
C SER A 15 3.16 0.83 9.96
N VAL A 16 3.35 1.82 9.10
CA VAL A 16 4.45 2.76 9.24
C VAL A 16 3.99 4.19 9.02
N LEU A 17 4.72 5.14 9.60
CA LEU A 17 4.39 6.56 9.47
C LEU A 17 5.62 7.37 9.10
N GLY A 18 5.58 7.99 7.93
CA GLY A 18 6.70 8.80 7.48
C GLY A 18 7.53 8.12 6.42
N PHE A 19 8.66 8.72 6.07
CA PHE A 19 9.54 8.16 5.06
C PHE A 19 10.56 7.21 5.69
N GLU A 20 11.30 7.72 6.68
CA GLU A 20 12.32 6.93 7.36
C GLU A 20 11.75 5.56 7.75
N GLU A 21 10.74 5.56 8.61
CA GLU A 21 10.12 4.32 9.06
C GLU A 21 9.69 3.46 7.88
N PHE A 22 9.08 4.10 6.89
CA PHE A 22 8.62 3.40 5.69
C PHE A 22 9.78 2.64 5.03
N ASP A 23 10.75 3.39 4.51
CA ASP A 23 11.90 2.78 3.85
C ASP A 23 12.44 1.60 4.66
N LYS A 24 12.66 1.83 5.94
CA LYS A 24 13.17 0.79 6.83
C LYS A 24 12.36 -0.49 6.68
N ALA A 25 11.05 -0.38 6.83
CA ALA A 25 10.17 -1.54 6.71
C ALA A 25 10.34 -2.22 5.36
N VAL A 26 10.53 -1.43 4.31
CA VAL A 26 10.71 -1.95 2.97
C VAL A 26 12.04 -2.69 2.84
N LYS A 27 13.13 -1.94 2.97
CA LYS A 27 14.46 -2.53 2.87
C LYS A 27 14.58 -3.78 3.72
N GLU A 28 13.68 -3.91 4.70
CA GLU A 28 13.69 -5.07 5.58
C GLU A 28 12.99 -6.26 4.92
N HIS A 29 11.93 -5.98 4.19
CA HIS A 29 11.18 -7.03 3.49
C HIS A 29 11.59 -7.12 2.02
N GLU A 30 12.67 -6.44 1.68
CA GLU A 30 13.18 -6.44 0.32
C GLU A 30 13.25 -7.86 -0.24
N SER A 31 13.74 -8.78 0.58
CA SER A 31 13.87 -10.18 0.19
C SER A 31 12.63 -10.65 -0.57
N LYS A 32 11.49 -10.09 -0.20
CA LYS A 32 10.22 -10.45 -0.84
C LYS A 32 9.48 -9.20 -1.31
N THR A 33 8.47 -9.41 -2.15
CA THR A 33 7.68 -8.31 -2.69
C THR A 33 7.19 -7.39 -1.56
N ILE A 34 7.02 -6.12 -1.88
CA ILE A 34 6.55 -5.14 -0.90
C ILE A 34 5.46 -4.25 -1.49
N PHE A 35 4.43 -3.99 -0.70
CA PHE A 35 3.32 -3.15 -1.14
C PHE A 35 3.14 -1.95 -0.20
N ALA A 36 3.51 -0.78 -0.68
CA ALA A 36 3.39 0.44 0.11
C ALA A 36 2.10 1.18 -0.22
N TYR A 37 1.26 1.40 0.80
CA TYR A 37 0.00 2.10 0.62
C TYR A 37 0.06 3.51 1.17
N PHE A 38 0.58 4.43 0.37
CA PHE A 38 0.71 5.82 0.78
C PHE A 38 -0.66 6.49 0.87
N SER A 39 -1.20 6.58 2.08
CA SER A 39 -2.52 7.19 2.31
C SER A 39 -2.44 8.22 3.42
N GLY A 40 -3.38 9.17 3.39
CA GLY A 40 -3.41 10.22 4.39
C GLY A 40 -3.41 9.66 5.81
N SER A 41 -2.97 10.48 6.76
CA SER A 41 -2.90 10.06 8.16
C SER A 41 -4.29 9.67 8.67
N LYS A 42 -4.32 8.83 9.69
CA LYS A 42 -5.58 8.39 10.28
C LYS A 42 -5.86 9.13 11.58
N ASP A 43 -7.14 9.25 11.92
CA ASP A 43 -7.55 9.93 13.14
C ASP A 43 -7.51 8.99 14.34
N THR A 44 -7.96 9.48 15.49
CA THR A 44 -7.98 8.67 16.70
C THR A 44 -8.84 7.43 16.54
N GLU A 45 -9.95 7.57 15.80
CA GLU A 45 -10.85 6.46 15.57
C GLU A 45 -10.30 5.53 14.50
N GLY A 46 -9.43 6.06 13.64
CA GLY A 46 -8.85 5.25 12.59
C GLY A 46 -9.40 5.60 11.22
N LYS A 47 -9.74 6.87 11.03
CA LYS A 47 -10.29 7.33 9.75
C LYS A 47 -9.46 8.48 9.20
N SER A 48 -9.03 8.34 7.95
CA SER A 48 -8.23 9.37 7.30
C SER A 48 -9.10 10.50 6.79
N TRP A 49 -8.58 11.73 6.86
CA TRP A 49 -9.32 12.90 6.41
C TRP A 49 -9.96 12.66 5.04
N CYS A 50 -9.20 12.06 4.13
CA CYS A 50 -9.69 11.77 2.79
C CYS A 50 -10.75 10.67 2.84
N PRO A 51 -11.92 10.96 2.24
CA PRO A 51 -13.04 10.01 2.19
C PRO A 51 -12.76 8.82 1.28
N ASP A 52 -11.90 9.03 0.29
CA ASP A 52 -11.54 7.97 -0.65
C ASP A 52 -10.67 6.92 0.03
N CYS A 53 -9.65 7.38 0.76
CA CYS A 53 -8.74 6.47 1.44
C CYS A 53 -9.50 5.51 2.34
N VAL A 54 -10.63 5.98 2.88
CA VAL A 54 -11.45 5.15 3.75
C VAL A 54 -12.29 4.16 2.95
N GLU A 55 -12.57 4.53 1.70
CA GLU A 55 -13.38 3.67 0.83
C GLU A 55 -12.49 2.66 0.09
N ALA A 56 -11.23 3.04 -0.12
CA ALA A 56 -10.28 2.18 -0.81
C ALA A 56 -9.65 1.17 0.16
N GLU A 57 -9.47 1.60 1.40
CA GLU A 57 -8.87 0.74 2.42
C GLU A 57 -9.43 -0.68 2.32
N PRO A 58 -10.76 -0.81 2.47
CA PRO A 58 -11.44 -2.09 2.40
C PRO A 58 -11.43 -2.69 0.99
N VAL A 59 -11.06 -1.87 0.01
CA VAL A 59 -11.00 -2.31 -1.37
C VAL A 59 -9.63 -2.86 -1.72
N ILE A 60 -8.61 -2.39 -1.02
CA ILE A 60 -7.24 -2.82 -1.25
C ILE A 60 -6.89 -4.02 -0.36
N ARG A 61 -7.30 -3.95 0.90
CA ARG A 61 -7.03 -5.02 1.85
C ARG A 61 -7.70 -6.31 1.41
N GLU A 62 -8.94 -6.20 0.94
CA GLU A 62 -9.69 -7.36 0.48
C GLU A 62 -8.97 -8.06 -0.67
N GLY A 63 -8.52 -7.28 -1.64
CA GLY A 63 -7.83 -7.83 -2.79
C GLY A 63 -6.49 -8.43 -2.42
N LEU A 64 -5.81 -7.81 -1.46
CA LEU A 64 -4.51 -8.29 -1.02
C LEU A 64 -4.56 -9.76 -0.66
N LYS A 65 -5.75 -10.24 -0.32
CA LYS A 65 -5.94 -11.65 0.04
C LYS A 65 -5.89 -12.54 -1.19
N HIS A 66 -6.30 -11.99 -2.33
CA HIS A 66 -6.30 -12.75 -3.58
C HIS A 66 -4.87 -12.92 -4.11
N VAL A 67 -3.98 -12.04 -3.68
CA VAL A 67 -2.58 -12.10 -4.10
C VAL A 67 -2.07 -13.54 -4.09
N THR A 68 -1.27 -13.89 -5.09
CA THR A 68 -0.70 -15.23 -5.19
C THR A 68 0.82 -15.19 -5.14
N GLU A 69 1.36 -14.17 -4.47
CA GLU A 69 2.80 -14.02 -4.33
C GLU A 69 3.17 -13.52 -2.94
N ASP A 70 3.90 -14.35 -2.19
CA ASP A 70 4.32 -13.98 -0.85
C ASP A 70 4.86 -12.55 -0.81
N CYS A 71 4.02 -11.62 -0.39
CA CYS A 71 4.41 -10.21 -0.31
C CYS A 71 4.24 -9.68 1.10
N VAL A 72 4.70 -8.46 1.33
CA VAL A 72 4.60 -7.83 2.64
C VAL A 72 3.99 -6.43 2.54
N PHE A 73 2.69 -6.34 2.83
CA PHE A 73 1.98 -5.07 2.78
C PHE A 73 2.58 -4.07 3.75
N ILE A 74 2.47 -2.78 3.41
CA ILE A 74 3.01 -1.72 4.27
C ILE A 74 2.11 -0.48 4.22
N TYR A 75 1.37 -0.27 5.29
CA TYR A 75 0.47 0.89 5.38
C TYR A 75 1.23 2.12 5.84
N CYS A 76 1.76 2.86 4.87
CA CYS A 76 2.52 4.08 5.16
C CYS A 76 1.62 5.31 5.06
N GLN A 77 1.75 6.21 6.02
CA GLN A 77 0.96 7.43 6.05
C GLN A 77 1.80 8.64 5.66
N VAL A 78 1.40 9.31 4.59
CA VAL A 78 2.13 10.49 4.12
C VAL A 78 2.18 11.58 5.20
N GLY A 79 1.01 11.89 5.75
CA GLY A 79 0.94 12.91 6.79
C GLY A 79 -0.46 13.47 6.95
N ASP A 80 -0.54 14.77 7.21
CA ASP A 80 -1.82 15.44 7.39
C ASP A 80 -2.28 16.08 6.09
N LYS A 81 -3.51 16.60 6.10
CA LYS A 81 -4.07 17.24 4.91
C LYS A 81 -3.17 18.35 4.41
N PRO A 82 -2.79 19.27 5.32
CA PRO A 82 -1.91 20.39 4.98
C PRO A 82 -0.48 19.95 4.69
N TYR A 83 -0.20 18.67 4.90
CA TYR A 83 1.12 18.11 4.65
C TYR A 83 1.24 17.57 3.24
N TRP A 84 0.32 16.68 2.88
CA TRP A 84 0.31 16.08 1.55
C TRP A 84 0.46 17.15 0.47
N LYS A 85 -0.29 18.24 0.63
CA LYS A 85 -0.24 19.34 -0.33
C LYS A 85 1.20 19.76 -0.61
N ASP A 86 2.00 19.81 0.44
CA ASP A 86 3.40 20.21 0.29
C ASP A 86 4.03 19.54 -0.92
N PRO A 87 4.22 20.34 -1.99
CA PRO A 87 4.81 19.85 -3.24
C PRO A 87 6.30 19.54 -3.10
N ASN A 88 6.90 20.02 -2.02
CA ASN A 88 8.31 19.79 -1.77
C ASN A 88 8.51 18.65 -0.76
N ASN A 89 7.58 17.70 -0.77
CA ASN A 89 7.65 16.57 0.14
C ASN A 89 8.54 15.47 -0.44
N ASP A 90 9.08 14.63 0.45
CA ASP A 90 9.94 13.53 0.03
C ASP A 90 9.14 12.47 -0.72
N PHE A 91 7.82 12.53 -0.61
CA PHE A 91 6.94 11.57 -1.27
C PHE A 91 6.78 11.91 -2.75
N ARG A 92 6.73 13.20 -3.05
CA ARG A 92 6.57 13.67 -4.42
C ARG A 92 7.93 13.94 -5.06
N GLN A 93 8.96 13.98 -4.23
CA GLN A 93 10.31 14.24 -4.71
C GLN A 93 11.09 12.94 -4.87
N LYS A 94 11.10 12.13 -3.81
CA LYS A 94 11.80 10.85 -3.83
C LYS A 94 10.92 9.75 -4.40
N LEU A 95 9.75 9.58 -3.82
CA LEU A 95 8.81 8.55 -4.28
C LEU A 95 8.04 9.03 -5.50
N LYS A 96 8.02 10.34 -5.71
CA LYS A 96 7.31 10.93 -6.84
C LYS A 96 5.88 10.42 -6.92
N ILE A 97 5.15 10.52 -5.81
CA ILE A 97 3.78 10.07 -5.75
C ILE A 97 2.87 10.96 -6.60
N THR A 98 1.91 10.34 -7.27
CA THR A 98 0.98 11.08 -8.12
C THR A 98 -0.18 11.64 -7.31
N ALA A 99 -0.98 10.75 -6.72
CA ALA A 99 -2.12 11.16 -5.92
C ALA A 99 -2.51 10.07 -4.92
N VAL A 100 -2.56 10.43 -3.64
CA VAL A 100 -2.92 9.47 -2.59
C VAL A 100 -4.42 9.26 -2.54
N PRO A 101 -4.83 8.05 -2.15
CA PRO A 101 -3.90 6.98 -1.80
C PRO A 101 -3.15 6.44 -3.01
N THR A 102 -1.88 6.10 -2.80
CA THR A 102 -1.05 5.58 -3.88
C THR A 102 -0.53 4.18 -3.55
N LEU A 103 -0.95 3.19 -4.32
CA LEU A 103 -0.52 1.82 -4.10
C LEU A 103 0.60 1.44 -5.07
N LEU A 104 1.84 1.57 -4.61
CA LEU A 104 2.99 1.24 -5.43
C LEU A 104 3.51 -0.16 -5.09
N LYS A 105 3.67 -0.98 -6.12
CA LYS A 105 4.16 -2.34 -5.95
C LYS A 105 5.69 -2.39 -6.07
N TYR A 106 6.36 -2.29 -4.93
CA TYR A 106 7.83 -2.31 -4.90
C TYR A 106 8.36 -3.45 -5.78
N GLY A 107 9.00 -3.08 -6.88
CA GLY A 107 9.55 -4.08 -7.78
C GLY A 107 9.05 -3.92 -9.21
N THR A 108 7.82 -3.41 -9.35
CA THR A 108 7.22 -3.21 -10.65
C THR A 108 6.61 -1.83 -10.77
N PRO A 109 6.61 -1.27 -12.00
CA PRO A 109 6.05 0.05 -12.27
C PRO A 109 4.53 0.08 -12.16
N GLN A 110 3.95 -1.07 -11.83
CA GLN A 110 2.50 -1.18 -11.69
C GLN A 110 2.04 -0.60 -10.36
N LYS A 111 1.16 0.40 -10.43
CA LYS A 111 0.64 1.05 -9.22
C LYS A 111 -0.83 1.40 -9.40
N LEU A 112 -1.52 1.57 -8.28
CA LEU A 112 -2.95 1.91 -8.32
C LEU A 112 -3.20 3.24 -7.59
N VAL A 113 -3.76 4.20 -8.32
CA VAL A 113 -4.07 5.51 -7.74
C VAL A 113 -5.42 5.50 -7.03
N GLU A 114 -5.75 6.62 -6.40
CA GLU A 114 -7.01 6.74 -5.68
C GLU A 114 -8.11 5.92 -6.36
N SER A 115 -8.44 6.31 -7.58
CA SER A 115 -9.48 5.63 -8.35
C SER A 115 -9.17 4.14 -8.47
N GLU A 116 -7.92 3.82 -8.75
CA GLU A 116 -7.49 2.44 -8.89
C GLU A 116 -7.40 1.75 -7.53
N CYS A 117 -7.50 2.55 -6.47
CA CYS A 117 -7.42 2.03 -5.11
C CYS A 117 -8.81 1.65 -4.60
N CYS A 118 -9.83 2.19 -5.25
CA CYS A 118 -11.21 1.92 -4.86
C CYS A 118 -11.86 0.91 -5.79
N GLN A 119 -11.20 0.65 -6.92
CA GLN A 119 -11.71 -0.29 -7.90
C GLN A 119 -11.11 -1.68 -7.68
N SER A 120 -11.78 -2.50 -6.89
CA SER A 120 -11.30 -3.84 -6.60
C SER A 120 -10.80 -4.53 -7.87
N SER A 121 -11.61 -4.47 -8.93
CA SER A 121 -11.25 -5.09 -10.20
C SER A 121 -9.76 -4.93 -10.48
N LEU A 122 -9.20 -3.80 -10.07
CA LEU A 122 -7.79 -3.52 -10.28
C LEU A 122 -6.96 -4.03 -9.11
N VAL A 123 -7.52 -3.93 -7.90
CA VAL A 123 -6.83 -4.39 -6.70
C VAL A 123 -6.57 -5.89 -6.75
N GLU A 124 -7.61 -6.66 -7.06
CA GLU A 124 -7.49 -8.10 -7.14
C GLU A 124 -6.61 -8.51 -8.33
N MET A 125 -6.37 -7.56 -9.22
CA MET A 125 -5.55 -7.83 -10.40
C MET A 125 -4.07 -7.64 -10.08
N ILE A 126 -3.70 -6.43 -9.65
CA ILE A 126 -2.32 -6.13 -9.31
C ILE A 126 -1.72 -7.21 -8.43
N PHE A 127 -2.57 -7.88 -7.66
CA PHE A 127 -2.13 -8.94 -6.77
C PHE A 127 -2.17 -10.30 -7.47
N SER A 128 -3.30 -10.58 -8.12
CA SER A 128 -3.48 -11.83 -8.82
C SER A 128 -2.33 -12.09 -9.79
N GLU A 129 -2.10 -11.14 -10.69
CA GLU A 129 -1.03 -11.26 -11.68
C GLU A 129 0.28 -11.64 -11.00
N ASP A 130 1.04 -12.51 -11.65
CA ASP A 130 2.33 -12.95 -11.11
C ASP A 130 3.38 -11.86 -11.27
N GLY A 1 4.21 -38.43 7.12
CA GLY A 1 3.42 -37.61 6.22
C GLY A 1 2.61 -36.56 6.95
N SER A 2 2.21 -35.52 6.24
CA SER A 2 1.43 -34.45 6.83
C SER A 2 0.26 -34.07 5.93
N GLU A 3 -0.93 -34.60 6.25
CA GLU A 3 -2.12 -34.32 5.47
C GLU A 3 -2.73 -32.98 5.88
N GLY A 4 -3.08 -32.18 4.87
CA GLY A 4 -3.67 -30.88 5.14
C GLY A 4 -2.67 -29.75 4.97
N ALA A 5 -2.02 -29.70 3.81
CA ALA A 5 -1.05 -28.66 3.52
C ALA A 5 -1.70 -27.46 2.85
N ALA A 6 -1.17 -26.27 3.11
CA ALA A 6 -1.70 -25.05 2.53
C ALA A 6 -0.69 -24.40 1.59
N THR A 7 -1.01 -24.35 0.30
CA THR A 7 -0.13 -23.75 -0.69
C THR A 7 -0.61 -22.37 -1.09
N MET A 8 -1.03 -21.59 -0.10
CA MET A 8 -1.52 -20.24 -0.36
C MET A 8 -0.41 -19.21 -0.14
N ALA A 9 -0.55 -18.05 -0.78
CA ALA A 9 0.45 -16.99 -0.65
C ALA A 9 0.54 -16.49 0.78
N THR A 10 1.45 -15.55 1.03
CA THR A 10 1.63 -14.99 2.36
C THR A 10 1.62 -13.47 2.32
N PHE A 11 0.75 -12.87 3.11
CA PHE A 11 0.63 -11.41 3.16
C PHE A 11 0.89 -10.90 4.58
N GLU A 12 1.83 -9.98 4.71
CA GLU A 12 2.17 -9.41 6.01
C GLU A 12 1.72 -7.95 6.09
N GLU A 13 0.94 -7.64 7.13
CA GLU A 13 0.44 -6.28 7.33
C GLU A 13 1.39 -5.49 8.23
N VAL A 14 1.81 -4.32 7.75
CA VAL A 14 2.70 -3.47 8.52
C VAL A 14 2.13 -2.06 8.67
N SER A 15 2.43 -1.43 9.80
CA SER A 15 1.93 -0.08 10.07
C SER A 15 3.09 0.89 10.31
N VAL A 16 3.19 1.89 9.45
CA VAL A 16 4.26 2.89 9.56
C VAL A 16 3.74 4.28 9.22
N LEU A 17 4.44 5.30 9.72
CA LEU A 17 4.05 6.68 9.45
C LEU A 17 5.27 7.52 9.07
N GLY A 18 5.39 7.81 7.77
CA GLY A 18 6.51 8.60 7.29
C GLY A 18 7.37 7.85 6.30
N PHE A 19 8.38 8.52 5.75
CA PHE A 19 9.27 7.92 4.78
C PHE A 19 10.36 7.10 5.48
N GLU A 20 10.88 7.65 6.58
CA GLU A 20 11.93 6.98 7.33
C GLU A 20 11.51 5.56 7.73
N GLU A 21 10.50 5.47 8.60
CA GLU A 21 10.00 4.18 9.05
C GLU A 21 9.62 3.30 7.86
N PHE A 22 9.00 3.90 6.86
CA PHE A 22 8.58 3.17 5.67
C PHE A 22 9.76 2.46 5.03
N ASP A 23 10.77 3.22 4.63
CA ASP A 23 11.96 2.67 4.01
C ASP A 23 12.50 1.49 4.82
N LYS A 24 12.75 1.74 6.10
CA LYS A 24 13.27 0.69 6.99
C LYS A 24 12.47 -0.59 6.85
N ALA A 25 11.15 -0.47 6.87
CA ALA A 25 10.26 -1.61 6.74
C ALA A 25 10.48 -2.33 5.42
N VAL A 26 10.56 -1.56 4.34
CA VAL A 26 10.77 -2.13 3.01
C VAL A 26 12.06 -2.94 2.95
N LYS A 27 13.19 -2.28 3.17
CA LYS A 27 14.48 -2.94 3.15
C LYS A 27 14.45 -4.22 3.97
N GLU A 28 13.63 -4.23 5.01
CA GLU A 28 13.50 -5.40 5.87
C GLU A 28 12.77 -6.54 5.15
N HIS A 29 11.74 -6.18 4.39
CA HIS A 29 10.96 -7.15 3.65
C HIS A 29 11.39 -7.20 2.18
N GLU A 30 12.57 -6.68 1.91
CA GLU A 30 13.09 -6.66 0.55
C GLU A 30 13.21 -8.07 -0.02
N SER A 31 13.28 -9.05 0.89
CA SER A 31 13.40 -10.45 0.47
C SER A 31 12.27 -10.85 -0.47
N LYS A 32 11.07 -10.34 -0.18
CA LYS A 32 9.90 -10.64 -0.99
C LYS A 32 9.22 -9.36 -1.48
N THR A 33 8.20 -9.51 -2.30
CA THR A 33 7.47 -8.36 -2.84
C THR A 33 6.99 -7.45 -1.71
N ILE A 34 6.94 -6.15 -1.99
CA ILE A 34 6.50 -5.17 -1.01
C ILE A 34 5.47 -4.22 -1.61
N PHE A 35 4.41 -3.95 -0.85
CA PHE A 35 3.35 -3.05 -1.30
C PHE A 35 3.20 -1.88 -0.34
N ALA A 36 3.61 -0.69 -0.79
CA ALA A 36 3.52 0.51 0.03
C ALA A 36 2.25 1.30 -0.31
N TYR A 37 1.44 1.55 0.70
CA TYR A 37 0.19 2.30 0.51
C TYR A 37 0.29 3.69 1.15
N PHE A 38 0.52 4.69 0.31
CA PHE A 38 0.64 6.07 0.78
C PHE A 38 -0.74 6.72 0.87
N SER A 39 -1.25 6.87 2.09
CA SER A 39 -2.55 7.48 2.31
C SER A 39 -2.50 8.46 3.49
N GLY A 40 -3.46 9.38 3.52
CA GLY A 40 -3.50 10.35 4.59
C GLY A 40 -3.68 9.71 5.96
N SER A 41 -2.87 10.13 6.92
CA SER A 41 -2.93 9.59 8.26
C SER A 41 -4.35 9.64 8.81
N LYS A 42 -4.56 9.03 9.97
CA LYS A 42 -5.88 9.00 10.60
C LYS A 42 -6.18 10.33 11.30
N ASP A 43 -7.45 10.66 11.40
CA ASP A 43 -7.86 11.90 12.06
C ASP A 43 -8.21 11.65 13.52
N THR A 44 -8.66 12.71 14.20
CA THR A 44 -9.03 12.60 15.61
C THR A 44 -10.15 11.59 15.81
N GLU A 45 -11.01 11.47 14.81
CA GLU A 45 -12.13 10.54 14.89
C GLU A 45 -11.66 9.10 14.78
N GLY A 46 -10.45 8.91 14.23
CA GLY A 46 -9.90 7.58 14.09
C GLY A 46 -9.91 7.10 12.65
N LYS A 47 -10.30 7.98 11.74
CA LYS A 47 -10.36 7.64 10.33
C LYS A 47 -9.65 8.70 9.48
N SER A 48 -9.05 8.27 8.38
CA SER A 48 -8.33 9.17 7.49
C SER A 48 -9.19 10.38 7.15
N TRP A 49 -8.55 11.55 7.09
CA TRP A 49 -9.27 12.79 6.78
C TRP A 49 -9.96 12.68 5.42
N CYS A 50 -9.32 12.02 4.48
CA CYS A 50 -9.87 11.85 3.14
C CYS A 50 -10.89 10.71 3.12
N PRO A 51 -12.03 10.95 2.47
CA PRO A 51 -13.11 9.95 2.37
C PRO A 51 -12.73 8.78 1.46
N ASP A 52 -11.98 9.09 0.39
CA ASP A 52 -11.56 8.07 -0.56
C ASP A 52 -10.73 6.98 0.14
N CYS A 53 -9.64 7.39 0.75
CA CYS A 53 -8.76 6.46 1.46
C CYS A 53 -9.57 5.53 2.35
N VAL A 54 -10.59 6.08 3.01
CA VAL A 54 -11.43 5.30 3.90
C VAL A 54 -12.29 4.31 3.11
N GLU A 55 -12.58 4.67 1.85
CA GLU A 55 -13.39 3.81 0.99
C GLU A 55 -12.52 2.91 0.14
N ALA A 56 -11.20 3.11 0.22
CA ALA A 56 -10.26 2.30 -0.54
C ALA A 56 -9.61 1.24 0.33
N GLU A 57 -9.35 1.59 1.59
CA GLU A 57 -8.73 0.66 2.52
C GLU A 57 -9.37 -0.72 2.43
N PRO A 58 -10.71 -0.76 2.53
CA PRO A 58 -11.47 -2.01 2.45
C PRO A 58 -11.45 -2.62 1.06
N VAL A 59 -11.03 -1.83 0.08
CA VAL A 59 -10.97 -2.29 -1.30
C VAL A 59 -9.61 -2.89 -1.62
N ILE A 60 -8.57 -2.37 -0.98
CA ILE A 60 -7.21 -2.87 -1.19
C ILE A 60 -6.90 -4.02 -0.25
N ARG A 61 -7.35 -3.91 1.00
CA ARG A 61 -7.12 -4.95 1.99
C ARG A 61 -7.73 -6.27 1.55
N GLU A 62 -8.87 -6.20 0.87
CA GLU A 62 -9.55 -7.38 0.39
C GLU A 62 -8.72 -8.10 -0.67
N GLY A 63 -8.31 -7.36 -1.69
CA GLY A 63 -7.51 -7.95 -2.76
C GLY A 63 -6.20 -8.51 -2.26
N LEU A 64 -5.67 -7.92 -1.19
CA LEU A 64 -4.41 -8.37 -0.61
C LEU A 64 -4.55 -9.76 0.00
N LYS A 65 -5.79 -10.22 0.11
CA LYS A 65 -6.07 -11.54 0.68
C LYS A 65 -6.05 -12.61 -0.40
N HIS A 66 -6.40 -12.21 -1.63
CA HIS A 66 -6.43 -13.13 -2.76
C HIS A 66 -5.12 -13.07 -3.55
N VAL A 67 -4.11 -12.45 -2.96
CA VAL A 67 -2.82 -12.31 -3.61
C VAL A 67 -2.19 -13.68 -3.89
N THR A 68 -1.38 -13.75 -4.94
CA THR A 68 -0.72 -14.99 -5.32
C THR A 68 0.80 -14.84 -5.31
N GLU A 69 1.29 -13.97 -4.42
CA GLU A 69 2.72 -13.74 -4.31
C GLU A 69 3.09 -13.25 -2.92
N ASP A 70 3.96 -13.99 -2.24
CA ASP A 70 4.40 -13.64 -0.90
C ASP A 70 4.89 -12.19 -0.85
N CYS A 71 4.00 -11.29 -0.47
CA CYS A 71 4.33 -9.87 -0.38
C CYS A 71 4.16 -9.35 1.04
N VAL A 72 4.68 -8.16 1.31
CA VAL A 72 4.57 -7.55 2.63
C VAL A 72 3.96 -6.16 2.55
N PHE A 73 2.66 -6.07 2.82
CA PHE A 73 1.95 -4.80 2.78
C PHE A 73 2.50 -3.84 3.81
N ILE A 74 2.55 -2.56 3.46
CA ILE A 74 3.06 -1.53 4.38
C ILE A 74 2.17 -0.29 4.35
N TYR A 75 1.48 -0.05 5.47
CA TYR A 75 0.60 1.10 5.58
C TYR A 75 1.37 2.36 5.97
N CYS A 76 1.80 3.12 4.96
CA CYS A 76 2.56 4.34 5.20
C CYS A 76 1.66 5.56 5.10
N GLN A 77 1.62 6.36 6.16
CA GLN A 77 0.80 7.56 6.20
C GLN A 77 1.55 8.75 5.59
N VAL A 78 0.87 9.49 4.73
CA VAL A 78 1.47 10.66 4.09
C VAL A 78 1.24 11.92 4.91
N GLY A 79 1.31 11.77 6.23
CA GLY A 79 1.11 12.91 7.11
C GLY A 79 -0.35 13.33 7.19
N ASP A 80 -0.58 14.63 7.33
CA ASP A 80 -1.93 15.17 7.41
C ASP A 80 -2.43 15.62 6.05
N LYS A 81 -3.63 16.19 6.02
CA LYS A 81 -4.22 16.67 4.77
C LYS A 81 -3.30 17.67 4.09
N PRO A 82 -2.98 18.77 4.80
CA PRO A 82 -2.10 19.82 4.28
C PRO A 82 -0.65 19.35 4.15
N TYR A 83 -0.38 18.14 4.61
CA TYR A 83 0.96 17.58 4.55
C TYR A 83 1.23 16.95 3.19
N TRP A 84 0.18 16.40 2.58
CA TRP A 84 0.30 15.76 1.27
C TRP A 84 0.64 16.80 0.20
N LYS A 85 -0.14 17.87 0.14
CA LYS A 85 0.08 18.93 -0.83
C LYS A 85 1.56 19.28 -0.94
N ASP A 86 2.22 19.40 0.21
CA ASP A 86 3.64 19.71 0.24
C ASP A 86 4.36 19.13 -0.97
N PRO A 87 4.53 19.95 -2.02
CA PRO A 87 5.20 19.54 -3.25
C PRO A 87 6.70 19.32 -3.06
N ASN A 88 7.19 19.64 -1.86
CA ASN A 88 8.60 19.47 -1.54
C ASN A 88 8.81 18.34 -0.54
N ASN A 89 7.89 17.38 -0.54
CA ASN A 89 7.97 16.24 0.35
C ASN A 89 8.72 15.08 -0.29
N ASP A 90 9.35 14.26 0.53
CA ASP A 90 10.10 13.11 0.04
C ASP A 90 9.21 12.18 -0.77
N PHE A 91 7.90 12.32 -0.59
CA PHE A 91 6.93 11.49 -1.30
C PHE A 91 6.90 11.84 -2.79
N ARG A 92 6.89 13.13 -3.08
CA ARG A 92 6.85 13.61 -4.46
C ARG A 92 8.26 13.89 -4.97
N GLN A 93 9.24 13.83 -4.07
CA GLN A 93 10.63 14.09 -4.43
C GLN A 93 11.38 12.78 -4.68
N LYS A 94 11.19 11.82 -3.79
CA LYS A 94 11.83 10.52 -3.90
C LYS A 94 10.88 9.48 -4.50
N LEU A 95 9.71 9.34 -3.87
CA LEU A 95 8.71 8.38 -4.33
C LEU A 95 7.97 8.91 -5.55
N LYS A 96 8.15 10.21 -5.82
CA LYS A 96 7.49 10.84 -6.97
C LYS A 96 6.03 10.43 -7.06
N ILE A 97 5.35 10.43 -5.92
CA ILE A 97 3.94 10.06 -5.89
C ILE A 97 3.10 10.98 -6.76
N THR A 98 1.98 10.45 -7.26
CA THR A 98 1.10 11.23 -8.12
C THR A 98 -0.10 11.76 -7.35
N ALA A 99 -0.92 10.84 -6.84
CA ALA A 99 -2.10 11.20 -6.07
C ALA A 99 -2.47 10.11 -5.07
N VAL A 100 -2.62 10.50 -3.81
CA VAL A 100 -2.99 9.55 -2.76
C VAL A 100 -4.49 9.36 -2.68
N PRO A 101 -4.92 8.15 -2.28
CA PRO A 101 -3.99 7.07 -1.92
C PRO A 101 -3.26 6.50 -3.12
N THR A 102 -1.95 6.29 -2.97
CA THR A 102 -1.13 5.75 -4.04
C THR A 102 -0.57 4.39 -3.69
N LEU A 103 -0.97 3.37 -4.44
CA LEU A 103 -0.51 2.01 -4.20
C LEU A 103 0.60 1.63 -5.17
N LEU A 104 1.84 1.77 -4.74
CA LEU A 104 3.00 1.44 -5.57
C LEU A 104 3.52 0.04 -5.24
N LYS A 105 3.59 -0.82 -6.25
CA LYS A 105 4.08 -2.18 -6.06
C LYS A 105 5.60 -2.22 -6.15
N TYR A 106 6.25 -2.18 -4.99
CA TYR A 106 7.71 -2.22 -4.94
C TYR A 106 8.27 -3.34 -5.80
N GLY A 107 8.91 -2.96 -6.91
CA GLY A 107 9.48 -3.95 -7.80
C GLY A 107 9.02 -3.76 -9.24
N THR A 108 7.79 -3.26 -9.40
CA THR A 108 7.23 -3.04 -10.73
C THR A 108 6.60 -1.66 -10.83
N PRO A 109 6.60 -1.10 -12.05
CA PRO A 109 6.04 0.23 -12.31
C PRO A 109 4.51 0.23 -12.20
N GLN A 110 3.94 -0.92 -11.85
CA GLN A 110 2.49 -1.05 -11.72
C GLN A 110 2.02 -0.48 -10.38
N LYS A 111 1.13 0.50 -10.43
CA LYS A 111 0.60 1.13 -9.24
C LYS A 111 -0.88 1.47 -9.41
N LEU A 112 -1.57 1.65 -8.29
CA LEU A 112 -3.00 1.98 -8.31
C LEU A 112 -3.26 3.31 -7.62
N VAL A 113 -3.84 4.25 -8.36
CA VAL A 113 -4.15 5.57 -7.82
C VAL A 113 -5.49 5.57 -7.09
N GLU A 114 -5.83 6.71 -6.49
CA GLU A 114 -7.09 6.83 -5.76
C GLU A 114 -8.18 5.99 -6.40
N SER A 115 -8.49 6.29 -7.66
CA SER A 115 -9.51 5.57 -8.40
C SER A 115 -9.20 4.08 -8.46
N GLU A 116 -7.95 3.76 -8.79
CA GLU A 116 -7.52 2.37 -8.87
C GLU A 116 -7.45 1.73 -7.49
N CYS A 117 -7.51 2.57 -6.46
CA CYS A 117 -7.45 2.09 -5.08
C CYS A 117 -8.84 1.75 -4.57
N CYS A 118 -9.86 2.17 -5.30
CA CYS A 118 -11.24 1.91 -4.92
C CYS A 118 -11.89 0.91 -5.86
N GLN A 119 -11.18 0.56 -6.92
CA GLN A 119 -11.69 -0.40 -7.90
C GLN A 119 -11.15 -1.79 -7.64
N SER A 120 -11.90 -2.57 -6.88
CA SER A 120 -11.50 -3.93 -6.54
C SER A 120 -10.93 -4.65 -7.77
N SER A 121 -11.72 -4.69 -8.84
CA SER A 121 -11.30 -5.34 -10.07
C SER A 121 -9.82 -5.11 -10.34
N LEU A 122 -9.33 -3.93 -9.96
CA LEU A 122 -7.93 -3.58 -10.16
C LEU A 122 -7.07 -4.13 -9.01
N VAL A 123 -7.54 -3.93 -7.79
CA VAL A 123 -6.82 -4.41 -6.61
C VAL A 123 -6.52 -5.90 -6.72
N GLU A 124 -7.55 -6.67 -7.06
CA GLU A 124 -7.39 -8.12 -7.19
C GLU A 124 -6.55 -8.47 -8.41
N MET A 125 -6.46 -7.53 -9.35
CA MET A 125 -5.67 -7.74 -10.56
C MET A 125 -4.19 -7.52 -10.30
N ILE A 126 -3.84 -6.33 -9.84
CA ILE A 126 -2.45 -5.99 -9.55
C ILE A 126 -1.81 -7.06 -8.68
N PHE A 127 -2.64 -7.81 -7.97
CA PHE A 127 -2.14 -8.87 -7.09
C PHE A 127 -2.13 -10.22 -7.81
N SER A 128 -3.09 -10.40 -8.71
CA SER A 128 -3.19 -11.65 -9.46
C SER A 128 -1.95 -11.87 -10.31
N GLU A 129 -1.43 -10.80 -10.89
CA GLU A 129 -0.23 -10.88 -11.72
C GLU A 129 1.03 -10.99 -10.86
N ASP A 130 2.15 -11.26 -11.52
CA ASP A 130 3.43 -11.39 -10.82
C ASP A 130 4.42 -10.32 -11.27
N GLY A 1 3.26 -41.23 1.83
CA GLY A 1 3.63 -39.84 2.09
C GLY A 1 2.44 -38.91 1.95
N SER A 2 2.48 -38.08 0.91
CA SER A 2 1.41 -37.11 0.65
C SER A 2 1.28 -36.83 -0.84
N GLU A 3 0.09 -36.43 -1.26
CA GLU A 3 -0.17 -36.12 -2.66
C GLU A 3 0.46 -34.79 -3.04
N GLY A 4 1.66 -34.85 -3.62
CA GLY A 4 2.35 -33.64 -4.03
C GLY A 4 2.40 -32.61 -2.92
N ALA A 5 2.92 -31.43 -3.24
CA ALA A 5 3.02 -30.34 -2.27
C ALA A 5 2.70 -29.00 -2.90
N ALA A 6 2.34 -28.02 -2.06
CA ALA A 6 2.01 -26.69 -2.54
C ALA A 6 1.93 -25.70 -1.39
N THR A 7 2.50 -24.51 -1.59
CA THR A 7 2.49 -23.49 -0.56
C THR A 7 1.44 -22.42 -0.86
N MET A 8 0.98 -21.74 0.18
CA MET A 8 -0.02 -20.69 0.03
C MET A 8 0.61 -19.31 0.17
N ALA A 9 -0.08 -18.30 -0.35
CA ALA A 9 0.42 -16.93 -0.28
C ALA A 9 0.33 -16.39 1.14
N THR A 10 1.35 -15.62 1.53
CA THR A 10 1.40 -15.05 2.87
C THR A 10 1.45 -13.52 2.81
N PHE A 11 0.52 -12.88 3.50
CA PHE A 11 0.47 -11.42 3.53
C PHE A 11 0.74 -10.89 4.93
N GLU A 12 1.69 -9.96 5.05
CA GLU A 12 2.04 -9.39 6.34
C GLU A 12 1.77 -7.88 6.35
N GLU A 13 0.95 -7.43 7.29
CA GLU A 13 0.61 -6.02 7.41
C GLU A 13 1.66 -5.28 8.23
N VAL A 14 2.17 -4.18 7.67
CA VAL A 14 3.19 -3.38 8.34
C VAL A 14 2.78 -1.90 8.37
N SER A 15 2.48 -1.41 9.57
CA SER A 15 2.09 -0.01 9.73
C SER A 15 3.31 0.88 9.97
N VAL A 16 3.34 2.03 9.31
CA VAL A 16 4.45 2.96 9.45
C VAL A 16 4.00 4.40 9.17
N LEU A 17 4.70 5.36 9.76
CA LEU A 17 4.38 6.77 9.57
C LEU A 17 5.62 7.56 9.17
N GLY A 18 5.73 7.86 7.88
CA GLY A 18 6.87 8.62 7.38
C GLY A 18 7.70 7.83 6.40
N PHE A 19 8.72 8.47 5.84
CA PHE A 19 9.60 7.81 4.87
C PHE A 19 10.65 6.96 5.58
N GLU A 20 11.07 7.39 6.76
CA GLU A 20 12.06 6.67 7.54
C GLU A 20 11.59 5.24 7.82
N GLU A 21 10.58 5.11 8.67
CA GLU A 21 10.03 3.81 9.02
C GLU A 21 9.67 3.02 7.77
N PHE A 22 9.05 3.68 6.81
CA PHE A 22 8.64 3.04 5.56
C PHE A 22 9.83 2.38 4.88
N ASP A 23 10.85 3.17 4.58
CA ASP A 23 12.05 2.65 3.93
C ASP A 23 12.51 1.35 4.58
N LYS A 24 12.66 1.39 5.90
CA LYS A 24 13.10 0.20 6.65
C LYS A 24 12.21 -0.99 6.32
N ALA A 25 10.92 -0.87 6.60
CA ALA A 25 9.97 -1.95 6.34
C ALA A 25 10.10 -2.46 4.90
N VAL A 26 10.59 -1.59 4.02
CA VAL A 26 10.76 -1.96 2.62
C VAL A 26 12.06 -2.74 2.41
N LYS A 27 13.16 -2.18 2.93
CA LYS A 27 14.46 -2.83 2.80
C LYS A 27 14.53 -4.10 3.64
N GLU A 28 13.47 -4.36 4.40
CA GLU A 28 13.40 -5.55 5.25
C GLU A 28 12.58 -6.64 4.58
N HIS A 29 11.73 -6.25 3.63
CA HIS A 29 10.89 -7.21 2.92
C HIS A 29 11.22 -7.21 1.43
N GLU A 30 12.44 -6.83 1.10
CA GLU A 30 12.88 -6.78 -0.28
C GLU A 30 12.71 -8.15 -0.96
N SER A 31 13.42 -9.14 -0.43
CA SER A 31 13.35 -10.49 -0.97
C SER A 31 11.95 -10.81 -1.49
N LYS A 32 10.94 -10.49 -0.69
CA LYS A 32 9.55 -10.72 -1.07
C LYS A 32 8.92 -9.45 -1.61
N THR A 33 7.75 -9.60 -2.23
CA THR A 33 7.03 -8.46 -2.79
C THR A 33 6.62 -7.48 -1.70
N ILE A 34 6.57 -6.20 -2.05
CA ILE A 34 6.19 -5.16 -1.10
C ILE A 34 5.16 -4.22 -1.71
N PHE A 35 4.26 -3.72 -0.86
CA PHE A 35 3.22 -2.80 -1.31
C PHE A 35 3.06 -1.64 -0.34
N ALA A 36 3.41 -0.44 -0.78
CA ALA A 36 3.30 0.75 0.05
C ALA A 36 2.00 1.50 -0.22
N TYR A 37 1.20 1.68 0.82
CA TYR A 37 -0.08 2.38 0.69
C TYR A 37 0.02 3.79 1.26
N PHE A 38 0.52 4.71 0.45
CA PHE A 38 0.67 6.10 0.86
C PHE A 38 -0.69 6.79 0.93
N SER A 39 -1.15 7.07 2.15
CA SER A 39 -2.44 7.72 2.36
C SER A 39 -2.38 8.69 3.53
N GLY A 40 -3.44 9.46 3.71
CA GLY A 40 -3.50 10.42 4.80
C GLY A 40 -3.66 9.74 6.16
N SER A 41 -3.06 10.33 7.18
CA SER A 41 -3.14 9.78 8.53
C SER A 41 -4.60 9.64 8.98
N LYS A 42 -4.80 8.94 10.09
CA LYS A 42 -6.14 8.73 10.63
C LYS A 42 -6.62 9.96 11.39
N ASP A 43 -7.89 9.95 11.79
CA ASP A 43 -8.47 11.07 12.52
C ASP A 43 -8.95 10.63 13.90
N THR A 44 -9.59 11.54 14.62
CA THR A 44 -10.10 11.24 15.95
C THR A 44 -11.02 10.02 15.92
N GLU A 45 -11.89 9.96 14.92
CA GLU A 45 -12.83 8.85 14.78
C GLU A 45 -12.09 7.55 14.45
N GLY A 46 -10.90 7.69 13.87
CA GLY A 46 -10.11 6.53 13.51
C GLY A 46 -10.13 6.25 12.02
N LYS A 47 -10.18 7.31 11.23
CA LYS A 47 -10.20 7.18 9.77
C LYS A 47 -9.44 8.33 9.11
N SER A 48 -9.09 8.13 7.84
CA SER A 48 -8.37 9.15 7.09
C SER A 48 -9.26 10.34 6.78
N TRP A 49 -8.64 11.51 6.64
CA TRP A 49 -9.39 12.73 6.35
C TRP A 49 -10.12 12.62 5.01
N CYS A 50 -9.48 11.96 4.05
CA CYS A 50 -10.07 11.79 2.72
C CYS A 50 -11.08 10.65 2.73
N PRO A 51 -12.22 10.87 2.07
CA PRO A 51 -13.30 9.87 1.99
C PRO A 51 -12.91 8.68 1.12
N ASP A 52 -12.42 8.95 -0.08
CA ASP A 52 -12.01 7.89 -1.00
C ASP A 52 -11.10 6.89 -0.29
N CYS A 53 -10.03 7.39 0.33
CA CYS A 53 -9.09 6.53 1.03
C CYS A 53 -9.81 5.57 1.96
N VAL A 54 -10.71 6.10 2.79
CA VAL A 54 -11.47 5.29 3.73
C VAL A 54 -12.30 4.25 2.99
N GLU A 55 -12.66 4.55 1.74
CA GLU A 55 -13.46 3.63 0.94
C GLU A 55 -12.56 2.70 0.13
N ALA A 56 -11.32 3.10 -0.06
CA ALA A 56 -10.36 2.30 -0.81
C ALA A 56 -9.62 1.32 0.10
N GLU A 57 -9.47 1.70 1.37
CA GLU A 57 -8.79 0.86 2.33
C GLU A 57 -9.33 -0.57 2.30
N PRO A 58 -10.66 -0.70 2.40
CA PRO A 58 -11.33 -2.00 2.39
C PRO A 58 -11.29 -2.65 1.02
N VAL A 59 -10.91 -1.88 0.00
CA VAL A 59 -10.82 -2.38 -1.36
C VAL A 59 -9.43 -2.92 -1.65
N ILE A 60 -8.44 -2.41 -0.93
CA ILE A 60 -7.05 -2.83 -1.11
C ILE A 60 -6.69 -3.95 -0.15
N ARG A 61 -7.22 -3.88 1.06
CA ARG A 61 -6.96 -4.88 2.09
C ARG A 61 -7.62 -6.21 1.74
N GLU A 62 -8.76 -6.13 1.07
CA GLU A 62 -9.49 -7.33 0.67
C GLU A 62 -8.74 -8.09 -0.41
N GLY A 63 -8.49 -7.43 -1.54
CA GLY A 63 -7.78 -8.06 -2.64
C GLY A 63 -6.42 -8.59 -2.21
N LEU A 64 -5.84 -7.98 -1.18
CA LEU A 64 -4.53 -8.39 -0.69
C LEU A 64 -4.59 -9.80 -0.10
N LYS A 65 -5.77 -10.18 0.36
CA LYS A 65 -5.97 -11.51 0.95
C LYS A 65 -5.97 -12.59 -0.12
N HIS A 66 -6.40 -12.22 -1.33
CA HIS A 66 -6.45 -13.16 -2.44
C HIS A 66 -5.19 -13.06 -3.29
N VAL A 67 -4.11 -12.57 -2.68
CA VAL A 67 -2.85 -12.42 -3.39
C VAL A 67 -2.20 -13.78 -3.67
N THR A 68 -1.66 -13.94 -4.87
CA THR A 68 -1.03 -15.19 -5.27
C THR A 68 0.49 -15.07 -5.20
N GLU A 69 0.97 -14.26 -4.26
CA GLU A 69 2.41 -14.06 -4.10
C GLU A 69 2.73 -13.54 -2.69
N ASP A 70 3.54 -14.29 -1.97
CA ASP A 70 3.91 -13.91 -0.61
C ASP A 70 4.51 -12.50 -0.58
N CYS A 71 3.68 -11.52 -0.25
CA CYS A 71 4.11 -10.13 -0.19
C CYS A 71 3.90 -9.54 1.20
N VAL A 72 4.39 -8.33 1.41
CA VAL A 72 4.25 -7.66 2.70
C VAL A 72 3.66 -6.27 2.53
N PHE A 73 2.37 -6.15 2.84
CA PHE A 73 1.67 -4.87 2.72
C PHE A 73 2.19 -3.88 3.75
N ILE A 74 2.32 -2.61 3.34
CA ILE A 74 2.80 -1.56 4.23
C ILE A 74 1.87 -0.35 4.21
N TYR A 75 1.35 0.01 5.38
CA TYR A 75 0.45 1.16 5.49
C TYR A 75 1.22 2.40 5.94
N CYS A 76 1.68 3.18 4.98
CA CYS A 76 2.43 4.40 5.28
C CYS A 76 1.51 5.62 5.19
N GLN A 77 1.54 6.43 6.25
CA GLN A 77 0.71 7.64 6.30
C GLN A 77 1.53 8.87 5.93
N VAL A 78 1.18 9.50 4.81
CA VAL A 78 1.88 10.69 4.36
C VAL A 78 2.10 11.67 5.51
N GLY A 79 1.12 11.76 6.41
CA GLY A 79 1.23 12.66 7.54
C GLY A 79 -0.07 13.40 7.81
N ASP A 80 -0.25 14.53 7.14
CA ASP A 80 -1.46 15.33 7.33
C ASP A 80 -2.07 15.70 5.98
N LYS A 81 -3.31 16.17 6.00
CA LYS A 81 -4.02 16.56 4.79
C LYS A 81 -3.26 17.67 4.06
N PRO A 82 -3.03 18.79 4.76
CA PRO A 82 -2.32 19.94 4.20
C PRO A 82 -0.83 19.65 3.99
N TYR A 83 -0.30 18.73 4.78
CA TYR A 83 1.11 18.36 4.68
C TYR A 83 1.38 17.57 3.40
N TRP A 84 0.53 16.59 3.14
CA TRP A 84 0.67 15.75 1.95
C TRP A 84 0.85 16.61 0.70
N LYS A 85 0.07 17.67 0.59
CA LYS A 85 0.15 18.57 -0.56
C LYS A 85 1.56 19.07 -0.76
N ASP A 86 2.28 19.29 0.35
CA ASP A 86 3.65 19.77 0.30
C ASP A 86 4.41 19.12 -0.85
N PRO A 87 4.54 19.87 -1.97
CA PRO A 87 5.24 19.38 -3.16
C PRO A 87 6.75 19.25 -2.94
N ASN A 88 7.21 19.70 -1.77
CA ASN A 88 8.63 19.62 -1.43
C ASN A 88 8.90 18.49 -0.44
N ASN A 89 8.00 17.51 -0.41
CA ASN A 89 8.14 16.38 0.50
C ASN A 89 8.89 15.24 -0.18
N ASP A 90 9.44 14.34 0.63
CA ASP A 90 10.19 13.20 0.11
C ASP A 90 9.26 12.25 -0.66
N PHE A 91 7.96 12.42 -0.47
CA PHE A 91 6.98 11.58 -1.14
C PHE A 91 6.86 11.96 -2.61
N ARG A 92 6.77 13.26 -2.88
CA ARG A 92 6.65 13.76 -4.24
C ARG A 92 8.02 14.05 -4.84
N GLN A 93 9.05 14.00 -3.99
CA GLN A 93 10.41 14.26 -4.44
C GLN A 93 11.16 12.96 -4.71
N LYS A 94 11.20 12.09 -3.71
CA LYS A 94 11.88 10.81 -3.83
C LYS A 94 10.95 9.75 -4.41
N LEU A 95 9.80 9.57 -3.75
CA LEU A 95 8.81 8.59 -4.20
C LEU A 95 8.08 9.07 -5.43
N LYS A 96 8.19 10.37 -5.72
CA LYS A 96 7.53 10.96 -6.88
C LYS A 96 6.08 10.51 -6.98
N ILE A 97 5.38 10.56 -5.86
CA ILE A 97 3.97 10.16 -5.82
C ILE A 97 3.11 11.08 -6.66
N THR A 98 1.91 10.61 -7.01
CA THR A 98 0.99 11.41 -7.82
C THR A 98 -0.18 11.91 -6.98
N ALA A 99 -1.05 10.99 -6.59
CA ALA A 99 -2.22 11.34 -5.77
C ALA A 99 -2.56 10.23 -4.79
N VAL A 100 -2.74 10.59 -3.52
CA VAL A 100 -3.07 9.62 -2.49
C VAL A 100 -4.57 9.36 -2.43
N PRO A 101 -4.96 8.14 -2.07
CA PRO A 101 -4.00 7.07 -1.74
C PRO A 101 -3.23 6.58 -2.96
N THR A 102 -1.97 6.24 -2.77
CA THR A 102 -1.13 5.76 -3.85
C THR A 102 -0.56 4.38 -3.53
N LEU A 103 -1.09 3.36 -4.21
CA LEU A 103 -0.64 1.98 -4.00
C LEU A 103 0.44 1.61 -5.00
N LEU A 104 1.70 1.76 -4.60
CA LEU A 104 2.83 1.43 -5.47
C LEU A 104 3.34 0.02 -5.19
N LYS A 105 3.57 -0.75 -6.25
CA LYS A 105 4.07 -2.11 -6.12
C LYS A 105 5.59 -2.14 -6.21
N TYR A 106 6.25 -2.05 -5.06
CA TYR A 106 7.71 -2.07 -5.01
C TYR A 106 8.26 -3.15 -5.93
N GLY A 107 9.00 -2.74 -6.96
CA GLY A 107 9.58 -3.70 -7.88
C GLY A 107 9.11 -3.48 -9.30
N THR A 108 7.84 -3.10 -9.45
CA THR A 108 7.27 -2.87 -10.78
C THR A 108 6.63 -1.48 -10.86
N PRO A 109 6.65 -0.90 -12.06
CA PRO A 109 6.07 0.43 -12.30
C PRO A 109 4.54 0.42 -12.21
N GLN A 110 3.98 -0.73 -11.92
CA GLN A 110 2.54 -0.88 -11.80
C GLN A 110 2.04 -0.34 -10.46
N LYS A 111 1.25 0.72 -10.51
CA LYS A 111 0.70 1.33 -9.31
C LYS A 111 -0.78 1.64 -9.46
N LEU A 112 -1.45 1.91 -8.36
CA LEU A 112 -2.87 2.21 -8.37
C LEU A 112 -3.16 3.52 -7.63
N VAL A 113 -3.82 4.45 -8.32
CA VAL A 113 -4.16 5.74 -7.72
C VAL A 113 -5.49 5.67 -6.99
N GLU A 114 -5.86 6.76 -6.33
CA GLU A 114 -7.11 6.84 -5.59
C GLU A 114 -8.19 5.99 -6.27
N SER A 115 -8.56 6.39 -7.47
CA SER A 115 -9.58 5.68 -8.23
C SER A 115 -9.24 4.19 -8.35
N GLU A 116 -7.99 3.91 -8.70
CA GLU A 116 -7.53 2.53 -8.85
C GLU A 116 -7.46 1.84 -7.50
N CYS A 117 -7.50 2.62 -6.43
CA CYS A 117 -7.44 2.08 -5.08
C CYS A 117 -8.83 1.69 -4.59
N CYS A 118 -9.85 2.11 -5.33
CA CYS A 118 -11.23 1.81 -4.97
C CYS A 118 -11.82 0.76 -5.89
N GLN A 119 -11.10 0.45 -6.97
CA GLN A 119 -11.55 -0.55 -7.94
C GLN A 119 -10.98 -1.92 -7.61
N SER A 120 -11.75 -2.72 -6.89
CA SER A 120 -11.32 -4.07 -6.51
C SER A 120 -10.71 -4.80 -7.70
N SER A 121 -11.42 -4.77 -8.83
CA SER A 121 -10.95 -5.43 -10.04
C SER A 121 -9.45 -5.21 -10.23
N LEU A 122 -8.99 -4.02 -9.88
CA LEU A 122 -7.57 -3.67 -10.02
C LEU A 122 -6.76 -4.25 -8.87
N VAL A 123 -7.23 -4.01 -7.65
CA VAL A 123 -6.54 -4.51 -6.45
C VAL A 123 -6.27 -6.01 -6.57
N GLU A 124 -7.25 -6.75 -7.06
CA GLU A 124 -7.11 -8.19 -7.23
C GLU A 124 -6.27 -8.53 -8.45
N MET A 125 -6.04 -7.53 -9.29
CA MET A 125 -5.25 -7.71 -10.51
C MET A 125 -3.77 -7.52 -10.22
N ILE A 126 -3.43 -6.43 -9.54
CA ILE A 126 -2.04 -6.14 -9.20
C ILE A 126 -1.44 -7.23 -8.35
N PHE A 127 -2.30 -8.00 -7.69
CA PHE A 127 -1.85 -9.10 -6.83
C PHE A 127 -1.86 -10.42 -7.58
N SER A 128 -2.94 -10.66 -8.33
CA SER A 128 -3.08 -11.89 -9.09
C SER A 128 -1.98 -12.01 -10.14
N GLU A 129 -1.92 -11.04 -11.05
CA GLU A 129 -0.92 -11.04 -12.10
C GLU A 129 -0.98 -9.74 -12.89
N ASP A 130 0.17 -9.33 -13.43
CA ASP A 130 0.26 -8.10 -14.22
C ASP A 130 -0.89 -8.03 -15.23
N GLY A 1 3.21 -43.02 5.76
CA GLY A 1 2.03 -42.25 5.41
C GLY A 1 2.24 -40.76 5.61
N SER A 2 3.13 -40.18 4.81
CA SER A 2 3.42 -38.75 4.91
C SER A 2 2.42 -37.93 4.09
N GLU A 3 2.10 -36.74 4.59
CA GLU A 3 1.15 -35.87 3.91
C GLU A 3 1.68 -34.44 3.87
N GLY A 4 0.96 -33.57 3.15
CA GLY A 4 1.38 -32.18 3.04
C GLY A 4 0.24 -31.22 3.35
N ALA A 5 0.41 -29.96 2.93
CA ALA A 5 -0.60 -28.94 3.17
C ALA A 5 -0.83 -28.10 1.92
N ALA A 6 -2.04 -27.56 1.78
CA ALA A 6 -2.39 -26.73 0.63
C ALA A 6 -1.44 -25.54 0.51
N THR A 7 -0.94 -25.31 -0.70
CA THR A 7 -0.02 -24.19 -0.94
C THR A 7 -0.79 -22.90 -1.17
N MET A 8 -0.58 -21.93 -0.28
CA MET A 8 -1.25 -20.64 -0.38
C MET A 8 -0.28 -19.50 -0.09
N ALA A 9 -0.59 -18.31 -0.60
CA ALA A 9 0.26 -17.15 -0.40
C ALA A 9 0.08 -16.58 1.01
N THR A 10 1.00 -15.72 1.41
CA THR A 10 0.95 -15.11 2.74
C THR A 10 1.13 -13.60 2.65
N PHE A 11 0.26 -12.86 3.33
CA PHE A 11 0.33 -11.40 3.34
C PHE A 11 0.52 -10.87 4.76
N GLU A 12 1.49 -9.99 4.93
CA GLU A 12 1.77 -9.40 6.23
C GLU A 12 1.48 -7.91 6.24
N GLU A 13 0.81 -7.45 7.29
CA GLU A 13 0.46 -6.04 7.42
C GLU A 13 1.49 -5.29 8.26
N VAL A 14 1.99 -4.18 7.73
CA VAL A 14 2.99 -3.38 8.42
C VAL A 14 2.61 -1.90 8.40
N SER A 15 2.31 -1.35 9.59
CA SER A 15 1.93 0.05 9.70
C SER A 15 3.16 0.91 9.99
N VAL A 16 3.37 1.94 9.16
CA VAL A 16 4.50 2.84 9.33
C VAL A 16 4.09 4.29 9.07
N LEU A 17 4.88 5.22 9.59
CA LEU A 17 4.60 6.65 9.41
C LEU A 17 5.86 7.40 9.01
N GLY A 18 5.83 8.00 7.82
CA GLY A 18 6.97 8.75 7.34
C GLY A 18 7.84 7.95 6.39
N PHE A 19 8.80 8.62 5.76
CA PHE A 19 9.69 7.96 4.81
C PHE A 19 10.76 7.14 5.55
N GLU A 20 11.12 7.61 6.74
CA GLU A 20 12.14 6.94 7.54
C GLU A 20 11.73 5.50 7.83
N GLU A 21 10.67 5.33 8.62
CA GLU A 21 10.17 4.00 8.96
C GLU A 21 9.86 3.19 7.71
N PHE A 22 9.15 3.81 6.77
CA PHE A 22 8.79 3.14 5.53
C PHE A 22 10.00 2.46 4.90
N ASP A 23 11.08 3.20 4.77
CA ASP A 23 12.31 2.67 4.18
C ASP A 23 12.70 1.34 4.85
N LYS A 24 12.73 1.35 6.17
CA LYS A 24 13.08 0.15 6.93
C LYS A 24 12.17 -1.01 6.56
N ALA A 25 10.88 -0.85 6.82
CA ALA A 25 9.89 -1.88 6.51
C ALA A 25 10.09 -2.42 5.09
N VAL A 26 10.58 -1.56 4.20
CA VAL A 26 10.81 -1.95 2.82
C VAL A 26 12.07 -2.80 2.69
N LYS A 27 13.21 -2.23 3.02
CA LYS A 27 14.48 -2.93 2.94
C LYS A 27 14.43 -4.23 3.73
N GLU A 28 13.62 -4.24 4.80
CA GLU A 28 13.49 -5.43 5.63
C GLU A 28 12.80 -6.56 4.87
N HIS A 29 11.85 -6.20 4.00
CA HIS A 29 11.13 -7.18 3.22
C HIS A 29 11.56 -7.13 1.76
N GLU A 30 12.75 -6.58 1.51
CA GLU A 30 13.27 -6.47 0.15
C GLU A 30 13.42 -7.84 -0.49
N SER A 31 13.29 -8.89 0.32
CA SER A 31 13.42 -10.26 -0.17
C SER A 31 12.13 -10.70 -0.87
N LYS A 32 10.99 -10.34 -0.29
CA LYS A 32 9.70 -10.70 -0.87
C LYS A 32 8.97 -9.46 -1.39
N THR A 33 7.92 -9.69 -2.17
CA THR A 33 7.14 -8.59 -2.72
C THR A 33 6.72 -7.61 -1.64
N ILE A 34 6.71 -6.32 -1.99
CA ILE A 34 6.32 -5.28 -1.05
C ILE A 34 5.25 -4.37 -1.65
N PHE A 35 4.32 -3.93 -0.80
CA PHE A 35 3.25 -3.05 -1.24
C PHE A 35 3.10 -1.85 -0.30
N ALA A 36 3.49 -0.68 -0.79
CA ALA A 36 3.41 0.54 0.00
C ALA A 36 2.12 1.30 -0.30
N TYR A 37 1.31 1.53 0.72
CA TYR A 37 0.05 2.24 0.56
C TYR A 37 0.13 3.62 1.20
N PHE A 38 0.52 4.61 0.40
CA PHE A 38 0.63 5.99 0.88
C PHE A 38 -0.74 6.65 0.94
N SER A 39 -1.23 6.88 2.16
CA SER A 39 -2.52 7.51 2.35
C SER A 39 -2.46 8.58 3.44
N GLY A 40 -3.53 9.34 3.59
CA GLY A 40 -3.57 10.39 4.59
C GLY A 40 -3.54 9.85 6.01
N SER A 41 -2.98 10.61 6.92
CA SER A 41 -2.89 10.19 8.32
C SER A 41 -4.26 9.83 8.87
N LYS A 42 -4.29 9.07 9.95
CA LYS A 42 -5.54 8.65 10.59
C LYS A 42 -5.92 9.60 11.72
N ASP A 43 -7.18 10.00 11.76
CA ASP A 43 -7.67 10.90 12.79
C ASP A 43 -7.98 10.13 14.08
N THR A 44 -8.47 10.85 15.09
CA THR A 44 -8.81 10.24 16.36
C THR A 44 -9.70 9.01 16.18
N GLU A 45 -10.58 9.07 15.18
CA GLU A 45 -11.49 7.97 14.90
C GLU A 45 -10.73 6.77 14.34
N GLY A 46 -9.55 7.03 13.76
CA GLY A 46 -8.76 5.96 13.20
C GLY A 46 -9.00 5.79 11.71
N LYS A 47 -9.37 6.87 11.04
CA LYS A 47 -9.62 6.83 9.60
C LYS A 47 -9.00 8.03 8.90
N SER A 48 -8.56 7.82 7.66
CA SER A 48 -7.94 8.88 6.88
C SER A 48 -8.93 10.00 6.60
N TRP A 49 -8.55 11.23 6.94
CA TRP A 49 -9.42 12.38 6.72
C TRP A 49 -10.11 12.30 5.36
N CYS A 50 -9.37 11.84 4.35
CA CYS A 50 -9.92 11.71 3.00
C CYS A 50 -11.00 10.64 2.97
N PRO A 51 -12.11 10.94 2.28
CA PRO A 51 -13.24 10.02 2.14
C PRO A 51 -12.90 8.82 1.25
N ASP A 52 -11.96 9.02 0.33
CA ASP A 52 -11.55 7.95 -0.57
C ASP A 52 -10.67 6.93 0.15
N CYS A 53 -9.60 7.43 0.78
CA CYS A 53 -8.68 6.55 1.51
C CYS A 53 -9.44 5.59 2.41
N VAL A 54 -10.68 5.94 2.73
CA VAL A 54 -11.52 5.11 3.59
C VAL A 54 -12.28 4.08 2.77
N GLU A 55 -12.88 4.52 1.67
CA GLU A 55 -13.65 3.64 0.80
C GLU A 55 -12.72 2.77 -0.05
N ALA A 56 -11.42 3.02 0.05
CA ALA A 56 -10.43 2.27 -0.70
C ALA A 56 -9.71 1.26 0.19
N GLU A 57 -9.45 1.65 1.43
CA GLU A 57 -8.76 0.77 2.38
C GLU A 57 -9.33 -0.64 2.32
N PRO A 58 -10.66 -0.75 2.44
CA PRO A 58 -11.35 -2.04 2.41
C PRO A 58 -11.32 -2.68 1.01
N VAL A 59 -11.00 -1.87 0.00
CA VAL A 59 -10.94 -2.35 -1.37
C VAL A 59 -9.56 -2.92 -1.69
N ILE A 60 -8.54 -2.42 -0.99
CA ILE A 60 -7.18 -2.88 -1.19
C ILE A 60 -6.83 -4.03 -0.25
N ARG A 61 -7.15 -3.86 1.03
CA ARG A 61 -6.88 -4.88 2.02
C ARG A 61 -7.56 -6.19 1.66
N GLU A 62 -8.80 -6.10 1.18
CA GLU A 62 -9.56 -7.27 0.80
C GLU A 62 -8.92 -7.98 -0.38
N GLY A 63 -8.45 -7.20 -1.35
CA GLY A 63 -7.81 -7.77 -2.52
C GLY A 63 -6.49 -8.44 -2.21
N LEU A 64 -5.80 -7.92 -1.19
CA LEU A 64 -4.51 -8.48 -0.78
C LEU A 64 -4.62 -9.98 -0.54
N LYS A 65 -5.85 -10.47 -0.41
CA LYS A 65 -6.08 -11.89 -0.18
C LYS A 65 -5.99 -12.68 -1.48
N HIS A 66 -6.41 -12.05 -2.58
CA HIS A 66 -6.38 -12.68 -3.89
C HIS A 66 -4.94 -12.83 -4.38
N VAL A 67 -4.03 -12.10 -3.75
CA VAL A 67 -2.62 -12.15 -4.13
C VAL A 67 -2.11 -13.59 -4.18
N THR A 68 -1.26 -13.87 -5.16
CA THR A 68 -0.70 -15.21 -5.32
C THR A 68 0.81 -15.20 -5.16
N GLU A 69 1.30 -14.36 -4.25
CA GLU A 69 2.73 -14.25 -4.01
C GLU A 69 3.02 -13.68 -2.63
N ASP A 70 3.68 -14.47 -1.79
CA ASP A 70 4.00 -14.04 -0.44
C ASP A 70 4.58 -12.63 -0.44
N CYS A 71 3.72 -11.65 -0.16
CA CYS A 71 4.15 -10.25 -0.14
C CYS A 71 3.98 -9.65 1.26
N VAL A 72 4.47 -8.43 1.44
CA VAL A 72 4.38 -7.76 2.72
C VAL A 72 3.82 -6.35 2.57
N PHE A 73 2.54 -6.18 2.86
CA PHE A 73 1.89 -4.88 2.75
C PHE A 73 2.48 -3.89 3.74
N ILE A 74 2.46 -2.61 3.37
CA ILE A 74 3.00 -1.57 4.22
C ILE A 74 2.11 -0.32 4.20
N TYR A 75 1.36 -0.13 5.29
CA TYR A 75 0.47 1.02 5.39
C TYR A 75 1.22 2.27 5.85
N CYS A 76 1.73 3.02 4.88
CA CYS A 76 2.48 4.24 5.18
C CYS A 76 1.57 5.46 5.11
N GLN A 77 1.64 6.31 6.14
CA GLN A 77 0.83 7.51 6.19
C GLN A 77 1.63 8.74 5.78
N VAL A 78 1.28 9.33 4.65
CA VAL A 78 1.97 10.52 4.15
C VAL A 78 2.06 11.59 5.23
N GLY A 79 0.93 11.86 5.87
CA GLY A 79 0.90 12.88 6.92
C GLY A 79 -0.45 13.54 7.04
N ASP A 80 -0.46 14.77 7.55
CA ASP A 80 -1.71 15.52 7.73
C ASP A 80 -2.32 15.86 6.38
N LYS A 81 -3.54 16.39 6.40
CA LYS A 81 -4.24 16.77 5.19
C LYS A 81 -3.46 17.82 4.41
N PRO A 82 -3.20 18.97 5.07
CA PRO A 82 -2.45 20.07 4.45
C PRO A 82 -0.97 19.73 4.25
N TYR A 83 -0.53 18.66 4.90
CA TYR A 83 0.86 18.23 4.77
C TYR A 83 1.11 17.50 3.45
N TRP A 84 0.09 16.78 2.99
CA TRP A 84 0.19 16.04 1.74
C TRP A 84 0.39 16.99 0.57
N LYS A 85 -0.40 18.05 0.52
CA LYS A 85 -0.31 19.04 -0.55
C LYS A 85 1.14 19.45 -0.78
N ASP A 86 1.90 19.58 0.31
CA ASP A 86 3.31 19.96 0.22
C ASP A 86 3.99 19.27 -0.95
N PRO A 87 4.17 20.02 -2.05
CA PRO A 87 4.82 19.50 -3.26
C PRO A 87 6.31 19.24 -3.06
N ASN A 88 6.85 19.75 -1.95
CA ASN A 88 8.26 19.57 -1.65
C ASN A 88 8.47 18.42 -0.67
N ASN A 89 7.57 17.44 -0.72
CA ASN A 89 7.65 16.28 0.17
C ASN A 89 8.55 15.21 -0.43
N ASP A 90 9.05 14.32 0.42
CA ASP A 90 9.92 13.24 -0.02
C ASP A 90 9.16 12.23 -0.88
N PHE A 91 7.84 12.23 -0.74
CA PHE A 91 6.99 11.31 -1.49
C PHE A 91 6.90 11.75 -2.95
N ARG A 92 6.77 13.05 -3.18
CA ARG A 92 6.67 13.59 -4.53
C ARG A 92 8.05 13.91 -5.09
N GLN A 93 9.06 13.87 -4.23
CA GLN A 93 10.43 14.17 -4.63
C GLN A 93 11.22 12.88 -4.86
N LYS A 94 11.03 11.92 -3.97
CA LYS A 94 11.73 10.64 -4.08
C LYS A 94 10.83 9.59 -4.72
N LEU A 95 9.64 9.41 -4.18
CA LEU A 95 8.69 8.44 -4.71
C LEU A 95 7.88 9.04 -5.86
N LYS A 96 8.03 10.34 -6.06
CA LYS A 96 7.32 11.04 -7.13
C LYS A 96 5.86 10.59 -7.20
N ILE A 97 5.22 10.52 -6.03
CA ILE A 97 3.82 10.11 -5.97
C ILE A 97 2.94 10.98 -6.86
N THR A 98 1.74 10.48 -7.17
CA THR A 98 0.81 11.21 -8.02
C THR A 98 -0.36 11.75 -7.21
N ALA A 99 -1.15 10.85 -6.65
CA ALA A 99 -2.31 11.24 -5.85
C ALA A 99 -2.72 10.11 -4.90
N VAL A 100 -2.71 10.41 -3.60
CA VAL A 100 -3.09 9.43 -2.59
C VAL A 100 -4.60 9.23 -2.55
N PRO A 101 -5.02 8.02 -2.18
CA PRO A 101 -4.11 6.93 -1.83
C PRO A 101 -3.35 6.40 -3.03
N THR A 102 -2.03 6.22 -2.89
CA THR A 102 -1.20 5.72 -3.97
C THR A 102 -0.63 4.35 -3.63
N LEU A 103 -1.10 3.33 -4.33
CA LEU A 103 -0.64 1.96 -4.10
C LEU A 103 0.48 1.60 -5.08
N LEU A 104 1.71 1.70 -4.61
CA LEU A 104 2.87 1.37 -5.45
C LEU A 104 3.40 -0.02 -5.14
N LYS A 105 3.62 -0.81 -6.18
CA LYS A 105 4.13 -2.17 -6.01
C LYS A 105 5.64 -2.20 -6.15
N TYR A 106 6.34 -2.13 -5.02
CA TYR A 106 7.80 -2.14 -5.02
C TYR A 106 8.33 -3.27 -5.89
N GLY A 107 9.00 -2.90 -6.98
CA GLY A 107 9.55 -3.90 -7.88
C GLY A 107 9.04 -3.74 -9.30
N THR A 108 7.79 -3.30 -9.43
CA THR A 108 7.18 -3.10 -10.74
C THR A 108 6.54 -1.73 -10.85
N PRO A 109 6.53 -1.17 -12.07
CA PRO A 109 5.95 0.14 -12.34
C PRO A 109 4.43 0.14 -12.22
N GLN A 110 3.86 -1.02 -11.87
CA GLN A 110 2.42 -1.15 -11.72
C GLN A 110 1.95 -0.52 -10.42
N LYS A 111 1.26 0.61 -10.53
CA LYS A 111 0.73 1.32 -9.36
C LYS A 111 -0.74 1.67 -9.55
N LEU A 112 -1.44 1.83 -8.43
CA LEU A 112 -2.86 2.16 -8.47
C LEU A 112 -3.13 3.47 -7.73
N VAL A 113 -3.83 4.38 -8.40
CA VAL A 113 -4.16 5.67 -7.81
C VAL A 113 -5.52 5.64 -7.12
N GLU A 114 -5.88 6.73 -6.47
CA GLU A 114 -7.16 6.82 -5.77
C GLU A 114 -8.23 6.01 -6.49
N SER A 115 -8.51 6.38 -7.73
CA SER A 115 -9.51 5.68 -8.53
C SER A 115 -9.22 4.18 -8.59
N GLU A 116 -7.98 3.84 -8.89
CA GLU A 116 -7.57 2.44 -8.97
C GLU A 116 -7.41 1.83 -7.59
N CYS A 117 -7.56 2.67 -6.56
CA CYS A 117 -7.42 2.22 -5.18
C CYS A 117 -8.79 1.90 -4.58
N CYS A 118 -9.85 2.29 -5.28
CA CYS A 118 -11.20 2.05 -4.81
C CYS A 118 -11.86 0.92 -5.60
N GLN A 119 -11.24 0.53 -6.71
CA GLN A 119 -11.77 -0.53 -7.56
C GLN A 119 -11.11 -1.87 -7.22
N SER A 120 -11.94 -2.85 -6.87
CA SER A 120 -11.44 -4.17 -6.52
C SER A 120 -10.97 -4.92 -7.76
N SER A 121 -11.65 -4.69 -8.88
CA SER A 121 -11.29 -5.35 -10.14
C SER A 121 -9.83 -5.12 -10.47
N LEU A 122 -9.29 -3.99 -10.03
CA LEU A 122 -7.89 -3.66 -10.28
C LEU A 122 -7.00 -4.11 -9.13
N VAL A 123 -7.54 -4.04 -7.91
CA VAL A 123 -6.79 -4.45 -6.73
C VAL A 123 -6.41 -5.92 -6.81
N GLU A 124 -7.40 -6.78 -7.05
CA GLU A 124 -7.17 -8.21 -7.14
C GLU A 124 -6.26 -8.53 -8.31
N MET A 125 -6.08 -7.57 -9.21
CA MET A 125 -5.23 -7.75 -10.38
C MET A 125 -3.77 -7.47 -10.04
N ILE A 126 -3.49 -6.25 -9.59
CA ILE A 126 -2.14 -5.86 -9.23
C ILE A 126 -1.49 -6.90 -8.32
N PHE A 127 -2.31 -7.64 -7.59
CA PHE A 127 -1.81 -8.67 -6.69
C PHE A 127 -1.65 -10.00 -7.41
N SER A 128 -2.59 -10.29 -8.30
CA SER A 128 -2.56 -11.54 -9.07
C SER A 128 -1.36 -11.57 -10.00
N GLU A 129 -1.19 -10.51 -10.78
CA GLU A 129 -0.08 -10.41 -11.73
C GLU A 129 1.26 -10.48 -10.99
N ASP A 130 2.26 -11.03 -11.67
CA ASP A 130 3.60 -11.15 -11.09
C ASP A 130 4.29 -9.79 -11.03
N GLY A 1 4.17 -30.90 8.69
CA GLY A 1 4.90 -29.94 7.87
C GLY A 1 5.60 -28.89 8.70
N SER A 2 6.87 -29.14 9.03
CA SER A 2 7.65 -28.21 9.82
C SER A 2 7.38 -26.76 9.40
N GLU A 3 7.47 -26.52 8.09
CA GLU A 3 7.23 -25.18 7.56
C GLU A 3 6.41 -25.25 6.28
N GLY A 4 5.54 -24.25 6.08
CA GLY A 4 4.71 -24.22 4.89
C GLY A 4 3.52 -25.13 5.00
N ALA A 5 2.79 -25.03 6.12
CA ALA A 5 1.61 -25.86 6.34
C ALA A 5 0.36 -25.19 5.81
N ALA A 6 0.47 -24.61 4.61
CA ALA A 6 -0.66 -23.93 3.99
C ALA A 6 -0.47 -23.83 2.48
N THR A 7 -1.54 -24.07 1.73
CA THR A 7 -1.49 -24.01 0.28
C THR A 7 -2.01 -22.67 -0.22
N MET A 8 -1.62 -21.59 0.45
CA MET A 8 -2.04 -20.24 0.07
C MET A 8 -0.95 -19.22 0.38
N ALA A 9 -0.97 -18.12 -0.34
CA ALA A 9 0.02 -17.06 -0.15
C ALA A 9 -0.06 -16.50 1.27
N THR A 10 0.85 -15.58 1.59
CA THR A 10 0.89 -14.96 2.91
C THR A 10 1.09 -13.46 2.82
N PHE A 11 0.19 -12.70 3.44
CA PHE A 11 0.28 -11.25 3.42
C PHE A 11 0.49 -10.70 4.82
N GLU A 12 1.43 -9.77 4.96
CA GLU A 12 1.72 -9.16 6.25
C GLU A 12 1.52 -7.65 6.20
N GLU A 13 0.74 -7.14 7.15
CA GLU A 13 0.47 -5.71 7.21
C GLU A 13 1.49 -5.00 8.11
N VAL A 14 2.07 -3.92 7.60
CA VAL A 14 3.05 -3.14 8.35
C VAL A 14 2.69 -1.66 8.37
N SER A 15 2.21 -1.19 9.52
CA SER A 15 1.83 0.21 9.67
C SER A 15 3.05 1.07 9.96
N VAL A 16 3.32 2.04 9.08
CA VAL A 16 4.45 2.93 9.25
C VAL A 16 4.06 4.37 8.96
N LEU A 17 4.78 5.31 9.57
CA LEU A 17 4.51 6.74 9.38
C LEU A 17 5.79 7.49 9.04
N GLY A 18 5.88 7.96 7.80
CA GLY A 18 7.06 8.69 7.38
C GLY A 18 7.91 7.92 6.40
N PHE A 19 8.91 8.59 5.82
CA PHE A 19 9.79 7.94 4.86
C PHE A 19 10.80 7.04 5.57
N GLU A 20 11.47 7.58 6.57
CA GLU A 20 12.47 6.82 7.33
C GLU A 20 11.93 5.43 7.67
N GLU A 21 10.88 5.39 8.47
CA GLU A 21 10.28 4.12 8.88
C GLU A 21 9.88 3.30 7.66
N PHE A 22 9.15 3.93 6.73
CA PHE A 22 8.72 3.25 5.52
C PHE A 22 9.83 2.42 4.90
N ASP A 23 10.96 3.08 4.63
CA ASP A 23 12.11 2.40 4.04
C ASP A 23 12.55 1.22 4.91
N LYS A 24 12.70 1.48 6.21
CA LYS A 24 13.12 0.43 7.15
C LYS A 24 12.31 -0.85 6.93
N ALA A 25 10.99 -0.70 6.84
CA ALA A 25 10.12 -1.84 6.62
C ALA A 25 10.38 -2.50 5.27
N VAL A 26 10.71 -1.67 4.28
CA VAL A 26 10.99 -2.17 2.93
C VAL A 26 12.22 -3.06 2.92
N LYS A 27 13.37 -2.48 3.21
CA LYS A 27 14.63 -3.22 3.24
C LYS A 27 14.48 -4.50 4.06
N GLU A 28 13.50 -4.51 4.96
CA GLU A 28 13.26 -5.67 5.81
C GLU A 28 12.65 -6.82 5.01
N HIS A 29 11.68 -6.49 4.17
CA HIS A 29 11.02 -7.49 3.35
C HIS A 29 11.49 -7.40 1.90
N GLU A 30 12.72 -6.95 1.70
CA GLU A 30 13.29 -6.81 0.37
C GLU A 30 13.43 -8.18 -0.30
N SER A 31 13.45 -9.23 0.50
CA SER A 31 13.58 -10.59 -0.02
C SER A 31 12.30 -11.06 -0.67
N LYS A 32 11.18 -10.47 -0.24
CA LYS A 32 9.87 -10.82 -0.78
C LYS A 32 9.17 -9.60 -1.36
N THR A 33 8.02 -9.81 -1.97
CA THR A 33 7.25 -8.72 -2.56
C THR A 33 6.80 -7.72 -1.49
N ILE A 34 6.80 -6.45 -1.85
CA ILE A 34 6.40 -5.40 -0.93
C ILE A 34 5.35 -4.48 -1.55
N PHE A 35 4.43 -3.99 -0.73
CA PHE A 35 3.37 -3.11 -1.20
C PHE A 35 3.24 -1.88 -0.30
N ALA A 36 3.59 -0.72 -0.85
CA ALA A 36 3.51 0.52 -0.10
C ALA A 36 2.21 1.27 -0.41
N TYR A 37 1.40 1.49 0.63
CA TYR A 37 0.13 2.18 0.48
C TYR A 37 0.20 3.57 1.09
N PHE A 38 0.64 4.54 0.31
CA PHE A 38 0.74 5.92 0.78
C PHE A 38 -0.63 6.59 0.82
N SER A 39 -1.07 6.94 2.03
CA SER A 39 -2.37 7.60 2.20
C SER A 39 -2.33 8.57 3.38
N GLY A 40 -3.40 9.33 3.53
CA GLY A 40 -3.47 10.29 4.62
C GLY A 40 -3.36 9.64 5.98
N SER A 41 -3.01 10.42 6.99
CA SER A 41 -2.86 9.91 8.34
C SER A 41 -4.22 9.64 8.98
N LYS A 42 -4.23 8.80 10.01
CA LYS A 42 -5.47 8.46 10.70
C LYS A 42 -5.85 9.56 11.70
N ASP A 43 -7.14 9.88 11.75
CA ASP A 43 -7.65 10.90 12.66
C ASP A 43 -7.76 10.35 14.08
N THR A 44 -8.26 11.19 14.99
CA THR A 44 -8.42 10.79 16.38
C THR A 44 -9.34 9.59 16.51
N GLU A 45 -10.15 9.35 15.48
CA GLU A 45 -11.07 8.23 15.47
C GLU A 45 -10.43 6.99 14.85
N GLY A 46 -9.33 7.20 14.14
CA GLY A 46 -8.63 6.10 13.51
C GLY A 46 -9.02 5.93 12.05
N LYS A 47 -9.27 7.05 11.37
CA LYS A 47 -9.66 7.01 9.97
C LYS A 47 -9.00 8.15 9.20
N SER A 48 -8.58 7.87 7.97
CA SER A 48 -7.93 8.87 7.14
C SER A 48 -8.87 10.04 6.86
N TRP A 49 -8.30 11.25 6.83
CA TRP A 49 -9.10 12.44 6.58
C TRP A 49 -9.78 12.38 5.21
N CYS A 50 -9.15 11.66 4.28
CA CYS A 50 -9.70 11.51 2.94
C CYS A 50 -10.80 10.45 2.91
N PRO A 51 -11.92 10.79 2.25
CA PRO A 51 -13.07 9.88 2.14
C PRO A 51 -12.77 8.69 1.24
N ASP A 52 -12.27 8.96 0.04
CA ASP A 52 -11.95 7.91 -0.92
C ASP A 52 -11.05 6.86 -0.28
N CYS A 53 -9.98 7.32 0.37
CA CYS A 53 -9.03 6.41 1.02
C CYS A 53 -9.77 5.40 1.89
N VAL A 54 -10.50 5.91 2.88
CA VAL A 54 -11.25 5.05 3.79
C VAL A 54 -12.03 3.99 3.03
N GLU A 55 -12.49 4.34 1.83
CA GLU A 55 -13.25 3.41 1.00
C GLU A 55 -12.32 2.41 0.31
N ALA A 56 -11.15 2.89 -0.11
CA ALA A 56 -10.17 2.04 -0.78
C ALA A 56 -9.54 1.05 0.19
N GLU A 57 -9.38 1.48 1.44
CA GLU A 57 -8.79 0.63 2.47
C GLU A 57 -9.31 -0.80 2.36
N PRO A 58 -10.64 -0.96 2.49
CA PRO A 58 -11.29 -2.27 2.41
C PRO A 58 -11.26 -2.85 0.99
N VAL A 59 -10.96 -1.99 0.02
CA VAL A 59 -10.89 -2.43 -1.38
C VAL A 59 -9.51 -2.96 -1.72
N ILE A 60 -8.51 -2.49 -0.99
CA ILE A 60 -7.13 -2.92 -1.21
C ILE A 60 -6.77 -4.11 -0.34
N ARG A 61 -7.14 -4.04 0.94
CA ARG A 61 -6.86 -5.12 1.88
C ARG A 61 -7.58 -6.40 1.48
N GLU A 62 -8.77 -6.25 0.90
CA GLU A 62 -9.56 -7.39 0.45
C GLU A 62 -8.91 -8.09 -0.73
N GLY A 63 -8.34 -7.29 -1.63
CA GLY A 63 -7.68 -7.85 -2.80
C GLY A 63 -6.37 -8.53 -2.46
N LEU A 64 -5.72 -8.05 -1.41
CA LEU A 64 -4.44 -8.62 -0.97
C LEU A 64 -4.58 -10.11 -0.69
N LYS A 65 -5.81 -10.58 -0.60
CA LYS A 65 -6.08 -11.98 -0.32
C LYS A 65 -5.93 -12.82 -1.59
N HIS A 66 -6.37 -12.27 -2.71
CA HIS A 66 -6.27 -12.98 -3.99
C HIS A 66 -4.82 -13.07 -4.46
N VAL A 67 -3.95 -12.28 -3.82
CA VAL A 67 -2.53 -12.27 -4.17
C VAL A 67 -1.98 -13.69 -4.26
N THR A 68 -1.02 -13.89 -5.15
CA THR A 68 -0.40 -15.19 -5.34
C THR A 68 1.10 -15.13 -5.13
N GLU A 69 1.53 -14.30 -4.18
CA GLU A 69 2.95 -14.15 -3.89
C GLU A 69 3.16 -13.56 -2.50
N ASP A 70 3.79 -14.34 -1.63
CA ASP A 70 4.05 -13.90 -0.26
C ASP A 70 4.61 -12.48 -0.24
N CYS A 71 3.76 -11.51 0.05
CA CYS A 71 4.16 -10.11 0.09
C CYS A 71 3.93 -9.52 1.47
N VAL A 72 4.41 -8.29 1.67
CA VAL A 72 4.25 -7.61 2.95
C VAL A 72 3.71 -6.19 2.76
N PHE A 73 2.42 -6.02 3.04
CA PHE A 73 1.78 -4.72 2.89
C PHE A 73 2.41 -3.70 3.83
N ILE A 74 2.48 -2.46 3.39
CA ILE A 74 3.05 -1.38 4.19
C ILE A 74 2.17 -0.13 4.16
N TYR A 75 1.38 0.05 5.21
CA TYR A 75 0.49 1.20 5.31
C TYR A 75 1.26 2.45 5.74
N CYS A 76 1.78 3.18 4.76
CA CYS A 76 2.53 4.39 5.02
C CYS A 76 1.62 5.62 5.01
N GLN A 77 1.75 6.45 6.03
CA GLN A 77 0.93 7.65 6.14
C GLN A 77 1.75 8.89 5.84
N VAL A 78 1.43 9.55 4.73
CA VAL A 78 2.14 10.77 4.32
C VAL A 78 2.15 11.80 5.44
N GLY A 79 0.97 12.08 6.00
CA GLY A 79 0.86 13.04 7.07
C GLY A 79 -0.54 13.63 7.17
N ASP A 80 -0.61 14.91 7.54
CA ASP A 80 -1.88 15.60 7.68
C ASP A 80 -2.37 16.12 6.33
N LYS A 81 -3.64 16.51 6.28
CA LYS A 81 -4.22 17.02 5.05
C LYS A 81 -3.39 18.16 4.48
N PRO A 82 -3.10 19.16 5.33
CA PRO A 82 -2.29 20.33 4.93
C PRO A 82 -0.83 19.96 4.68
N TYR A 83 -0.47 18.72 4.98
CA TYR A 83 0.89 18.25 4.79
C TYR A 83 1.06 17.59 3.43
N TRP A 84 0.07 16.80 3.04
CA TRP A 84 0.10 16.11 1.75
C TRP A 84 0.28 17.11 0.61
N LYS A 85 -0.54 18.16 0.62
CA LYS A 85 -0.47 19.18 -0.42
C LYS A 85 0.97 19.57 -0.71
N ASP A 86 1.77 19.72 0.34
CA ASP A 86 3.17 20.09 0.20
C ASP A 86 3.80 19.37 -0.99
N PRO A 87 3.94 20.10 -2.11
CA PRO A 87 4.53 19.55 -3.34
C PRO A 87 6.03 19.29 -3.19
N ASN A 88 6.61 19.79 -2.10
CA ASN A 88 8.04 19.61 -1.85
C ASN A 88 8.27 18.51 -0.82
N ASN A 89 7.41 17.49 -0.84
CA ASN A 89 7.53 16.38 0.09
C ASN A 89 8.48 15.31 -0.45
N ASP A 90 8.97 14.46 0.43
CA ASP A 90 9.89 13.39 0.04
C ASP A 90 9.19 12.36 -0.81
N PHE A 91 7.86 12.30 -0.71
CA PHE A 91 7.07 11.35 -1.48
C PHE A 91 6.96 11.79 -2.94
N ARG A 92 6.73 13.09 -3.14
CA ARG A 92 6.61 13.63 -4.48
C ARG A 92 7.97 14.01 -5.05
N GLN A 93 9.00 13.95 -4.20
CA GLN A 93 10.35 14.29 -4.62
C GLN A 93 11.17 13.03 -4.89
N LYS A 94 10.96 12.00 -4.08
CA LYS A 94 11.67 10.74 -4.24
C LYS A 94 10.78 9.69 -4.87
N LEU A 95 9.60 9.48 -4.31
CA LEU A 95 8.65 8.51 -4.83
C LEU A 95 7.81 9.11 -5.94
N LYS A 96 7.92 10.42 -6.13
CA LYS A 96 7.17 11.12 -7.16
C LYS A 96 5.72 10.64 -7.20
N ILE A 97 5.06 10.68 -6.06
CA ILE A 97 3.67 10.24 -5.96
C ILE A 97 2.76 11.16 -6.77
N THR A 98 1.69 10.59 -7.32
CA THR A 98 0.74 11.35 -8.12
C THR A 98 -0.41 11.86 -7.25
N ALA A 99 -1.21 10.94 -6.73
CA ALA A 99 -2.34 11.30 -5.89
C ALA A 99 -2.67 10.19 -4.90
N VAL A 100 -2.73 10.54 -3.62
CA VAL A 100 -3.04 9.57 -2.57
C VAL A 100 -4.54 9.33 -2.46
N PRO A 101 -4.91 8.11 -2.05
CA PRO A 101 -3.96 7.05 -1.74
C PRO A 101 -3.24 6.53 -2.98
N THR A 102 -1.96 6.19 -2.82
CA THR A 102 -1.17 5.68 -3.93
C THR A 102 -0.59 4.31 -3.60
N LEU A 103 -1.07 3.29 -4.30
CA LEU A 103 -0.61 1.92 -4.08
C LEU A 103 0.50 1.57 -5.06
N LEU A 104 1.74 1.60 -4.58
CA LEU A 104 2.90 1.27 -5.41
C LEU A 104 3.42 -0.12 -5.09
N LYS A 105 3.64 -0.92 -6.14
CA LYS A 105 4.14 -2.28 -5.98
C LYS A 105 5.66 -2.32 -6.09
N TYR A 106 6.34 -2.19 -4.97
CA TYR A 106 7.80 -2.21 -4.94
C TYR A 106 8.34 -3.31 -5.83
N GLY A 107 8.94 -2.92 -6.95
CA GLY A 107 9.49 -3.89 -7.88
C GLY A 107 8.97 -3.73 -9.28
N THR A 108 7.74 -3.22 -9.40
CA THR A 108 7.12 -3.02 -10.70
C THR A 108 6.46 -1.64 -10.78
N PRO A 109 6.46 -1.05 -11.99
CA PRO A 109 5.86 0.26 -12.23
C PRO A 109 4.34 0.24 -12.12
N GLN A 110 3.79 -0.94 -11.83
CA GLN A 110 2.34 -1.09 -11.70
C GLN A 110 1.86 -0.55 -10.35
N LYS A 111 1.06 0.52 -10.40
CA LYS A 111 0.53 1.13 -9.20
C LYS A 111 -0.96 1.44 -9.35
N LEU A 112 -1.61 1.74 -8.24
CA LEU A 112 -3.04 2.05 -8.25
C LEU A 112 -3.31 3.37 -7.51
N VAL A 113 -3.90 4.32 -8.23
CA VAL A 113 -4.23 5.62 -7.63
C VAL A 113 -5.57 5.58 -6.92
N GLU A 114 -5.91 6.68 -6.27
CA GLU A 114 -7.17 6.78 -5.54
C GLU A 114 -8.25 5.95 -6.21
N SER A 115 -8.54 6.28 -7.47
CA SER A 115 -9.57 5.57 -8.24
C SER A 115 -9.23 4.08 -8.34
N GLU A 116 -7.99 3.79 -8.74
CA GLU A 116 -7.54 2.41 -8.89
C GLU A 116 -7.46 1.73 -7.53
N CYS A 117 -7.55 2.50 -6.46
CA CYS A 117 -7.48 1.97 -5.11
C CYS A 117 -8.87 1.62 -4.58
N CYS A 118 -9.90 2.12 -5.28
CA CYS A 118 -11.28 1.87 -4.89
C CYS A 118 -11.92 0.85 -5.82
N GLN A 119 -11.22 0.52 -6.90
CA GLN A 119 -11.73 -0.44 -7.87
C GLN A 119 -11.17 -1.83 -7.59
N SER A 120 -11.95 -2.64 -6.86
CA SER A 120 -11.53 -4.00 -6.53
C SER A 120 -11.03 -4.73 -7.76
N SER A 121 -11.70 -4.51 -8.89
CA SER A 121 -11.31 -5.16 -10.14
C SER A 121 -9.83 -4.96 -10.42
N LEU A 122 -9.29 -3.84 -9.98
CA LEU A 122 -7.88 -3.52 -10.18
C LEU A 122 -7.03 -4.08 -9.05
N VAL A 123 -7.49 -3.86 -7.81
CA VAL A 123 -6.77 -4.34 -6.64
C VAL A 123 -6.46 -5.83 -6.76
N GLU A 124 -7.48 -6.62 -7.07
CA GLU A 124 -7.33 -8.06 -7.21
C GLU A 124 -6.48 -8.40 -8.44
N MET A 125 -6.31 -7.42 -9.32
CA MET A 125 -5.52 -7.61 -10.53
C MET A 125 -4.03 -7.43 -10.26
N ILE A 126 -3.67 -6.24 -9.75
CA ILE A 126 -2.28 -5.95 -9.43
C ILE A 126 -1.67 -7.04 -8.56
N PHE A 127 -2.50 -7.71 -7.77
CA PHE A 127 -2.04 -8.78 -6.90
C PHE A 127 -2.01 -10.11 -7.63
N SER A 128 -2.80 -10.21 -8.70
CA SER A 128 -2.88 -11.44 -9.50
C SER A 128 -1.73 -11.51 -10.49
N GLU A 129 -1.77 -10.64 -11.50
CA GLU A 129 -0.74 -10.60 -12.53
C GLU A 129 0.58 -10.11 -11.95
N ASP A 130 1.56 -11.01 -11.87
CA ASP A 130 2.87 -10.65 -11.33
C ASP A 130 3.64 -9.76 -12.31
N GLY A 1 -1.31 -37.12 6.79
CA GLY A 1 -1.48 -36.20 5.69
C GLY A 1 -1.20 -36.83 4.34
N SER A 2 -1.30 -36.04 3.28
CA SER A 2 -1.07 -36.54 1.92
C SER A 2 0.15 -35.87 1.31
N GLU A 3 1.10 -36.68 0.85
CA GLU A 3 2.32 -36.16 0.24
C GLU A 3 1.99 -35.07 -0.77
N GLY A 4 2.96 -34.18 -1.01
CA GLY A 4 2.75 -33.10 -1.96
C GLY A 4 1.99 -31.94 -1.35
N ALA A 5 2.73 -30.93 -0.88
CA ALA A 5 2.11 -29.75 -0.27
C ALA A 5 2.70 -28.46 -0.84
N ALA A 6 2.00 -27.36 -0.63
CA ALA A 6 2.46 -26.06 -1.13
C ALA A 6 1.71 -24.92 -0.46
N THR A 7 2.45 -23.94 0.05
CA THR A 7 1.85 -22.80 0.72
C THR A 7 1.46 -21.71 -0.28
N MET A 8 0.24 -21.21 -0.16
CA MET A 8 -0.24 -20.16 -1.06
C MET A 8 0.38 -18.81 -0.71
N ALA A 9 0.07 -17.80 -1.52
CA ALA A 9 0.60 -16.45 -1.29
C ALA A 9 0.28 -15.98 0.12
N THR A 10 1.24 -15.34 0.77
CA THR A 10 1.06 -14.83 2.12
C THR A 10 1.26 -13.32 2.16
N PHE A 11 0.28 -12.61 2.71
CA PHE A 11 0.34 -11.16 2.81
C PHE A 11 0.48 -10.73 4.27
N GLU A 12 1.04 -9.54 4.47
CA GLU A 12 1.24 -9.01 5.82
C GLU A 12 0.96 -7.51 5.86
N GLU A 13 0.30 -7.07 6.92
CA GLU A 13 -0.03 -5.65 7.08
C GLU A 13 0.95 -4.97 8.03
N VAL A 14 1.68 -3.99 7.51
CA VAL A 14 2.65 -3.26 8.31
C VAL A 14 2.33 -1.77 8.35
N SER A 15 1.93 -1.29 9.52
CA SER A 15 1.58 0.12 9.69
C SER A 15 2.82 0.96 9.95
N VAL A 16 3.00 2.01 9.16
CA VAL A 16 4.15 2.89 9.30
C VAL A 16 3.77 4.34 9.03
N LEU A 17 4.63 5.27 9.45
CA LEU A 17 4.39 6.69 9.25
C LEU A 17 5.65 7.41 8.82
N GLY A 18 5.55 8.22 7.77
CA GLY A 18 6.71 8.95 7.28
C GLY A 18 7.53 8.15 6.29
N PHE A 19 8.59 8.77 5.77
CA PHE A 19 9.47 8.10 4.80
C PHE A 19 10.48 7.22 5.51
N GLU A 20 10.97 7.68 6.66
CA GLU A 20 11.95 6.93 7.43
C GLU A 20 11.42 5.54 7.79
N GLU A 21 10.37 5.51 8.59
CA GLU A 21 9.77 4.25 9.00
C GLU A 21 9.43 3.39 7.79
N PHE A 22 8.82 4.00 6.79
CA PHE A 22 8.44 3.29 5.58
C PHE A 22 9.60 2.46 5.04
N ASP A 23 10.70 3.15 4.71
CA ASP A 23 11.89 2.49 4.18
C ASP A 23 12.26 1.29 5.03
N LYS A 24 12.41 1.51 6.33
CA LYS A 24 12.77 0.44 7.26
C LYS A 24 11.91 -0.79 7.02
N ALA A 25 10.60 -0.59 6.89
CA ALA A 25 9.68 -1.68 6.66
C ALA A 25 9.95 -2.37 5.33
N VAL A 26 10.34 -1.57 4.33
CA VAL A 26 10.64 -2.11 3.00
C VAL A 26 11.90 -2.97 3.03
N LYS A 27 13.04 -2.33 3.27
CA LYS A 27 14.32 -3.04 3.33
C LYS A 27 14.19 -4.33 4.14
N GLU A 28 13.24 -4.34 5.07
CA GLU A 28 13.01 -5.51 5.92
C GLU A 28 12.50 -6.69 5.09
N HIS A 29 11.46 -6.44 4.29
CA HIS A 29 10.89 -7.48 3.45
C HIS A 29 11.40 -7.38 2.02
N GLU A 30 12.59 -6.79 1.86
CA GLU A 30 13.19 -6.63 0.55
C GLU A 30 13.35 -7.98 -0.15
N SER A 31 13.30 -9.05 0.63
CA SER A 31 13.44 -10.40 0.09
C SER A 31 12.18 -10.81 -0.67
N LYS A 32 11.02 -10.44 -0.13
CA LYS A 32 9.75 -10.77 -0.75
C LYS A 32 9.05 -9.51 -1.26
N THR A 33 8.06 -9.70 -2.12
CA THR A 33 7.32 -8.58 -2.69
C THR A 33 6.82 -7.64 -1.59
N ILE A 34 6.75 -6.36 -1.92
CA ILE A 34 6.29 -5.35 -0.97
C ILE A 34 5.26 -4.42 -1.61
N PHE A 35 4.29 -3.97 -0.80
CA PHE A 35 3.25 -3.08 -1.28
C PHE A 35 3.09 -1.88 -0.34
N ALA A 36 3.45 -0.70 -0.83
CA ALA A 36 3.35 0.52 -0.05
C ALA A 36 2.06 1.26 -0.35
N TYR A 37 1.33 1.63 0.69
CA TYR A 37 0.07 2.35 0.54
C TYR A 37 0.18 3.77 1.10
N PHE A 38 0.66 4.68 0.26
CA PHE A 38 0.81 6.08 0.66
C PHE A 38 -0.54 6.77 0.74
N SER A 39 -0.91 7.20 1.95
CA SER A 39 -2.18 7.87 2.17
C SER A 39 -2.08 8.87 3.31
N GLY A 40 -3.09 9.72 3.46
CA GLY A 40 -3.10 10.70 4.51
C GLY A 40 -3.10 10.08 5.90
N SER A 41 -2.85 10.89 6.91
CA SER A 41 -2.81 10.41 8.29
C SER A 41 -4.20 10.38 8.90
N LYS A 42 -4.46 9.40 9.75
CA LYS A 42 -5.75 9.26 10.41
C LYS A 42 -5.90 10.27 11.54
N ASP A 43 -7.15 10.54 11.92
CA ASP A 43 -7.43 11.49 12.99
C ASP A 43 -7.56 10.77 14.34
N THR A 44 -7.91 11.52 15.37
CA THR A 44 -8.07 10.97 16.71
C THR A 44 -9.07 9.82 16.71
N GLU A 45 -9.83 9.70 15.62
CA GLU A 45 -10.82 8.64 15.49
C GLU A 45 -10.22 7.40 14.83
N GLY A 46 -9.16 7.60 14.06
CA GLY A 46 -8.51 6.49 13.38
C GLY A 46 -8.94 6.37 11.94
N LYS A 47 -9.20 7.50 11.29
CA LYS A 47 -9.62 7.53 9.90
C LYS A 47 -8.95 8.66 9.14
N SER A 48 -8.51 8.38 7.92
CA SER A 48 -7.84 9.38 7.10
C SER A 48 -8.82 10.48 6.69
N TRP A 49 -8.36 11.72 6.74
CA TRP A 49 -9.19 12.87 6.39
C TRP A 49 -9.88 12.64 5.05
N CYS A 50 -9.25 11.84 4.19
CA CYS A 50 -9.81 11.54 2.87
C CYS A 50 -10.82 10.41 2.97
N PRO A 51 -11.97 10.60 2.30
CA PRO A 51 -13.05 9.60 2.29
C PRO A 51 -12.68 8.36 1.48
N ASP A 52 -12.19 8.58 0.26
CA ASP A 52 -11.80 7.48 -0.61
C ASP A 52 -10.92 6.49 0.13
N CYS A 53 -9.77 6.96 0.58
CA CYS A 53 -8.83 6.11 1.32
C CYS A 53 -9.57 5.15 2.25
N VAL A 54 -10.32 5.71 3.19
CA VAL A 54 -11.07 4.90 4.13
C VAL A 54 -11.88 3.81 3.43
N GLU A 55 -12.37 4.14 2.24
CA GLU A 55 -13.15 3.18 1.45
C GLU A 55 -12.23 2.31 0.59
N ALA A 56 -10.99 2.75 0.43
CA ALA A 56 -10.02 2.01 -0.37
C ALA A 56 -9.29 0.96 0.48
N GLU A 57 -9.20 1.23 1.78
CA GLU A 57 -8.53 0.31 2.70
C GLU A 57 -9.09 -1.09 2.57
N PRO A 58 -10.42 -1.22 2.64
CA PRO A 58 -11.10 -2.51 2.53
C PRO A 58 -11.03 -3.08 1.13
N VAL A 59 -10.89 -2.21 0.14
CA VAL A 59 -10.79 -2.63 -1.26
C VAL A 59 -9.41 -3.18 -1.58
N ILE A 60 -8.40 -2.67 -0.89
CA ILE A 60 -7.03 -3.11 -1.11
C ILE A 60 -6.71 -4.34 -0.25
N ARG A 61 -7.01 -4.24 1.05
CA ARG A 61 -6.75 -5.33 1.97
C ARG A 61 -7.53 -6.57 1.57
N GLU A 62 -8.58 -6.39 0.77
CA GLU A 62 -9.41 -7.49 0.32
C GLU A 62 -8.76 -8.22 -0.85
N GLY A 63 -8.25 -7.46 -1.81
CA GLY A 63 -7.62 -8.04 -2.97
C GLY A 63 -6.29 -8.72 -2.62
N LEU A 64 -5.65 -8.24 -1.56
CA LEU A 64 -4.37 -8.79 -1.13
C LEU A 64 -4.52 -10.27 -0.79
N LYS A 65 -5.75 -10.70 -0.54
CA LYS A 65 -6.01 -12.10 -0.21
C LYS A 65 -6.09 -12.96 -1.47
N HIS A 66 -6.20 -12.31 -2.61
CA HIS A 66 -6.28 -13.01 -3.89
C HIS A 66 -4.93 -13.00 -4.61
N VAL A 67 -3.93 -12.41 -3.96
CA VAL A 67 -2.59 -12.33 -4.53
C VAL A 67 -2.00 -13.72 -4.74
N THR A 68 -1.09 -13.83 -5.70
CA THR A 68 -0.45 -15.10 -6.00
C THR A 68 1.05 -15.02 -5.76
N GLU A 69 1.47 -14.06 -4.94
CA GLU A 69 2.88 -13.88 -4.63
C GLU A 69 3.07 -13.40 -3.20
N ASP A 70 3.93 -14.10 -2.46
CA ASP A 70 4.21 -13.74 -1.07
C ASP A 70 4.71 -12.31 -0.97
N CYS A 71 3.83 -11.40 -0.56
CA CYS A 71 4.18 -9.99 -0.43
C CYS A 71 3.88 -9.49 0.98
N VAL A 72 4.31 -8.27 1.27
CA VAL A 72 4.07 -7.67 2.59
C VAL A 72 3.53 -6.25 2.46
N PHE A 73 2.26 -6.08 2.79
CA PHE A 73 1.62 -4.78 2.71
C PHE A 73 2.24 -3.80 3.69
N ILE A 74 2.22 -2.51 3.34
CA ILE A 74 2.79 -1.48 4.19
C ILE A 74 1.94 -0.22 4.16
N TYR A 75 1.24 0.04 5.27
CA TYR A 75 0.39 1.22 5.38
C TYR A 75 1.19 2.44 5.81
N CYS A 76 1.65 3.21 4.84
CA CYS A 76 2.43 4.41 5.13
C CYS A 76 1.54 5.66 5.11
N GLN A 77 1.82 6.58 6.03
CA GLN A 77 1.04 7.81 6.12
C GLN A 77 1.90 9.02 5.77
N VAL A 78 1.57 9.68 4.66
CA VAL A 78 2.31 10.85 4.22
C VAL A 78 2.38 11.91 5.31
N GLY A 79 1.22 12.23 5.89
CA GLY A 79 1.16 13.23 6.94
C GLY A 79 -0.21 13.84 7.08
N ASP A 80 -0.25 15.15 7.31
CA ASP A 80 -1.51 15.86 7.46
C ASP A 80 -2.02 16.35 6.11
N LYS A 81 -3.23 16.91 6.11
CA LYS A 81 -3.83 17.43 4.89
C LYS A 81 -2.91 18.44 4.20
N PRO A 82 -2.56 19.50 4.94
CA PRO A 82 -1.68 20.56 4.42
C PRO A 82 -0.25 20.08 4.25
N TYR A 83 0.02 18.85 4.67
CA TYR A 83 1.36 18.28 4.57
C TYR A 83 1.53 17.55 3.24
N TRP A 84 0.51 16.80 2.84
CA TRP A 84 0.55 16.05 1.58
C TRP A 84 0.66 16.99 0.40
N LYS A 85 -0.13 18.06 0.42
CA LYS A 85 -0.12 19.04 -0.66
C LYS A 85 1.30 19.49 -0.98
N ASP A 86 2.13 19.57 0.05
CA ASP A 86 3.52 19.98 -0.12
C ASP A 86 4.12 19.37 -1.38
N PRO A 87 4.21 20.17 -2.45
CA PRO A 87 4.76 19.73 -3.73
C PRO A 87 6.27 19.50 -3.66
N ASN A 88 6.86 19.85 -2.53
CA ASN A 88 8.30 19.68 -2.34
C ASN A 88 8.59 18.65 -1.25
N ASN A 89 7.72 17.65 -1.16
CA ASN A 89 7.88 16.59 -0.16
C ASN A 89 8.69 15.42 -0.72
N ASP A 90 9.39 14.73 0.15
CA ASP A 90 10.21 13.59 -0.25
C ASP A 90 9.37 12.57 -1.02
N PHE A 91 8.06 12.66 -0.86
CA PHE A 91 7.14 11.75 -1.53
C PHE A 91 7.04 12.07 -3.02
N ARG A 92 7.05 13.35 -3.34
CA ARG A 92 6.98 13.79 -4.74
C ARG A 92 8.37 14.06 -5.29
N GLN A 93 9.36 14.12 -4.42
CA GLN A 93 10.74 14.38 -4.83
C GLN A 93 11.50 13.07 -4.97
N LYS A 94 11.33 12.17 -4.01
CA LYS A 94 12.01 10.88 -4.03
C LYS A 94 11.10 9.80 -4.61
N LEU A 95 9.91 9.66 -4.03
CA LEU A 95 8.95 8.66 -4.49
C LEU A 95 8.21 9.15 -5.73
N LYS A 96 8.21 10.47 -5.93
CA LYS A 96 7.52 11.07 -7.07
C LYS A 96 6.08 10.58 -7.17
N ILE A 97 5.35 10.68 -6.07
CA ILE A 97 3.96 10.25 -6.03
C ILE A 97 3.09 11.13 -6.94
N THR A 98 1.96 10.58 -7.37
CA THR A 98 1.04 11.32 -8.23
C THR A 98 -0.15 11.86 -7.44
N ALA A 99 -0.98 10.95 -6.93
CA ALA A 99 -2.15 11.33 -6.15
C ALA A 99 -2.48 10.27 -5.10
N VAL A 100 -2.59 10.71 -3.86
CA VAL A 100 -2.90 9.79 -2.77
C VAL A 100 -4.41 9.57 -2.65
N PRO A 101 -4.79 8.36 -2.22
CA PRO A 101 -3.83 7.31 -1.86
C PRO A 101 -3.12 6.74 -3.08
N THR A 102 -1.86 6.35 -2.88
CA THR A 102 -1.06 5.78 -3.97
C THR A 102 -0.51 4.41 -3.60
N LEU A 103 -0.94 3.40 -4.33
CA LEU A 103 -0.49 2.03 -4.08
C LEU A 103 0.61 1.63 -5.07
N LEU A 104 1.86 1.74 -4.62
CA LEU A 104 3.00 1.38 -5.47
C LEU A 104 3.48 -0.03 -5.16
N LYS A 105 3.64 -0.84 -6.20
CA LYS A 105 4.11 -2.22 -6.04
C LYS A 105 5.62 -2.29 -6.13
N TYR A 106 6.29 -2.22 -4.98
CA TYR A 106 7.74 -2.29 -4.94
C TYR A 106 8.27 -3.40 -5.83
N GLY A 107 8.84 -3.01 -6.96
CA GLY A 107 9.38 -4.00 -7.89
C GLY A 107 8.90 -3.79 -9.31
N THR A 108 7.66 -3.30 -9.45
CA THR A 108 7.08 -3.06 -10.76
C THR A 108 6.47 -1.66 -10.84
N PRO A 109 6.44 -1.10 -12.05
CA PRO A 109 5.88 0.23 -12.30
C PRO A 109 4.37 0.27 -12.12
N GLN A 110 3.78 -0.89 -11.82
CA GLN A 110 2.34 -0.98 -11.64
C GLN A 110 1.92 -0.36 -10.31
N LYS A 111 1.03 0.62 -10.38
CA LYS A 111 0.54 1.29 -9.18
C LYS A 111 -0.94 1.63 -9.31
N LEU A 112 -1.64 1.65 -8.18
CA LEU A 112 -3.06 1.96 -8.17
C LEU A 112 -3.32 3.31 -7.49
N VAL A 113 -3.87 4.25 -8.26
CA VAL A 113 -4.17 5.58 -7.73
C VAL A 113 -5.48 5.57 -6.95
N GLU A 114 -5.80 6.72 -6.35
CA GLU A 114 -7.04 6.85 -5.57
C GLU A 114 -8.15 5.98 -6.16
N SER A 115 -8.55 6.30 -7.38
CA SER A 115 -9.61 5.56 -8.05
C SER A 115 -9.26 4.07 -8.12
N GLU A 116 -8.02 3.77 -8.46
CA GLU A 116 -7.56 2.38 -8.55
C GLU A 116 -7.42 1.76 -7.17
N CYS A 117 -7.46 2.60 -6.15
CA CYS A 117 -7.32 2.13 -4.77
C CYS A 117 -8.68 1.73 -4.20
N CYS A 118 -9.75 2.16 -4.88
CA CYS A 118 -11.11 1.86 -4.44
C CYS A 118 -11.74 0.80 -5.34
N GLN A 119 -11.09 0.51 -6.46
CA GLN A 119 -11.59 -0.48 -7.40
C GLN A 119 -10.98 -1.85 -7.14
N SER A 120 -11.77 -2.74 -6.54
CA SER A 120 -11.30 -4.09 -6.23
C SER A 120 -10.83 -4.81 -7.49
N SER A 121 -11.59 -4.66 -8.57
CA SER A 121 -11.25 -5.29 -9.84
C SER A 121 -9.79 -5.06 -10.19
N LEU A 122 -9.29 -3.88 -9.86
CA LEU A 122 -7.90 -3.53 -10.14
C LEU A 122 -6.98 -4.04 -9.03
N VAL A 123 -7.45 -3.97 -7.79
CA VAL A 123 -6.68 -4.42 -6.64
C VAL A 123 -6.31 -5.90 -6.78
N GLU A 124 -7.29 -6.73 -7.09
CA GLU A 124 -7.06 -8.16 -7.25
C GLU A 124 -6.29 -8.44 -8.53
N MET A 125 -6.18 -7.44 -9.39
CA MET A 125 -5.46 -7.58 -10.65
C MET A 125 -3.96 -7.38 -10.44
N ILE A 126 -3.59 -6.27 -9.80
CA ILE A 126 -2.19 -5.97 -9.55
C ILE A 126 -1.54 -7.06 -8.71
N PHE A 127 -2.35 -7.75 -7.90
CA PHE A 127 -1.85 -8.82 -7.05
C PHE A 127 -1.77 -10.13 -7.82
N SER A 128 -2.80 -10.42 -8.61
CA SER A 128 -2.85 -11.64 -9.39
C SER A 128 -1.76 -11.64 -10.47
N GLU A 129 -1.69 -10.56 -11.23
CA GLU A 129 -0.70 -10.44 -12.30
C GLU A 129 0.57 -9.77 -11.77
N ASP A 130 1.72 -10.39 -12.05
CA ASP A 130 3.00 -9.87 -11.61
C ASP A 130 3.79 -9.33 -12.80
N GLY A 1 -9.56 -27.15 3.30
CA GLY A 1 -9.16 -28.17 2.35
C GLY A 1 -7.66 -28.17 2.10
N SER A 2 -7.19 -29.14 1.34
CA SER A 2 -5.77 -29.25 1.03
C SER A 2 -5.48 -28.80 -0.39
N GLU A 3 -4.26 -28.29 -0.62
CA GLU A 3 -3.87 -27.82 -1.93
C GLU A 3 -3.82 -28.97 -2.94
N GLY A 4 -3.60 -28.63 -4.21
CA GLY A 4 -3.55 -29.64 -5.24
C GLY A 4 -2.73 -29.20 -6.44
N ALA A 5 -1.41 -29.22 -6.29
CA ALA A 5 -0.52 -28.81 -7.37
C ALA A 5 -0.58 -27.31 -7.60
N ALA A 6 -0.34 -26.55 -6.53
CA ALA A 6 -0.36 -25.09 -6.60
C ALA A 6 0.06 -24.47 -5.28
N THR A 7 0.95 -23.49 -5.36
CA THR A 7 1.45 -22.80 -4.16
C THR A 7 0.60 -21.58 -3.84
N MET A 8 0.27 -21.42 -2.56
CA MET A 8 -0.55 -20.29 -2.12
C MET A 8 0.33 -19.08 -1.82
N ALA A 9 -0.30 -17.92 -1.69
CA ALA A 9 0.42 -16.69 -1.39
C ALA A 9 0.21 -16.26 0.05
N THR A 10 1.09 -15.39 0.54
CA THR A 10 1.01 -14.90 1.90
C THR A 10 1.26 -13.40 1.98
N PHE A 11 0.35 -12.68 2.62
CA PHE A 11 0.47 -11.23 2.74
C PHE A 11 0.66 -10.84 4.21
N GLU A 12 1.36 -9.74 4.43
CA GLU A 12 1.62 -9.24 5.77
C GLU A 12 1.30 -7.75 5.88
N GLU A 13 0.58 -7.38 6.95
CA GLU A 13 0.21 -5.99 7.17
C GLU A 13 1.25 -5.29 8.04
N VAL A 14 1.80 -4.20 7.52
CA VAL A 14 2.80 -3.43 8.25
C VAL A 14 2.41 -1.96 8.32
N SER A 15 2.19 -1.46 9.54
CA SER A 15 1.82 -0.07 9.74
C SER A 15 3.05 0.80 9.97
N VAL A 16 3.14 1.90 9.23
CA VAL A 16 4.27 2.81 9.34
C VAL A 16 3.84 4.25 9.08
N LEU A 17 4.53 5.19 9.71
CA LEU A 17 4.22 6.61 9.54
C LEU A 17 5.48 7.40 9.18
N GLY A 18 5.50 7.92 7.96
CA GLY A 18 6.65 8.69 7.51
C GLY A 18 7.58 7.89 6.62
N PHE A 19 8.47 8.58 5.91
CA PHE A 19 9.40 7.93 5.01
C PHE A 19 10.45 7.15 5.81
N GLU A 20 10.83 7.67 6.96
CA GLU A 20 11.82 7.02 7.80
C GLU A 20 11.39 5.60 8.15
N GLU A 21 10.24 5.47 8.78
CA GLU A 21 9.71 4.18 9.18
C GLU A 21 9.43 3.31 7.94
N PHE A 22 8.93 3.94 6.89
CA PHE A 22 8.62 3.23 5.65
C PHE A 22 9.85 2.49 5.13
N ASP A 23 10.93 3.23 4.91
CA ASP A 23 12.16 2.64 4.41
C ASP A 23 12.60 1.47 5.29
N LYS A 24 12.55 1.66 6.60
CA LYS A 24 12.94 0.62 7.54
C LYS A 24 12.16 -0.66 7.29
N ALA A 25 10.87 -0.52 6.98
CA ALA A 25 10.02 -1.67 6.71
C ALA A 25 10.46 -2.39 5.44
N VAL A 26 10.69 -1.63 4.38
CA VAL A 26 11.12 -2.20 3.10
C VAL A 26 12.40 -3.00 3.26
N LYS A 27 13.42 -2.37 3.84
CA LYS A 27 14.70 -3.02 4.04
C LYS A 27 14.53 -4.34 4.80
N GLU A 28 13.49 -4.40 5.63
CA GLU A 28 13.21 -5.61 6.40
C GLU A 28 12.57 -6.68 5.53
N HIS A 29 11.82 -6.25 4.52
CA HIS A 29 11.15 -7.17 3.62
C HIS A 29 11.72 -7.06 2.21
N GLU A 30 13.03 -6.85 2.12
CA GLU A 30 13.70 -6.73 0.84
C GLU A 30 14.05 -8.10 0.26
N SER A 31 13.20 -9.09 0.56
CA SER A 31 13.42 -10.45 0.08
C SER A 31 12.26 -10.92 -0.79
N LYS A 32 11.07 -10.37 -0.51
CA LYS A 32 9.87 -10.73 -1.26
C LYS A 32 9.16 -9.49 -1.78
N THR A 33 8.09 -9.70 -2.55
CA THR A 33 7.33 -8.59 -3.10
C THR A 33 6.87 -7.62 -2.01
N ILE A 34 6.99 -6.33 -2.29
CA ILE A 34 6.59 -5.30 -1.33
C ILE A 34 5.51 -4.39 -1.91
N PHE A 35 4.49 -4.10 -1.10
CA PHE A 35 3.40 -3.24 -1.54
C PHE A 35 3.21 -2.07 -0.57
N ALA A 36 3.59 -0.89 -1.02
CA ALA A 36 3.47 0.31 -0.20
C ALA A 36 2.18 1.07 -0.52
N TYR A 37 1.39 1.34 0.51
CA TYR A 37 0.13 2.05 0.33
C TYR A 37 0.21 3.46 0.91
N PHE A 38 0.62 4.41 0.09
CA PHE A 38 0.74 5.81 0.52
C PHE A 38 -0.63 6.47 0.63
N SER A 39 -0.94 6.97 1.82
CA SER A 39 -2.23 7.62 2.06
C SER A 39 -2.14 8.58 3.24
N GLY A 40 -3.14 9.44 3.38
CA GLY A 40 -3.16 10.39 4.47
C GLY A 40 -3.09 9.72 5.83
N SER A 41 -2.69 10.47 6.85
CA SER A 41 -2.59 9.95 8.20
C SER A 41 -3.96 9.70 8.81
N LYS A 42 -4.03 8.78 9.75
CA LYS A 42 -5.29 8.45 10.41
C LYS A 42 -5.76 9.60 11.29
N ASP A 43 -7.04 9.61 11.62
CA ASP A 43 -7.62 10.65 12.46
C ASP A 43 -7.69 10.20 13.92
N THR A 44 -8.24 11.06 14.77
CA THR A 44 -8.37 10.74 16.18
C THR A 44 -9.22 9.50 16.40
N GLU A 45 -9.89 9.06 15.34
CA GLU A 45 -10.74 7.87 15.43
C GLU A 45 -10.06 6.68 14.78
N GLY A 46 -8.94 6.93 14.10
CA GLY A 46 -8.22 5.85 13.44
C GLY A 46 -8.57 5.73 11.98
N LYS A 47 -8.97 6.84 11.37
CA LYS A 47 -9.33 6.85 9.96
C LYS A 47 -8.69 8.03 9.24
N SER A 48 -8.21 7.78 8.02
CA SER A 48 -7.57 8.83 7.22
C SER A 48 -8.56 9.95 6.89
N TRP A 49 -8.12 11.18 7.05
CA TRP A 49 -8.97 12.35 6.77
C TRP A 49 -9.66 12.19 5.43
N CYS A 50 -8.89 11.81 4.41
CA CYS A 50 -9.43 11.64 3.07
C CYS A 50 -10.57 10.62 3.07
N PRO A 51 -11.67 10.97 2.39
CA PRO A 51 -12.85 10.10 2.30
C PRO A 51 -12.59 8.86 1.45
N ASP A 52 -12.02 9.06 0.27
CA ASP A 52 -11.71 7.96 -0.64
C ASP A 52 -10.89 6.89 0.07
N CYS A 53 -9.82 7.31 0.73
CA CYS A 53 -8.94 6.38 1.45
C CYS A 53 -9.75 5.46 2.35
N VAL A 54 -10.69 6.05 3.09
CA VAL A 54 -11.54 5.29 4.00
C VAL A 54 -12.41 4.29 3.25
N GLU A 55 -12.67 4.59 1.97
CA GLU A 55 -13.48 3.72 1.13
C GLU A 55 -12.61 2.81 0.28
N ALA A 56 -11.32 3.11 0.23
CA ALA A 56 -10.38 2.31 -0.54
C ALA A 56 -9.60 1.34 0.34
N GLU A 57 -9.53 1.67 1.63
CA GLU A 57 -8.81 0.82 2.59
C GLU A 57 -9.34 -0.61 2.55
N PRO A 58 -10.68 -0.75 2.69
CA PRO A 58 -11.33 -2.06 2.67
C PRO A 58 -11.31 -2.71 1.30
N VAL A 59 -11.02 -1.90 0.28
CA VAL A 59 -10.96 -2.40 -1.09
C VAL A 59 -9.57 -2.95 -1.42
N ILE A 60 -8.56 -2.39 -0.77
CA ILE A 60 -7.18 -2.82 -1.00
C ILE A 60 -6.80 -3.95 -0.06
N ARG A 61 -7.08 -3.78 1.22
CA ARG A 61 -6.76 -4.79 2.22
C ARG A 61 -7.45 -6.11 1.89
N GLU A 62 -8.57 -6.03 1.16
CA GLU A 62 -9.33 -7.22 0.78
C GLU A 62 -8.70 -7.89 -0.43
N GLY A 63 -8.34 -7.08 -1.43
CA GLY A 63 -7.73 -7.62 -2.63
C GLY A 63 -6.41 -8.31 -2.36
N LEU A 64 -5.67 -7.80 -1.38
CA LEU A 64 -4.38 -8.38 -1.02
C LEU A 64 -4.49 -9.88 -0.85
N LYS A 65 -5.69 -10.35 -0.52
CA LYS A 65 -5.93 -11.77 -0.33
C LYS A 65 -5.88 -12.53 -1.65
N HIS A 66 -6.42 -11.91 -2.70
CA HIS A 66 -6.43 -12.52 -4.03
C HIS A 66 -5.01 -12.70 -4.56
N VAL A 67 -4.08 -11.91 -4.02
CA VAL A 67 -2.68 -11.98 -4.44
C VAL A 67 -2.22 -13.43 -4.55
N THR A 68 -1.37 -13.70 -5.53
CA THR A 68 -0.84 -15.04 -5.75
C THR A 68 0.68 -15.07 -5.63
N GLU A 69 1.21 -14.20 -4.79
CA GLU A 69 2.65 -14.11 -4.59
C GLU A 69 2.98 -13.59 -3.19
N ASP A 70 3.87 -14.28 -2.50
CA ASP A 70 4.27 -13.89 -1.15
C ASP A 70 4.79 -12.46 -1.15
N CYS A 71 3.95 -11.54 -0.67
CA CYS A 71 4.33 -10.12 -0.61
C CYS A 71 4.14 -9.57 0.80
N VAL A 72 4.61 -8.35 1.01
CA VAL A 72 4.50 -7.70 2.31
C VAL A 72 3.86 -6.32 2.19
N PHE A 73 2.62 -6.21 2.64
CA PHE A 73 1.90 -4.94 2.58
C PHE A 73 2.45 -3.96 3.60
N ILE A 74 2.52 -2.68 3.20
CA ILE A 74 3.03 -1.64 4.08
C ILE A 74 2.18 -0.38 3.98
N TYR A 75 1.43 -0.09 5.04
CA TYR A 75 0.57 1.08 5.08
C TYR A 75 1.36 2.32 5.51
N CYS A 76 1.94 3.00 4.53
CA CYS A 76 2.71 4.21 4.79
C CYS A 76 1.83 5.45 4.75
N GLN A 77 1.87 6.24 5.81
CA GLN A 77 1.08 7.46 5.89
C GLN A 77 1.90 8.68 5.45
N VAL A 78 1.47 9.31 4.36
CA VAL A 78 2.15 10.47 3.83
C VAL A 78 2.28 11.56 4.90
N GLY A 79 1.20 11.78 5.63
CA GLY A 79 1.21 12.80 6.68
C GLY A 79 -0.16 13.42 6.89
N ASP A 80 -0.17 14.69 7.29
CA ASP A 80 -1.42 15.39 7.52
C ASP A 80 -2.07 15.81 6.21
N LYS A 81 -3.32 16.26 6.29
CA LYS A 81 -4.06 16.70 5.11
C LYS A 81 -3.30 17.81 4.37
N PRO A 82 -3.05 18.91 5.08
CA PRO A 82 -2.33 20.06 4.52
C PRO A 82 -0.86 19.77 4.27
N TYR A 83 -0.40 18.61 4.75
CA TYR A 83 0.99 18.22 4.58
C TYR A 83 1.19 17.51 3.23
N TRP A 84 0.20 16.74 2.83
CA TRP A 84 0.26 16.01 1.57
C TRP A 84 0.50 16.96 0.41
N LYS A 85 -0.32 18.00 0.33
CA LYS A 85 -0.20 19.00 -0.74
C LYS A 85 1.25 19.41 -0.95
N ASP A 86 1.99 19.53 0.14
CA ASP A 86 3.40 19.90 0.08
C ASP A 86 4.09 19.22 -1.09
N PRO A 87 4.28 19.96 -2.19
CA PRO A 87 4.93 19.45 -3.40
C PRO A 87 6.42 19.20 -3.20
N ASN A 88 6.92 19.59 -2.03
CA ASN A 88 8.34 19.42 -1.71
C ASN A 88 8.53 18.24 -0.75
N ASN A 89 7.59 17.31 -0.77
CA ASN A 89 7.65 16.14 0.11
C ASN A 89 8.43 15.01 -0.56
N ASP A 90 9.25 14.31 0.22
CA ASP A 90 10.05 13.21 -0.29
C ASP A 90 9.19 12.22 -1.06
N PHE A 91 7.88 12.26 -0.81
CA PHE A 91 6.95 11.36 -1.48
C PHE A 91 6.81 11.73 -2.95
N ARG A 92 6.64 13.02 -3.23
CA ARG A 92 6.50 13.50 -4.59
C ARG A 92 7.86 13.77 -5.23
N GLN A 93 8.91 13.65 -4.42
CA GLN A 93 10.27 13.88 -4.90
C GLN A 93 11.03 12.57 -5.05
N LYS A 94 11.19 11.86 -3.94
CA LYS A 94 11.90 10.58 -3.94
C LYS A 94 11.04 9.49 -4.57
N LEU A 95 9.83 9.31 -4.06
CA LEU A 95 8.91 8.30 -4.57
C LEU A 95 8.22 8.80 -5.84
N LYS A 96 8.16 10.12 -5.98
CA LYS A 96 7.51 10.72 -7.15
C LYS A 96 6.04 10.30 -7.25
N ILE A 97 5.36 10.33 -6.10
CA ILE A 97 3.95 9.95 -6.05
C ILE A 97 3.10 10.88 -6.93
N THR A 98 1.93 10.41 -7.31
CA THR A 98 1.02 11.19 -8.14
C THR A 98 -0.15 11.74 -7.32
N ALA A 99 -1.02 10.85 -6.89
CA ALA A 99 -2.18 11.24 -6.09
C ALA A 99 -2.57 10.13 -5.10
N VAL A 100 -2.60 10.49 -3.82
CA VAL A 100 -2.95 9.53 -2.78
C VAL A 100 -4.46 9.34 -2.69
N PRO A 101 -4.88 8.14 -2.28
CA PRO A 101 -3.97 7.05 -1.95
C PRO A 101 -3.25 6.50 -3.18
N THR A 102 -1.96 6.21 -3.02
CA THR A 102 -1.15 5.69 -4.11
C THR A 102 -0.59 4.32 -3.77
N LEU A 103 -1.03 3.30 -4.50
CA LEU A 103 -0.57 1.93 -4.27
C LEU A 103 0.54 1.56 -5.25
N LEU A 104 1.79 1.65 -4.79
CA LEU A 104 2.93 1.33 -5.63
C LEU A 104 3.44 -0.08 -5.33
N LYS A 105 3.66 -0.87 -6.38
CA LYS A 105 4.16 -2.23 -6.23
C LYS A 105 5.68 -2.28 -6.39
N TYR A 106 6.38 -2.10 -5.28
CA TYR A 106 7.84 -2.12 -5.29
C TYR A 106 8.36 -3.24 -6.19
N GLY A 107 9.02 -2.87 -7.27
CA GLY A 107 9.56 -3.85 -8.19
C GLY A 107 9.01 -3.70 -9.59
N THR A 108 7.74 -3.31 -9.69
CA THR A 108 7.09 -3.13 -10.98
C THR A 108 6.44 -1.76 -11.08
N PRO A 109 6.32 -1.24 -12.31
CA PRO A 109 5.72 0.06 -12.56
C PRO A 109 4.21 0.07 -12.32
N GLN A 110 3.68 -1.10 -11.98
CA GLN A 110 2.25 -1.23 -11.71
C GLN A 110 1.86 -0.51 -10.42
N LYS A 111 0.97 0.46 -10.53
CA LYS A 111 0.50 1.21 -9.37
C LYS A 111 -0.96 1.60 -9.52
N LEU A 112 -1.67 1.63 -8.39
CA LEU A 112 -3.09 1.98 -8.39
C LEU A 112 -3.31 3.32 -7.69
N VAL A 113 -3.92 4.26 -8.40
CA VAL A 113 -4.20 5.58 -7.85
C VAL A 113 -5.54 5.59 -7.12
N GLU A 114 -5.85 6.73 -6.49
CA GLU A 114 -7.11 6.87 -5.75
C GLU A 114 -8.22 6.06 -6.42
N SER A 115 -8.53 6.38 -7.67
CA SER A 115 -9.58 5.68 -8.40
C SER A 115 -9.29 4.19 -8.46
N GLU A 116 -8.05 3.84 -8.75
CA GLU A 116 -7.66 2.43 -8.84
C GLU A 116 -7.53 1.81 -7.45
N CYS A 117 -7.61 2.67 -6.43
CA CYS A 117 -7.50 2.20 -5.05
C CYS A 117 -8.88 1.86 -4.48
N CYS A 118 -9.92 2.25 -5.21
CA CYS A 118 -11.29 2.00 -4.77
C CYS A 118 -11.94 0.92 -5.63
N GLN A 119 -11.26 0.55 -6.72
CA GLN A 119 -11.77 -0.47 -7.62
C GLN A 119 -11.12 -1.82 -7.33
N SER A 120 -11.82 -2.65 -6.56
CA SER A 120 -11.31 -3.96 -6.19
C SER A 120 -10.83 -4.72 -7.43
N SER A 121 -11.65 -4.71 -8.48
CA SER A 121 -11.31 -5.39 -9.72
C SER A 121 -9.82 -5.23 -10.04
N LEU A 122 -9.28 -4.05 -9.75
CA LEU A 122 -7.87 -3.77 -10.01
C LEU A 122 -7.00 -4.27 -8.86
N VAL A 123 -7.41 -3.96 -7.63
CA VAL A 123 -6.66 -4.39 -6.45
C VAL A 123 -6.36 -5.88 -6.51
N GLU A 124 -7.37 -6.66 -6.86
CA GLU A 124 -7.22 -8.11 -6.94
C GLU A 124 -6.43 -8.51 -8.19
N MET A 125 -6.26 -7.55 -9.10
CA MET A 125 -5.52 -7.80 -10.33
C MET A 125 -4.04 -7.55 -10.13
N ILE A 126 -3.69 -6.30 -9.82
CA ILE A 126 -2.30 -5.93 -9.61
C ILE A 126 -1.57 -6.96 -8.74
N PHE A 127 -2.26 -7.43 -7.71
CA PHE A 127 -1.68 -8.42 -6.80
C PHE A 127 -1.45 -9.74 -7.52
N SER A 128 -2.46 -10.17 -8.28
CA SER A 128 -2.38 -11.43 -9.02
C SER A 128 -1.34 -11.34 -10.13
N GLU A 129 -1.67 -10.58 -11.18
CA GLU A 129 -0.77 -10.41 -12.32
C GLU A 129 -1.06 -9.11 -13.06
N ASP A 130 -0.27 -8.83 -14.08
CA ASP A 130 -0.45 -7.61 -14.87
C ASP A 130 -1.84 -7.58 -15.52
N GLY A 1 0.51 -32.18 5.13
CA GLY A 1 1.56 -32.73 4.28
C GLY A 1 2.54 -31.68 3.81
N SER A 2 3.72 -32.12 3.41
CA SER A 2 4.76 -31.20 2.93
C SER A 2 4.79 -31.17 1.41
N GLU A 3 4.94 -32.34 0.80
CA GLU A 3 4.99 -32.45 -0.65
C GLU A 3 3.62 -32.81 -1.22
N GLY A 4 3.26 -32.18 -2.34
CA GLY A 4 1.98 -32.44 -2.96
C GLY A 4 1.05 -31.25 -2.90
N ALA A 5 0.44 -31.04 -1.74
CA ALA A 5 -0.48 -29.93 -1.54
C ALA A 5 0.18 -28.60 -1.90
N ALA A 6 -0.58 -27.69 -2.50
CA ALA A 6 -0.06 -26.39 -2.88
C ALA A 6 -0.19 -25.39 -1.74
N THR A 7 0.68 -24.38 -1.74
CA THR A 7 0.66 -23.36 -0.70
C THR A 7 0.12 -22.04 -1.23
N MET A 8 -0.72 -21.39 -0.44
CA MET A 8 -1.31 -20.11 -0.84
C MET A 8 -0.36 -18.97 -0.53
N ALA A 9 -0.66 -17.79 -1.07
CA ALA A 9 0.17 -16.61 -0.85
C ALA A 9 0.01 -16.09 0.58
N THR A 10 0.97 -15.28 1.02
CA THR A 10 0.95 -14.74 2.36
C THR A 10 1.15 -13.22 2.33
N PHE A 11 0.20 -12.50 2.94
CA PHE A 11 0.26 -11.05 2.98
C PHE A 11 0.48 -10.55 4.41
N GLU A 12 1.21 -9.45 4.55
CA GLU A 12 1.49 -8.88 5.87
C GLU A 12 1.37 -7.36 5.83
N GLU A 13 0.39 -6.84 6.56
CA GLU A 13 0.16 -5.40 6.62
C GLU A 13 1.04 -4.75 7.68
N VAL A 14 1.90 -3.83 7.25
CA VAL A 14 2.80 -3.13 8.16
C VAL A 14 2.44 -1.66 8.27
N SER A 15 1.91 -1.26 9.42
CA SER A 15 1.52 0.13 9.65
C SER A 15 2.72 0.97 10.07
N VAL A 16 3.07 1.94 9.23
CA VAL A 16 4.21 2.81 9.51
C VAL A 16 3.86 4.27 9.20
N LEU A 17 4.66 5.18 9.74
CA LEU A 17 4.44 6.61 9.53
C LEU A 17 5.72 7.31 9.13
N GLY A 18 5.68 8.04 8.01
CA GLY A 18 6.86 8.74 7.55
C GLY A 18 7.66 7.94 6.55
N PHE A 19 8.69 8.55 5.98
CA PHE A 19 9.54 7.88 5.00
C PHE A 19 10.55 6.97 5.69
N GLU A 20 11.11 7.45 6.80
CA GLU A 20 12.10 6.69 7.56
C GLU A 20 11.58 5.28 7.85
N GLU A 21 10.51 5.20 8.65
CA GLU A 21 9.92 3.92 9.02
C GLU A 21 9.62 3.09 7.76
N PHE A 22 8.98 3.73 6.79
CA PHE A 22 8.63 3.05 5.54
C PHE A 22 9.84 2.32 4.96
N ASP A 23 10.87 3.08 4.60
CA ASP A 23 12.08 2.50 4.03
C ASP A 23 12.54 1.30 4.85
N LYS A 24 12.58 1.47 6.17
CA LYS A 24 13.01 0.40 7.07
C LYS A 24 12.24 -0.88 6.78
N ALA A 25 10.91 -0.81 6.90
CA ALA A 25 10.06 -1.98 6.65
C ALA A 25 10.28 -2.54 5.26
N VAL A 26 10.51 -1.64 4.29
CA VAL A 26 10.74 -2.04 2.91
C VAL A 26 11.97 -2.94 2.80
N LYS A 27 13.14 -2.34 3.00
CA LYS A 27 14.40 -3.07 2.92
C LYS A 27 14.37 -4.31 3.81
N GLU A 28 13.45 -4.31 4.79
CA GLU A 28 13.32 -5.44 5.70
C GLU A 28 12.67 -6.63 5.01
N HIS A 29 11.81 -6.34 4.04
CA HIS A 29 11.11 -7.39 3.28
C HIS A 29 11.61 -7.44 1.84
N GLU A 30 12.72 -6.77 1.57
CA GLU A 30 13.30 -6.74 0.23
C GLU A 30 13.40 -8.15 -0.34
N SER A 31 13.58 -9.14 0.54
CA SER A 31 13.69 -10.53 0.11
C SER A 31 12.44 -10.98 -0.61
N LYS A 32 11.30 -10.43 -0.20
CA LYS A 32 10.02 -10.79 -0.82
C LYS A 32 9.32 -9.54 -1.35
N THR A 33 8.28 -9.75 -2.16
CA THR A 33 7.53 -8.65 -2.73
C THR A 33 7.03 -7.70 -1.64
N ILE A 34 6.86 -6.44 -2.00
CA ILE A 34 6.39 -5.43 -1.06
C ILE A 34 5.31 -4.54 -1.68
N PHE A 35 4.44 -3.99 -0.83
CA PHE A 35 3.36 -3.13 -1.31
C PHE A 35 3.17 -1.95 -0.36
N ALA A 36 3.55 -0.76 -0.81
CA ALA A 36 3.41 0.44 -0.01
C ALA A 36 2.13 1.19 -0.35
N TYR A 37 1.40 1.61 0.67
CA TYR A 37 0.14 2.33 0.48
C TYR A 37 0.22 3.73 1.08
N PHE A 38 0.50 4.72 0.22
CA PHE A 38 0.60 6.10 0.67
C PHE A 38 -0.78 6.74 0.80
N SER A 39 -1.24 6.92 2.03
CA SER A 39 -2.54 7.52 2.29
C SER A 39 -2.52 8.35 3.55
N GLY A 40 -3.31 9.42 3.57
CA GLY A 40 -3.37 10.28 4.74
C GLY A 40 -3.39 9.51 6.04
N SER A 41 -3.02 10.17 7.13
CA SER A 41 -2.99 9.53 8.44
C SER A 41 -4.41 9.27 8.94
N LYS A 42 -4.53 8.38 9.91
CA LYS A 42 -5.82 8.04 10.49
C LYS A 42 -6.36 9.19 11.33
N ASP A 43 -7.63 9.10 11.71
CA ASP A 43 -8.27 10.13 12.51
C ASP A 43 -8.67 9.58 13.88
N THR A 44 -9.31 10.42 14.69
CA THR A 44 -9.75 10.02 16.01
C THR A 44 -10.79 8.91 15.94
N GLU A 45 -11.38 8.73 14.76
CA GLU A 45 -12.39 7.71 14.56
C GLU A 45 -11.75 6.39 14.14
N GLY A 46 -10.54 6.48 13.60
CA GLY A 46 -9.84 5.28 13.17
C GLY A 46 -9.80 5.14 11.66
N LYS A 47 -9.90 6.27 10.96
CA LYS A 47 -9.89 6.26 9.50
C LYS A 47 -9.19 7.52 8.97
N SER A 48 -8.85 7.49 7.69
CA SER A 48 -8.18 8.62 7.05
C SER A 48 -9.17 9.76 6.81
N TRP A 49 -8.65 10.99 6.81
CA TRP A 49 -9.48 12.17 6.59
C TRP A 49 -10.15 12.11 5.22
N CYS A 50 -9.42 11.68 4.21
CA CYS A 50 -9.94 11.57 2.86
C CYS A 50 -11.08 10.56 2.80
N PRO A 51 -12.17 10.93 2.12
CA PRO A 51 -13.35 10.08 1.97
C PRO A 51 -13.08 8.88 1.06
N ASP A 52 -12.06 9.01 0.22
CA ASP A 52 -11.69 7.93 -0.70
C ASP A 52 -10.81 6.89 -0.01
N CYS A 53 -9.85 7.37 0.76
CA CYS A 53 -8.93 6.48 1.48
C CYS A 53 -9.69 5.55 2.40
N VAL A 54 -10.79 6.05 2.97
CA VAL A 54 -11.61 5.24 3.88
C VAL A 54 -12.42 4.21 3.12
N GLU A 55 -12.69 4.48 1.84
CA GLU A 55 -13.44 3.56 1.01
C GLU A 55 -12.51 2.66 0.20
N ALA A 56 -11.23 2.99 0.21
CA ALA A 56 -10.23 2.21 -0.52
C ALA A 56 -9.44 1.31 0.42
N GLU A 57 -9.18 1.81 1.63
CA GLU A 57 -8.43 1.04 2.62
C GLU A 57 -8.87 -0.43 2.61
N PRO A 58 -10.18 -0.66 2.72
CA PRO A 58 -10.76 -2.00 2.73
C PRO A 58 -10.64 -2.69 1.37
N VAL A 59 -10.92 -1.94 0.31
CA VAL A 59 -10.85 -2.47 -1.05
C VAL A 59 -9.45 -3.01 -1.35
N ILE A 60 -8.45 -2.41 -0.74
CA ILE A 60 -7.07 -2.82 -0.95
C ILE A 60 -6.67 -3.93 0.03
N ARG A 61 -7.24 -3.87 1.23
CA ARG A 61 -6.95 -4.87 2.26
C ARG A 61 -7.55 -6.22 1.89
N GLU A 62 -8.71 -6.19 1.25
CA GLU A 62 -9.39 -7.41 0.84
C GLU A 62 -8.72 -8.02 -0.39
N GLY A 63 -8.42 -7.18 -1.37
CA GLY A 63 -7.78 -7.65 -2.60
C GLY A 63 -6.44 -8.31 -2.32
N LEU A 64 -5.80 -7.91 -1.24
CA LEU A 64 -4.50 -8.47 -0.86
C LEU A 64 -4.60 -9.98 -0.65
N LYS A 65 -5.80 -10.44 -0.33
CA LYS A 65 -6.03 -11.87 -0.10
C LYS A 65 -5.96 -12.65 -1.41
N HIS A 66 -6.48 -12.06 -2.48
CA HIS A 66 -6.47 -12.70 -3.79
C HIS A 66 -5.05 -12.87 -4.30
N VAL A 67 -4.14 -12.04 -3.80
CA VAL A 67 -2.74 -12.10 -4.21
C VAL A 67 -2.25 -13.54 -4.32
N THR A 68 -1.37 -13.79 -5.28
CA THR A 68 -0.83 -15.12 -5.48
C THR A 68 0.69 -15.13 -5.36
N GLU A 69 1.22 -14.19 -4.58
CA GLU A 69 2.66 -14.09 -4.38
C GLU A 69 2.98 -13.56 -2.98
N ASP A 70 3.71 -14.36 -2.21
CA ASP A 70 4.07 -13.98 -0.85
C ASP A 70 4.62 -12.55 -0.81
N CYS A 71 3.74 -11.61 -0.49
CA CYS A 71 4.14 -10.20 -0.42
C CYS A 71 3.95 -9.65 0.99
N VAL A 72 4.42 -8.43 1.21
CA VAL A 72 4.30 -7.79 2.52
C VAL A 72 3.75 -6.37 2.39
N PHE A 73 2.45 -6.23 2.59
CA PHE A 73 1.80 -4.93 2.49
C PHE A 73 2.34 -3.97 3.54
N ILE A 74 2.31 -2.68 3.23
CA ILE A 74 2.80 -1.66 4.15
C ILE A 74 1.94 -0.41 4.10
N TYR A 75 1.30 -0.10 5.23
CA TYR A 75 0.43 1.07 5.32
C TYR A 75 1.23 2.31 5.70
N CYS A 76 1.74 3.01 4.69
CA CYS A 76 2.53 4.21 4.92
C CYS A 76 1.64 5.45 4.91
N GLN A 77 1.73 6.25 5.97
CA GLN A 77 0.93 7.47 6.07
C GLN A 77 1.78 8.71 5.78
N VAL A 78 1.38 9.45 4.75
CA VAL A 78 2.10 10.66 4.36
C VAL A 78 2.38 11.54 5.57
N GLY A 79 1.34 11.79 6.37
CA GLY A 79 1.49 12.62 7.55
C GLY A 79 0.19 13.29 7.95
N ASP A 80 -0.29 14.21 7.12
CA ASP A 80 -1.52 14.93 7.39
C ASP A 80 -2.19 15.39 6.11
N LYS A 81 -3.43 15.86 6.22
CA LYS A 81 -4.16 16.33 5.06
C LYS A 81 -3.43 17.48 4.36
N PRO A 82 -3.18 18.56 5.11
CA PRO A 82 -2.48 19.74 4.59
C PRO A 82 -1.01 19.47 4.33
N TYR A 83 -0.52 18.34 4.84
CA TYR A 83 0.88 17.96 4.67
C TYR A 83 1.10 17.31 3.30
N TRP A 84 0.13 16.51 2.87
CA TRP A 84 0.22 15.83 1.59
C TRP A 84 0.46 16.82 0.45
N LYS A 85 -0.22 17.96 0.53
CA LYS A 85 -0.09 19.00 -0.49
C LYS A 85 1.37 19.43 -0.64
N ASP A 86 2.10 19.42 0.47
CA ASP A 86 3.51 19.81 0.47
C ASP A 86 4.21 19.24 -0.76
N PRO A 87 4.44 20.10 -1.76
CA PRO A 87 5.11 19.71 -3.00
C PRO A 87 6.60 19.43 -2.79
N ASN A 88 7.07 19.68 -1.58
CA ASN A 88 8.48 19.46 -1.25
C ASN A 88 8.63 18.21 -0.37
N ASN A 89 7.67 17.30 -0.48
CA ASN A 89 7.71 16.07 0.31
C ASN A 89 8.55 15.00 -0.37
N ASP A 90 9.18 14.16 0.43
CA ASP A 90 10.03 13.10 -0.10
C ASP A 90 9.22 12.12 -0.93
N PHE A 91 7.89 12.16 -0.78
CA PHE A 91 7.01 11.28 -1.52
C PHE A 91 6.86 11.73 -2.97
N ARG A 92 6.85 13.06 -3.17
CA ARG A 92 6.71 13.61 -4.51
C ARG A 92 8.09 13.94 -5.10
N GLN A 93 9.11 13.87 -4.27
CA GLN A 93 10.48 14.15 -4.71
C GLN A 93 11.25 12.87 -4.96
N LYS A 94 11.03 11.87 -4.10
CA LYS A 94 11.71 10.58 -4.24
C LYS A 94 10.78 9.55 -4.88
N LEU A 95 9.61 9.37 -4.28
CA LEU A 95 8.64 8.41 -4.80
C LEU A 95 7.84 9.01 -5.94
N LYS A 96 7.96 10.32 -6.12
CA LYS A 96 7.25 11.01 -7.18
C LYS A 96 5.79 10.57 -7.25
N ILE A 97 5.12 10.58 -6.09
CA ILE A 97 3.72 10.19 -6.01
C ILE A 97 2.85 11.09 -6.87
N THR A 98 1.75 10.54 -7.37
CA THR A 98 0.82 11.31 -8.21
C THR A 98 -0.34 11.85 -7.40
N ALA A 99 -1.15 10.94 -6.84
CA ALA A 99 -2.29 11.34 -6.03
C ALA A 99 -2.68 10.24 -5.05
N VAL A 100 -2.75 10.60 -3.77
CA VAL A 100 -3.11 9.63 -2.73
C VAL A 100 -4.61 9.41 -2.68
N PRO A 101 -5.02 8.20 -2.30
CA PRO A 101 -4.10 7.12 -1.93
C PRO A 101 -3.33 6.60 -3.15
N THR A 102 -2.04 6.34 -2.96
CA THR A 102 -1.20 5.82 -4.04
C THR A 102 -0.64 4.45 -3.68
N LEU A 103 -1.10 3.43 -4.40
CA LEU A 103 -0.64 2.06 -4.16
C LEU A 103 0.47 1.69 -5.13
N LEU A 104 1.72 1.80 -4.67
CA LEU A 104 2.87 1.46 -5.50
C LEU A 104 3.40 0.07 -5.19
N LYS A 105 3.62 -0.73 -6.22
CA LYS A 105 4.13 -2.08 -6.05
C LYS A 105 5.64 -2.11 -6.15
N TYR A 106 6.31 -2.06 -5.01
CA TYR A 106 7.77 -2.08 -4.97
C TYR A 106 8.32 -3.19 -5.86
N GLY A 107 8.93 -2.80 -6.97
CA GLY A 107 9.50 -3.76 -7.90
C GLY A 107 8.99 -3.58 -9.31
N THR A 108 7.74 -3.13 -9.44
CA THR A 108 7.14 -2.92 -10.75
C THR A 108 6.50 -1.53 -10.84
N PRO A 109 6.48 -0.97 -12.06
CA PRO A 109 5.91 0.35 -12.31
C PRO A 109 4.40 0.37 -12.17
N GLN A 110 3.83 -0.79 -11.87
CA GLN A 110 2.38 -0.91 -11.71
C GLN A 110 1.93 -0.29 -10.40
N LYS A 111 1.12 0.77 -10.50
CA LYS A 111 0.60 1.46 -9.34
C LYS A 111 -0.87 1.81 -9.51
N LEU A 112 -1.60 1.80 -8.40
CA LEU A 112 -3.04 2.12 -8.43
C LEU A 112 -3.31 3.44 -7.72
N VAL A 113 -3.87 4.39 -8.44
CA VAL A 113 -4.20 5.70 -7.87
C VAL A 113 -5.55 5.67 -7.18
N GLU A 114 -5.90 6.79 -6.54
CA GLU A 114 -7.17 6.89 -5.83
C GLU A 114 -8.26 6.07 -6.53
N SER A 115 -8.51 6.41 -7.79
CA SER A 115 -9.53 5.70 -8.57
C SER A 115 -9.22 4.20 -8.64
N GLU A 116 -7.96 3.87 -8.84
CA GLU A 116 -7.54 2.48 -8.92
C GLU A 116 -7.40 1.87 -7.53
N CYS A 117 -7.54 2.71 -6.51
CA CYS A 117 -7.43 2.25 -5.12
C CYS A 117 -8.80 1.88 -4.56
N CYS A 118 -9.85 2.20 -5.33
CA CYS A 118 -11.22 1.91 -4.91
C CYS A 118 -11.84 0.84 -5.80
N GLN A 119 -11.15 0.48 -6.88
CA GLN A 119 -11.64 -0.53 -7.80
C GLN A 119 -11.03 -1.89 -7.48
N SER A 120 -11.72 -2.66 -6.65
CA SER A 120 -11.25 -3.99 -6.27
C SER A 120 -10.72 -4.75 -7.48
N SER A 121 -11.49 -4.75 -8.55
CA SER A 121 -11.10 -5.45 -9.78
C SER A 121 -9.61 -5.30 -10.03
N LEU A 122 -9.10 -4.08 -9.82
CA LEU A 122 -7.68 -3.79 -10.03
C LEU A 122 -6.85 -4.30 -8.86
N VAL A 123 -7.27 -3.96 -7.64
CA VAL A 123 -6.57 -4.39 -6.44
C VAL A 123 -6.23 -5.87 -6.50
N GLU A 124 -7.21 -6.69 -6.85
CA GLU A 124 -7.03 -8.13 -6.93
C GLU A 124 -6.18 -8.49 -8.15
N MET A 125 -6.04 -7.54 -9.07
CA MET A 125 -5.25 -7.76 -10.27
C MET A 125 -3.78 -7.50 -10.01
N ILE A 126 -3.45 -6.28 -9.60
CA ILE A 126 -2.07 -5.91 -9.32
C ILE A 126 -1.39 -6.95 -8.43
N PHE A 127 -2.19 -7.60 -7.58
CA PHE A 127 -1.67 -8.62 -6.68
C PHE A 127 -1.49 -9.95 -7.40
N SER A 128 -2.53 -10.39 -8.10
CA SER A 128 -2.49 -11.64 -8.83
C SER A 128 -1.41 -11.60 -9.93
N GLU A 129 -1.55 -10.64 -10.84
CA GLU A 129 -0.60 -10.49 -11.93
C GLU A 129 0.82 -10.80 -11.46
N ASP A 130 1.46 -11.76 -12.13
CA ASP A 130 2.82 -12.15 -11.78
C ASP A 130 3.70 -10.93 -11.57
N GLY A 1 8.76 -25.53 0.69
CA GLY A 1 9.92 -26.12 0.04
C GLY A 1 9.59 -26.70 -1.32
N SER A 2 10.43 -27.60 -1.80
CA SER A 2 10.22 -28.23 -3.09
C SER A 2 8.83 -28.84 -3.19
N GLU A 3 8.51 -29.75 -2.26
CA GLU A 3 7.22 -30.40 -2.23
C GLU A 3 6.10 -29.40 -1.90
N GLY A 4 5.53 -28.82 -2.94
CA GLY A 4 4.46 -27.85 -2.75
C GLY A 4 3.08 -28.43 -3.01
N ALA A 5 2.14 -28.15 -2.11
CA ALA A 5 0.78 -28.66 -2.25
C ALA A 5 -0.17 -27.93 -1.32
N ALA A 6 -1.37 -27.63 -1.82
CA ALA A 6 -2.38 -26.93 -1.03
C ALA A 6 -1.77 -25.72 -0.31
N THR A 7 -0.86 -25.04 -1.00
CA THR A 7 -0.21 -23.86 -0.42
C THR A 7 -1.03 -22.60 -0.67
N MET A 8 -0.91 -21.63 0.23
CA MET A 8 -1.64 -20.38 0.10
C MET A 8 -0.72 -19.19 0.33
N ALA A 9 -0.91 -18.13 -0.46
CA ALA A 9 -0.10 -16.93 -0.33
C ALA A 9 -0.14 -16.38 1.10
N THR A 10 0.73 -15.41 1.38
CA THR A 10 0.79 -14.81 2.69
C THR A 10 1.02 -13.31 2.60
N PHE A 11 0.24 -12.54 3.37
CA PHE A 11 0.37 -11.09 3.36
C PHE A 11 0.44 -10.55 4.79
N GLU A 12 1.30 -9.56 5.00
CA GLU A 12 1.47 -8.96 6.32
C GLU A 12 1.21 -7.45 6.27
N GLU A 13 0.47 -6.94 7.25
CA GLU A 13 0.16 -5.52 7.32
C GLU A 13 1.10 -4.80 8.28
N VAL A 14 1.87 -3.86 7.73
CA VAL A 14 2.82 -3.09 8.53
C VAL A 14 2.44 -1.61 8.55
N SER A 15 2.10 -1.11 9.74
CA SER A 15 1.72 0.28 9.90
C SER A 15 2.95 1.16 10.14
N VAL A 16 3.25 2.03 9.18
CA VAL A 16 4.39 2.93 9.30
C VAL A 16 3.99 4.37 9.03
N LEU A 17 4.75 5.30 9.58
CA LEU A 17 4.48 6.73 9.41
C LEU A 17 5.74 7.48 9.01
N GLY A 18 5.77 7.95 7.76
CA GLY A 18 6.93 8.69 7.28
C GLY A 18 7.69 7.93 6.22
N PHE A 19 8.81 8.49 5.78
CA PHE A 19 9.64 7.87 4.75
C PHE A 19 10.71 6.97 5.38
N GLU A 20 11.25 7.41 6.52
CA GLU A 20 12.28 6.65 7.21
C GLU A 20 11.79 5.25 7.54
N GLU A 21 10.79 5.16 8.41
CA GLU A 21 10.22 3.87 8.81
C GLU A 21 9.82 3.05 7.59
N PHE A 22 9.08 3.68 6.67
CA PHE A 22 8.63 3.01 5.46
C PHE A 22 9.78 2.28 4.78
N ASP A 23 10.91 2.97 4.61
CA ASP A 23 12.08 2.38 3.98
C ASP A 23 12.59 1.20 4.79
N LYS A 24 12.74 1.40 6.09
CA LYS A 24 13.22 0.35 6.99
C LYS A 24 12.43 -0.94 6.78
N ALA A 25 11.11 -0.83 6.83
CA ALA A 25 10.24 -2.00 6.65
C ALA A 25 10.44 -2.63 5.28
N VAL A 26 10.62 -1.78 4.26
CA VAL A 26 10.82 -2.25 2.90
C VAL A 26 12.11 -3.07 2.79
N LYS A 27 13.25 -2.41 2.98
CA LYS A 27 14.54 -3.07 2.91
C LYS A 27 14.55 -4.34 3.74
N GLU A 28 13.65 -4.41 4.71
CA GLU A 28 13.56 -5.57 5.59
C GLU A 28 12.86 -6.73 4.88
N HIS A 29 11.83 -6.40 4.10
CA HIS A 29 11.07 -7.42 3.37
C HIS A 29 11.47 -7.43 1.89
N GLU A 30 12.53 -6.69 1.57
CA GLU A 30 13.00 -6.62 0.19
C GLU A 30 13.07 -8.01 -0.43
N SER A 31 13.34 -9.01 0.39
CA SER A 31 13.45 -10.38 -0.08
C SER A 31 12.16 -10.83 -0.77
N LYS A 32 11.03 -10.44 -0.18
CA LYS A 32 9.73 -10.79 -0.74
C LYS A 32 9.01 -9.55 -1.27
N THR A 33 8.01 -9.77 -2.13
CA THR A 33 7.25 -8.67 -2.71
C THR A 33 6.76 -7.72 -1.62
N ILE A 34 6.80 -6.43 -1.91
CA ILE A 34 6.35 -5.40 -0.97
C ILE A 34 5.33 -4.47 -1.60
N PHE A 35 4.35 -4.05 -0.80
CA PHE A 35 3.31 -3.15 -1.29
C PHE A 35 3.14 -1.96 -0.35
N ALA A 36 3.53 -0.78 -0.82
CA ALA A 36 3.43 0.43 -0.03
C ALA A 36 2.15 1.19 -0.36
N TYR A 37 1.34 1.47 0.65
CA TYR A 37 0.10 2.21 0.46
C TYR A 37 0.19 3.62 1.04
N PHE A 38 0.58 4.57 0.20
CA PHE A 38 0.71 5.96 0.62
C PHE A 38 -0.66 6.61 0.74
N SER A 39 -1.16 6.71 1.97
CA SER A 39 -2.46 7.33 2.22
C SER A 39 -2.37 8.35 3.35
N GLY A 40 -3.38 9.23 3.42
CA GLY A 40 -3.39 10.25 4.45
C GLY A 40 -3.36 9.66 5.85
N SER A 41 -2.83 10.44 6.80
CA SER A 41 -2.73 9.99 8.18
C SER A 41 -4.11 9.67 8.75
N LYS A 42 -4.13 8.98 9.88
CA LYS A 42 -5.39 8.62 10.54
C LYS A 42 -5.57 9.39 11.83
N ASP A 43 -6.74 10.01 11.98
CA ASP A 43 -7.04 10.79 13.19
C ASP A 43 -7.06 9.89 14.42
N THR A 44 -7.42 10.47 15.56
CA THR A 44 -7.49 9.72 16.81
C THR A 44 -8.43 8.52 16.68
N GLU A 45 -9.48 8.69 15.90
CA GLU A 45 -10.46 7.61 15.70
C GLU A 45 -9.90 6.53 14.77
N GLY A 46 -8.91 6.91 13.97
CA GLY A 46 -8.30 5.97 13.05
C GLY A 46 -8.72 6.20 11.61
N LYS A 47 -9.66 7.13 11.42
CA LYS A 47 -10.15 7.44 10.08
C LYS A 47 -9.26 8.47 9.40
N SER A 48 -9.19 8.41 8.08
CA SER A 48 -8.37 9.34 7.30
C SER A 48 -9.17 10.57 6.89
N TRP A 49 -8.55 11.73 7.00
CA TRP A 49 -9.21 12.99 6.63
C TRP A 49 -9.83 12.89 5.25
N CYS A 50 -9.30 12.00 4.42
CA CYS A 50 -9.80 11.81 3.07
C CYS A 50 -10.74 10.61 2.99
N PRO A 51 -11.91 10.81 2.36
CA PRO A 51 -12.91 9.75 2.20
C PRO A 51 -12.45 8.65 1.25
N ASP A 52 -12.00 9.04 0.06
CA ASP A 52 -11.53 8.09 -0.92
C ASP A 52 -10.58 7.07 -0.30
N CYS A 53 -9.98 7.44 0.82
CA CYS A 53 -9.05 6.57 1.52
C CYS A 53 -9.79 5.54 2.38
N VAL A 54 -10.92 5.96 2.96
CA VAL A 54 -11.71 5.08 3.79
C VAL A 54 -12.52 4.09 2.95
N GLU A 55 -12.69 4.42 1.67
CA GLU A 55 -13.44 3.57 0.76
C GLU A 55 -12.49 2.68 -0.05
N ALA A 56 -11.20 2.98 0.02
CA ALA A 56 -10.21 2.21 -0.70
C ALA A 56 -9.44 1.28 0.24
N GLU A 57 -9.18 1.76 1.45
CA GLU A 57 -8.47 0.97 2.45
C GLU A 57 -8.96 -0.47 2.46
N PRO A 58 -10.28 -0.64 2.58
CA PRO A 58 -10.91 -1.97 2.61
C PRO A 58 -10.84 -2.67 1.25
N VAL A 59 -10.95 -1.89 0.18
CA VAL A 59 -10.88 -2.43 -1.17
C VAL A 59 -9.52 -3.03 -1.47
N ILE A 60 -8.48 -2.44 -0.89
CA ILE A 60 -7.11 -2.91 -1.09
C ILE A 60 -6.78 -4.05 -0.12
N ARG A 61 -7.35 -3.97 1.08
CA ARG A 61 -7.10 -5.00 2.09
C ARG A 61 -7.72 -6.33 1.69
N GLU A 62 -8.88 -6.26 1.02
CA GLU A 62 -9.56 -7.47 0.58
C GLU A 62 -8.82 -8.14 -0.57
N GLY A 63 -8.36 -7.33 -1.52
CA GLY A 63 -7.63 -7.86 -2.65
C GLY A 63 -6.30 -8.46 -2.26
N LEU A 64 -5.71 -7.94 -1.19
CA LEU A 64 -4.42 -8.45 -0.71
C LEU A 64 -4.52 -9.93 -0.35
N LYS A 65 -5.75 -10.42 -0.19
CA LYS A 65 -5.97 -11.82 0.16
C LYS A 65 -5.91 -12.70 -1.08
N HIS A 66 -6.36 -12.16 -2.21
CA HIS A 66 -6.35 -12.90 -3.46
C HIS A 66 -4.93 -13.04 -4.00
N VAL A 67 -4.04 -12.18 -3.53
CA VAL A 67 -2.65 -12.21 -3.97
C VAL A 67 -2.12 -13.64 -4.02
N THR A 68 -1.32 -13.93 -5.04
CA THR A 68 -0.74 -15.25 -5.21
C THR A 68 0.77 -15.22 -5.10
N GLU A 69 1.27 -14.38 -4.20
CA GLU A 69 2.71 -14.25 -3.98
C GLU A 69 3.01 -13.68 -2.60
N ASP A 70 3.72 -14.47 -1.80
CA ASP A 70 4.07 -14.04 -0.44
C ASP A 70 4.64 -12.63 -0.44
N CYS A 71 3.79 -11.66 -0.13
CA CYS A 71 4.20 -10.26 -0.10
C CYS A 71 3.99 -9.66 1.28
N VAL A 72 4.46 -8.43 1.47
CA VAL A 72 4.31 -7.74 2.75
C VAL A 72 3.74 -6.34 2.56
N PHE A 73 2.46 -6.18 2.90
CA PHE A 73 1.80 -4.89 2.78
C PHE A 73 2.35 -3.89 3.78
N ILE A 74 2.38 -2.62 3.39
CA ILE A 74 2.88 -1.56 4.25
C ILE A 74 2.01 -0.32 4.15
N TYR A 75 1.38 0.05 5.27
CA TYR A 75 0.51 1.23 5.31
C TYR A 75 1.31 2.47 5.68
N CYS A 76 1.83 3.16 4.66
CA CYS A 76 2.61 4.36 4.89
C CYS A 76 1.71 5.59 4.97
N GLN A 77 1.94 6.43 5.98
CA GLN A 77 1.14 7.63 6.17
C GLN A 77 1.95 8.88 5.83
N VAL A 78 1.52 9.60 4.81
CA VAL A 78 2.21 10.82 4.38
C VAL A 78 2.17 11.88 5.47
N GLY A 79 0.97 12.15 5.97
CA GLY A 79 0.80 13.15 7.02
C GLY A 79 -0.62 13.67 7.11
N ASP A 80 -0.76 14.88 7.64
CA ASP A 80 -2.08 15.49 7.78
C ASP A 80 -2.63 15.91 6.43
N LYS A 81 -3.84 16.48 6.44
CA LYS A 81 -4.48 16.93 5.21
C LYS A 81 -3.62 17.96 4.49
N PRO A 82 -3.32 19.06 5.18
CA PRO A 82 -2.51 20.15 4.63
C PRO A 82 -1.04 19.74 4.46
N TYR A 83 -0.70 18.55 4.94
CA TYR A 83 0.66 18.04 4.85
C TYR A 83 0.89 17.34 3.52
N TRP A 84 -0.11 16.59 3.07
CA TRP A 84 -0.02 15.88 1.81
C TRP A 84 0.20 16.84 0.64
N LYS A 85 -0.45 17.99 0.70
CA LYS A 85 -0.33 19.00 -0.35
C LYS A 85 1.13 19.44 -0.51
N ASP A 86 1.84 19.54 0.60
CA ASP A 86 3.24 19.94 0.59
C ASP A 86 3.96 19.32 -0.61
N PRO A 87 4.15 20.13 -1.68
CA PRO A 87 4.82 19.68 -2.89
C PRO A 87 6.30 19.46 -2.68
N ASN A 88 6.80 19.82 -1.50
CA ASN A 88 8.21 19.66 -1.17
C ASN A 88 8.41 18.46 -0.24
N ASN A 89 7.50 17.50 -0.31
CA ASN A 89 7.59 16.30 0.52
C ASN A 89 8.46 15.24 -0.14
N ASP A 90 9.08 14.39 0.68
CA ASP A 90 9.94 13.33 0.18
C ASP A 90 9.14 12.34 -0.67
N PHE A 91 7.82 12.41 -0.56
CA PHE A 91 6.94 11.52 -1.32
C PHE A 91 6.82 11.97 -2.77
N ARG A 92 6.78 13.27 -2.97
CA ARG A 92 6.66 13.83 -4.31
C ARG A 92 8.03 14.18 -4.88
N GLN A 93 9.06 14.10 -4.04
CA GLN A 93 10.42 14.41 -4.45
C GLN A 93 11.20 13.12 -4.74
N LYS A 94 11.18 12.20 -3.78
CA LYS A 94 11.88 10.94 -3.94
C LYS A 94 10.98 9.88 -4.55
N LEU A 95 9.83 9.65 -3.93
CA LEU A 95 8.87 8.66 -4.42
C LEU A 95 8.14 9.17 -5.65
N LYS A 96 8.05 10.49 -5.77
CA LYS A 96 7.38 11.12 -6.91
C LYS A 96 5.94 10.62 -7.04
N ILE A 97 5.20 10.67 -5.94
CA ILE A 97 3.82 10.23 -5.93
C ILE A 97 2.93 11.15 -6.75
N THR A 98 1.87 10.60 -7.32
CA THR A 98 0.95 11.38 -8.13
C THR A 98 -0.23 11.88 -7.31
N ALA A 99 -1.06 10.94 -6.84
CA ALA A 99 -2.22 11.28 -6.03
C ALA A 99 -2.55 10.16 -5.05
N VAL A 100 -2.72 10.53 -3.78
CA VAL A 100 -3.05 9.56 -2.74
C VAL A 100 -4.54 9.30 -2.68
N PRO A 101 -4.91 8.07 -2.28
CA PRO A 101 -3.94 7.03 -1.92
C PRO A 101 -3.17 6.51 -3.13
N THR A 102 -1.89 6.22 -2.93
CA THR A 102 -1.05 5.71 -4.00
C THR A 102 -0.50 4.32 -3.66
N LEU A 103 -1.02 3.31 -4.35
CA LEU A 103 -0.57 1.93 -4.12
C LEU A 103 0.52 1.54 -5.11
N LEU A 104 1.77 1.63 -4.67
CA LEU A 104 2.91 1.30 -5.51
C LEU A 104 3.40 -0.13 -5.21
N LYS A 105 3.64 -0.89 -6.27
CA LYS A 105 4.11 -2.26 -6.13
C LYS A 105 5.63 -2.33 -6.23
N TYR A 106 6.29 -2.22 -5.09
CA TYR A 106 7.75 -2.27 -5.05
C TYR A 106 8.29 -3.40 -5.92
N GLY A 107 8.88 -3.05 -7.05
CA GLY A 107 9.43 -4.05 -7.94
C GLY A 107 8.95 -3.87 -9.37
N THR A 108 7.71 -3.40 -9.52
CA THR A 108 7.12 -3.19 -10.84
C THR A 108 6.52 -1.79 -10.95
N PRO A 109 6.52 -1.24 -12.18
CA PRO A 109 5.97 0.08 -12.45
C PRO A 109 4.45 0.13 -12.33
N GLN A 110 3.86 -1.00 -11.94
CA GLN A 110 2.42 -1.09 -11.78
C GLN A 110 1.98 -0.49 -10.45
N LYS A 111 1.10 0.50 -10.52
CA LYS A 111 0.60 1.16 -9.32
C LYS A 111 -0.88 1.53 -9.49
N LEU A 112 -1.60 1.56 -8.37
CA LEU A 112 -3.02 1.90 -8.39
C LEU A 112 -3.27 3.23 -7.67
N VAL A 113 -3.83 4.19 -8.40
CA VAL A 113 -4.13 5.50 -7.83
C VAL A 113 -5.50 5.51 -7.16
N GLU A 114 -5.83 6.63 -6.53
CA GLU A 114 -7.12 6.78 -5.85
C GLU A 114 -8.20 5.98 -6.57
N SER A 115 -8.42 6.30 -7.84
CA SER A 115 -9.43 5.62 -8.65
C SER A 115 -9.17 4.11 -8.67
N GLU A 116 -7.92 3.73 -8.86
CA GLU A 116 -7.53 2.33 -8.92
C GLU A 116 -7.44 1.73 -7.50
N CYS A 117 -7.55 2.59 -6.50
CA CYS A 117 -7.49 2.16 -5.12
C CYS A 117 -8.87 1.84 -4.57
N CYS A 118 -9.90 2.21 -5.33
CA CYS A 118 -11.28 1.96 -4.93
C CYS A 118 -11.92 0.90 -5.80
N GLN A 119 -11.24 0.55 -6.90
CA GLN A 119 -11.75 -0.46 -7.83
C GLN A 119 -11.16 -1.83 -7.52
N SER A 120 -11.88 -2.62 -6.73
CA SER A 120 -11.41 -3.96 -6.37
C SER A 120 -10.89 -4.71 -7.59
N SER A 121 -11.64 -4.65 -8.68
CA SER A 121 -11.25 -5.34 -9.91
C SER A 121 -9.77 -5.12 -10.19
N LEU A 122 -9.27 -3.93 -9.85
CA LEU A 122 -7.87 -3.61 -10.08
C LEU A 122 -7.00 -4.14 -8.95
N VAL A 123 -7.49 -4.00 -7.73
CA VAL A 123 -6.76 -4.47 -6.55
C VAL A 123 -6.44 -5.96 -6.65
N GLU A 124 -7.43 -6.73 -7.12
CA GLU A 124 -7.25 -8.16 -7.27
C GLU A 124 -6.40 -8.49 -8.49
N MET A 125 -6.15 -7.49 -9.32
CA MET A 125 -5.35 -7.66 -10.52
C MET A 125 -3.87 -7.43 -10.23
N ILE A 126 -3.55 -6.25 -9.71
CA ILE A 126 -2.17 -5.92 -9.38
C ILE A 126 -1.51 -7.02 -8.57
N PHE A 127 -2.30 -7.66 -7.71
CA PHE A 127 -1.78 -8.74 -6.87
C PHE A 127 -1.72 -10.05 -7.65
N SER A 128 -2.57 -10.17 -8.67
CA SER A 128 -2.61 -11.37 -9.49
C SER A 128 -1.31 -11.53 -10.29
N GLU A 129 -0.91 -10.48 -10.98
CA GLU A 129 0.32 -10.50 -11.78
C GLU A 129 1.43 -11.24 -11.04
N ASP A 130 1.80 -12.41 -11.54
CA ASP A 130 2.85 -13.21 -10.92
C ASP A 130 4.12 -13.19 -11.78
N GLY A 1 4.93 -25.36 19.41
CA GLY A 1 3.50 -25.57 19.22
C GLY A 1 3.17 -26.11 17.85
N SER A 2 2.55 -25.27 17.02
CA SER A 2 2.17 -25.67 15.67
C SER A 2 2.30 -24.52 14.70
N GLU A 3 3.05 -24.73 13.63
CA GLU A 3 3.26 -23.69 12.62
C GLU A 3 2.41 -23.95 11.39
N GLY A 4 2.02 -22.89 10.70
CA GLY A 4 1.21 -23.02 9.51
C GLY A 4 2.01 -23.49 8.31
N ALA A 5 1.86 -24.77 7.98
CA ALA A 5 2.57 -25.35 6.84
C ALA A 5 1.80 -25.13 5.54
N ALA A 6 1.25 -23.94 5.38
CA ALA A 6 0.49 -23.60 4.19
C ALA A 6 1.40 -23.41 2.99
N THR A 7 0.87 -23.63 1.80
CA THR A 7 1.64 -23.48 0.57
C THR A 7 1.11 -22.34 -0.29
N MET A 8 0.01 -21.74 0.17
CA MET A 8 -0.60 -20.63 -0.56
C MET A 8 0.09 -19.31 -0.22
N ALA A 9 -0.06 -18.33 -1.10
CA ALA A 9 0.54 -17.01 -0.89
C ALA A 9 0.31 -16.52 0.54
N THR A 10 1.24 -15.71 1.03
CA THR A 10 1.14 -15.17 2.38
C THR A 10 1.32 -13.66 2.38
N PHE A 11 0.40 -12.95 3.03
CA PHE A 11 0.47 -11.50 3.10
C PHE A 11 0.67 -11.04 4.55
N GLU A 12 1.52 -10.04 4.74
CA GLU A 12 1.80 -9.50 6.06
C GLU A 12 1.42 -8.03 6.15
N GLU A 13 0.76 -7.65 7.23
CA GLU A 13 0.34 -6.28 7.44
C GLU A 13 1.37 -5.51 8.27
N VAL A 14 1.85 -4.40 7.74
CA VAL A 14 2.83 -3.57 8.44
C VAL A 14 2.35 -2.14 8.57
N SER A 15 2.68 -1.51 9.71
CA SER A 15 2.28 -0.14 9.96
C SER A 15 3.50 0.77 10.12
N VAL A 16 3.44 1.94 9.50
CA VAL A 16 4.53 2.90 9.56
C VAL A 16 4.03 4.32 9.33
N LEU A 17 4.78 5.29 9.86
CA LEU A 17 4.41 6.69 9.71
C LEU A 17 5.60 7.52 9.24
N GLY A 18 5.64 7.83 7.94
CA GLY A 18 6.73 8.61 7.39
C GLY A 18 7.54 7.83 6.38
N PHE A 19 8.64 8.43 5.92
CA PHE A 19 9.50 7.79 4.94
C PHE A 19 10.57 6.94 5.63
N GLU A 20 11.21 7.51 6.65
CA GLU A 20 12.25 6.81 7.39
C GLU A 20 11.79 5.41 7.78
N GLU A 21 10.75 5.34 8.60
CA GLU A 21 10.22 4.06 9.06
C GLU A 21 9.84 3.18 7.87
N PHE A 22 9.22 3.79 6.87
CA PHE A 22 8.79 3.06 5.68
C PHE A 22 9.98 2.36 5.02
N ASP A 23 11.11 3.06 4.93
CA ASP A 23 12.31 2.51 4.34
C ASP A 23 12.77 1.26 5.07
N LYS A 24 12.93 1.39 6.39
CA LYS A 24 13.35 0.27 7.22
C LYS A 24 12.53 -0.98 6.93
N ALA A 25 11.21 -0.82 6.99
CA ALA A 25 10.29 -1.94 6.72
C ALA A 25 10.57 -2.56 5.36
N VAL A 26 10.79 -1.71 4.36
CA VAL A 26 11.07 -2.18 3.01
C VAL A 26 12.38 -2.96 2.95
N LYS A 27 13.48 -2.28 3.28
CA LYS A 27 14.79 -2.92 3.27
C LYS A 27 14.78 -4.21 4.07
N GLU A 28 13.76 -4.38 4.90
CA GLU A 28 13.64 -5.57 5.73
C GLU A 28 12.99 -6.71 4.95
N HIS A 29 12.03 -6.36 4.10
CA HIS A 29 11.33 -7.35 3.28
C HIS A 29 11.69 -7.21 1.81
N GLU A 30 12.89 -6.69 1.54
CA GLU A 30 13.35 -6.50 0.18
C GLU A 30 13.48 -7.84 -0.55
N SER A 31 13.51 -8.92 0.22
CA SER A 31 13.63 -10.25 -0.34
C SER A 31 12.34 -10.68 -1.03
N LYS A 32 11.21 -10.30 -0.45
CA LYS A 32 9.90 -10.62 -1.01
C LYS A 32 9.19 -9.38 -1.49
N THR A 33 8.21 -9.56 -2.38
CA THR A 33 7.44 -8.44 -2.91
C THR A 33 6.89 -7.56 -1.80
N ILE A 34 6.97 -6.25 -2.00
CA ILE A 34 6.48 -5.29 -1.02
C ILE A 34 5.40 -4.39 -1.62
N PHE A 35 4.46 -3.95 -0.78
CA PHE A 35 3.38 -3.08 -1.22
C PHE A 35 3.18 -1.92 -0.26
N ALA A 36 3.55 -0.72 -0.68
CA ALA A 36 3.41 0.46 0.15
C ALA A 36 2.12 1.21 -0.17
N TYR A 37 1.35 1.53 0.87
CA TYR A 37 0.09 2.23 0.69
C TYR A 37 0.15 3.62 1.33
N PHE A 38 0.50 4.62 0.53
CA PHE A 38 0.59 6.00 1.01
C PHE A 38 -0.79 6.60 1.20
N SER A 39 -1.20 6.76 2.45
CA SER A 39 -2.51 7.33 2.76
C SER A 39 -2.38 8.43 3.81
N GLY A 40 -3.40 9.30 3.87
CA GLY A 40 -3.38 10.39 4.83
C GLY A 40 -3.51 9.90 6.26
N SER A 41 -2.94 10.66 7.18
CA SER A 41 -2.99 10.30 8.60
C SER A 41 -4.41 10.02 9.04
N LYS A 42 -4.58 8.96 9.83
CA LYS A 42 -5.90 8.58 10.33
C LYS A 42 -6.25 9.35 11.59
N ASP A 43 -7.56 9.52 11.83
CA ASP A 43 -8.02 10.25 13.01
C ASP A 43 -7.94 9.37 14.25
N THR A 44 -8.43 9.89 15.37
CA THR A 44 -8.42 9.15 16.62
C THR A 44 -9.11 7.80 16.49
N GLU A 45 -10.17 7.76 15.67
CA GLU A 45 -10.91 6.53 15.45
C GLU A 45 -10.16 5.60 14.50
N GLY A 46 -9.28 6.18 13.70
CA GLY A 46 -8.51 5.39 12.75
C GLY A 46 -9.04 5.51 11.33
N LYS A 47 -9.47 6.72 10.96
CA LYS A 47 -10.00 6.95 9.62
C LYS A 47 -9.31 8.15 8.98
N SER A 48 -8.74 7.94 7.80
CA SER A 48 -8.05 8.99 7.08
C SER A 48 -9.01 10.14 6.75
N TRP A 49 -8.50 11.37 6.85
CA TRP A 49 -9.32 12.55 6.56
C TRP A 49 -10.03 12.41 5.22
N CYS A 50 -9.28 12.03 4.19
CA CYS A 50 -9.83 11.87 2.85
C CYS A 50 -10.87 10.75 2.84
N PRO A 51 -12.02 11.01 2.20
CA PRO A 51 -13.11 10.04 2.09
C PRO A 51 -12.76 8.88 1.18
N ASP A 52 -12.27 9.18 -0.01
CA ASP A 52 -11.90 8.16 -0.97
C ASP A 52 -10.90 7.18 -0.37
N CYS A 53 -10.02 7.69 0.49
CA CYS A 53 -9.02 6.86 1.14
C CYS A 53 -9.67 5.89 2.11
N VAL A 54 -10.86 6.24 2.59
CA VAL A 54 -11.58 5.40 3.53
C VAL A 54 -12.36 4.30 2.80
N GLU A 55 -12.82 4.60 1.60
CA GLU A 55 -13.58 3.64 0.80
C GLU A 55 -12.64 2.73 0.01
N ALA A 56 -11.38 3.15 -0.11
CA ALA A 56 -10.39 2.37 -0.84
C ALA A 56 -9.70 1.37 0.09
N GLU A 57 -9.46 1.78 1.33
CA GLU A 57 -8.81 0.92 2.30
C GLU A 57 -9.41 -0.49 2.29
N PRO A 58 -10.75 -0.56 2.40
CA PRO A 58 -11.47 -1.84 2.39
C PRO A 58 -11.46 -2.51 1.03
N VAL A 59 -11.07 -1.75 0.01
CA VAL A 59 -11.01 -2.27 -1.35
C VAL A 59 -9.62 -2.81 -1.68
N ILE A 60 -8.61 -2.21 -1.06
CA ILE A 60 -7.23 -2.64 -1.28
C ILE A 60 -6.86 -3.82 -0.39
N ARG A 61 -7.21 -3.71 0.88
CA ARG A 61 -6.92 -4.77 1.85
C ARG A 61 -7.57 -6.08 1.42
N GLU A 62 -8.71 -5.98 0.74
CA GLU A 62 -9.43 -7.15 0.28
C GLU A 62 -8.59 -7.96 -0.71
N GLY A 63 -8.15 -7.30 -1.77
CA GLY A 63 -7.34 -7.96 -2.77
C GLY A 63 -6.08 -8.57 -2.20
N LEU A 64 -5.52 -7.91 -1.19
CA LEU A 64 -4.29 -8.38 -0.54
C LEU A 64 -4.47 -9.81 -0.04
N LYS A 65 -5.71 -10.26 0.05
CA LYS A 65 -6.02 -11.61 0.52
C LYS A 65 -6.01 -12.60 -0.65
N HIS A 66 -6.36 -12.12 -1.83
CA HIS A 66 -6.39 -12.96 -3.02
C HIS A 66 -5.06 -12.90 -3.75
N VAL A 67 -4.03 -12.41 -3.06
CA VAL A 67 -2.70 -12.29 -3.65
C VAL A 67 -2.09 -13.66 -3.90
N THR A 68 -1.40 -13.80 -5.02
CA THR A 68 -0.76 -15.07 -5.38
C THR A 68 0.75 -14.97 -5.32
N GLU A 69 1.25 -14.27 -4.30
CA GLU A 69 2.69 -14.09 -4.13
C GLU A 69 3.01 -13.58 -2.73
N ASP A 70 3.88 -14.30 -2.03
CA ASP A 70 4.27 -13.91 -0.67
C ASP A 70 4.86 -12.50 -0.65
N CYS A 71 4.03 -11.53 -0.27
CA CYS A 71 4.47 -10.14 -0.21
C CYS A 71 4.29 -9.58 1.19
N VAL A 72 4.79 -8.37 1.41
CA VAL A 72 4.68 -7.72 2.71
C VAL A 72 4.08 -6.32 2.57
N PHE A 73 2.80 -6.21 2.87
CA PHE A 73 2.09 -4.94 2.78
C PHE A 73 2.66 -3.94 3.80
N ILE A 74 2.59 -2.65 3.46
CA ILE A 74 3.09 -1.61 4.33
C ILE A 74 2.21 -0.37 4.27
N TYR A 75 1.51 -0.08 5.36
CA TYR A 75 0.63 1.08 5.42
C TYR A 75 1.40 2.34 5.81
N CYS A 76 1.93 3.03 4.80
CA CYS A 76 2.69 4.24 5.03
C CYS A 76 1.78 5.47 5.07
N GLN A 77 1.91 6.27 6.13
CA GLN A 77 1.09 7.46 6.28
C GLN A 77 1.84 8.70 5.79
N VAL A 78 1.34 9.29 4.71
CA VAL A 78 1.95 10.49 4.14
C VAL A 78 2.04 11.61 5.18
N GLY A 79 0.92 11.91 5.80
CA GLY A 79 0.88 12.96 6.80
C GLY A 79 -0.50 13.58 6.95
N ASP A 80 -0.55 14.80 7.46
CA ASP A 80 -1.81 15.51 7.65
C ASP A 80 -2.45 15.86 6.31
N LYS A 81 -3.70 16.29 6.35
CA LYS A 81 -4.42 16.67 5.14
C LYS A 81 -3.65 17.72 4.34
N PRO A 82 -3.37 18.86 4.97
CA PRO A 82 -2.64 19.96 4.35
C PRO A 82 -1.17 19.62 4.11
N TYR A 83 -0.70 18.57 4.79
CA TYR A 83 0.69 18.14 4.66
C TYR A 83 0.92 17.43 3.33
N TRP A 84 -0.07 16.65 2.90
CA TRP A 84 0.02 15.92 1.65
C TRP A 84 0.23 16.87 0.47
N LYS A 85 -0.51 17.97 0.46
CA LYS A 85 -0.39 18.97 -0.59
C LYS A 85 1.06 19.36 -0.82
N ASP A 86 1.79 19.54 0.27
CA ASP A 86 3.20 19.92 0.20
C ASP A 86 3.89 19.22 -0.98
N PRO A 87 4.03 19.96 -2.10
CA PRO A 87 4.66 19.44 -3.31
C PRO A 87 6.17 19.23 -3.13
N ASN A 88 6.70 19.70 -2.00
CA ASN A 88 8.12 19.57 -1.71
C ASN A 88 8.37 18.40 -0.76
N ASN A 89 7.46 17.43 -0.77
CA ASN A 89 7.59 16.26 0.10
C ASN A 89 8.49 15.20 -0.54
N ASP A 90 9.07 14.36 0.29
CA ASP A 90 9.96 13.29 -0.18
C ASP A 90 9.17 12.25 -0.97
N PHE A 91 7.85 12.31 -0.85
CA PHE A 91 6.99 11.35 -1.55
C PHE A 91 6.82 11.74 -3.02
N ARG A 92 6.63 13.03 -3.26
CA ARG A 92 6.45 13.53 -4.63
C ARG A 92 7.80 13.88 -5.25
N GLN A 93 8.85 13.87 -4.43
CA GLN A 93 10.19 14.18 -4.91
C GLN A 93 10.98 12.91 -5.17
N LYS A 94 10.94 11.98 -4.22
CA LYS A 94 11.66 10.72 -4.35
C LYS A 94 10.74 9.62 -4.89
N LEU A 95 9.61 9.42 -4.22
CA LEU A 95 8.64 8.40 -4.63
C LEU A 95 7.80 8.89 -5.80
N LYS A 96 7.85 10.20 -6.05
CA LYS A 96 7.09 10.80 -7.14
C LYS A 96 5.64 10.33 -7.11
N ILE A 97 5.00 10.47 -5.95
CA ILE A 97 3.61 10.08 -5.79
C ILE A 97 2.70 10.94 -6.65
N THR A 98 1.75 10.30 -7.33
CA THR A 98 0.80 11.01 -8.18
C THR A 98 -0.33 11.61 -7.36
N ALA A 99 -1.18 10.75 -6.80
CA ALA A 99 -2.30 11.21 -6.00
C ALA A 99 -2.72 10.13 -5.00
N VAL A 100 -2.75 10.49 -3.72
CA VAL A 100 -3.13 9.56 -2.67
C VAL A 100 -4.65 9.38 -2.63
N PRO A 101 -5.10 8.18 -2.23
CA PRO A 101 -4.18 7.08 -1.88
C PRO A 101 -3.43 6.53 -3.07
N THR A 102 -2.13 6.30 -2.90
CA THR A 102 -1.30 5.77 -3.97
C THR A 102 -0.73 4.41 -3.60
N LEU A 103 -1.14 3.38 -4.34
CA LEU A 103 -0.67 2.03 -4.09
C LEU A 103 0.46 1.66 -5.04
N LEU A 104 1.70 1.79 -4.57
CA LEU A 104 2.87 1.46 -5.38
C LEU A 104 3.36 0.06 -5.08
N LYS A 105 3.61 -0.72 -6.14
CA LYS A 105 4.09 -2.09 -5.99
C LYS A 105 5.61 -2.14 -6.07
N TYR A 106 6.27 -2.06 -4.93
CA TYR A 106 7.73 -2.10 -4.87
C TYR A 106 8.27 -3.21 -5.74
N GLY A 107 8.97 -2.82 -6.82
CA GLY A 107 9.54 -3.81 -7.72
C GLY A 107 9.10 -3.59 -9.16
N THR A 108 7.85 -3.19 -9.33
CA THR A 108 7.30 -2.96 -10.67
C THR A 108 6.64 -1.58 -10.76
N PRO A 109 6.64 -1.00 -11.96
CA PRO A 109 6.04 0.32 -12.20
C PRO A 109 4.52 0.29 -12.12
N GLN A 110 3.98 -0.88 -11.81
CA GLN A 110 2.53 -1.05 -11.69
C GLN A 110 2.03 -0.51 -10.36
N LYS A 111 1.15 0.48 -10.42
CA LYS A 111 0.58 1.07 -9.21
C LYS A 111 -0.90 1.38 -9.40
N LEU A 112 -1.55 1.78 -8.30
CA LEU A 112 -2.97 2.11 -8.35
C LEU A 112 -3.26 3.42 -7.64
N VAL A 113 -3.87 4.36 -8.36
CA VAL A 113 -4.20 5.66 -7.80
C VAL A 113 -5.56 5.64 -7.10
N GLU A 114 -5.92 6.76 -6.48
CA GLU A 114 -7.18 6.87 -5.78
C GLU A 114 -8.26 6.03 -6.48
N SER A 115 -8.60 6.42 -7.70
CA SER A 115 -9.61 5.71 -8.47
C SER A 115 -9.28 4.23 -8.56
N GLU A 116 -8.03 3.92 -8.84
CA GLU A 116 -7.59 2.52 -8.95
C GLU A 116 -7.49 1.87 -7.58
N CYS A 117 -7.60 2.68 -6.52
CA CYS A 117 -7.53 2.18 -5.16
C CYS A 117 -8.91 1.78 -4.65
N CYS A 118 -9.95 2.27 -5.33
CA CYS A 118 -11.31 1.97 -4.94
C CYS A 118 -11.93 0.93 -5.87
N GLN A 119 -11.22 0.63 -6.96
CA GLN A 119 -11.70 -0.35 -7.93
C GLN A 119 -11.14 -1.73 -7.64
N SER A 120 -11.85 -2.49 -6.80
CA SER A 120 -11.41 -3.83 -6.44
C SER A 120 -10.88 -4.59 -7.64
N SER A 121 -11.67 -4.61 -8.71
CA SER A 121 -11.28 -5.31 -9.93
C SER A 121 -9.78 -5.14 -10.19
N LEU A 122 -9.26 -3.95 -9.88
CA LEU A 122 -7.85 -3.66 -10.08
C LEU A 122 -7.01 -4.20 -8.93
N VAL A 123 -7.43 -3.92 -7.71
CA VAL A 123 -6.72 -4.39 -6.52
C VAL A 123 -6.48 -5.88 -6.58
N GLU A 124 -7.51 -6.64 -6.91
CA GLU A 124 -7.40 -8.10 -7.00
C GLU A 124 -6.56 -8.49 -8.21
N MET A 125 -6.41 -7.56 -9.16
CA MET A 125 -5.63 -7.83 -10.35
C MET A 125 -4.13 -7.63 -10.08
N ILE A 126 -3.76 -6.40 -9.75
CA ILE A 126 -2.36 -6.09 -9.47
C ILE A 126 -1.72 -7.16 -8.59
N PHE A 127 -2.55 -7.85 -7.81
CA PHE A 127 -2.06 -8.90 -6.92
C PHE A 127 -2.09 -10.25 -7.63
N SER A 128 -3.02 -10.41 -8.55
CA SER A 128 -3.16 -11.66 -9.30
C SER A 128 -2.10 -11.77 -10.39
N GLU A 129 -2.14 -10.84 -11.35
CA GLU A 129 -1.18 -10.84 -12.45
C GLU A 129 0.22 -11.21 -11.95
N ASP A 130 0.76 -12.28 -12.49
CA ASP A 130 2.09 -12.73 -12.11
C ASP A 130 3.13 -12.39 -13.19
N GLY A 1 -1.88 -42.27 7.41
CA GLY A 1 -3.11 -41.69 6.92
C GLY A 1 -2.94 -40.24 6.50
N SER A 2 -3.58 -39.86 5.39
CA SER A 2 -3.48 -38.50 4.89
C SER A 2 -3.61 -37.49 6.02
N GLU A 3 -2.73 -36.49 6.00
CA GLU A 3 -2.75 -35.45 7.03
C GLU A 3 -3.38 -34.17 6.50
N GLY A 4 -2.96 -33.76 5.31
CA GLY A 4 -3.50 -32.54 4.71
C GLY A 4 -2.42 -31.71 4.04
N ALA A 5 -2.85 -30.79 3.18
CA ALA A 5 -1.92 -29.92 2.46
C ALA A 5 -2.65 -28.73 1.85
N ALA A 6 -2.10 -27.54 2.05
CA ALA A 6 -2.69 -26.32 1.51
C ALA A 6 -1.64 -25.22 1.35
N THR A 7 -1.40 -24.81 0.10
CA THR A 7 -0.42 -23.79 -0.19
C THR A 7 -1.10 -22.51 -0.69
N MET A 8 -0.83 -21.40 -0.01
CA MET A 8 -1.42 -20.12 -0.39
C MET A 8 -0.44 -18.97 -0.14
N ALA A 9 -0.64 -17.86 -0.82
CA ALA A 9 0.22 -16.69 -0.67
C ALA A 9 0.18 -16.16 0.77
N THR A 10 1.25 -15.51 1.18
CA THR A 10 1.34 -14.95 2.53
C THR A 10 1.42 -13.43 2.48
N PHE A 11 0.48 -12.77 3.15
CA PHE A 11 0.44 -11.31 3.20
C PHE A 11 0.56 -10.81 4.63
N GLU A 12 1.40 -9.79 4.82
CA GLU A 12 1.61 -9.22 6.14
C GLU A 12 1.41 -7.70 6.12
N GLU A 13 0.60 -7.20 7.05
CA GLU A 13 0.33 -5.78 7.13
C GLU A 13 1.31 -5.08 8.07
N VAL A 14 1.94 -4.02 7.57
CA VAL A 14 2.91 -3.27 8.37
C VAL A 14 2.58 -1.79 8.37
N SER A 15 2.22 -1.26 9.54
CA SER A 15 1.88 0.15 9.68
C SER A 15 3.12 0.99 9.93
N VAL A 16 3.19 2.15 9.28
CA VAL A 16 4.33 3.05 9.44
C VAL A 16 3.94 4.48 9.09
N LEU A 17 4.74 5.43 9.57
CA LEU A 17 4.50 6.85 9.31
C LEU A 17 5.77 7.55 8.88
N GLY A 18 5.73 8.21 7.73
CA GLY A 18 6.88 8.91 7.23
C GLY A 18 7.71 8.10 6.26
N PHE A 19 8.78 8.68 5.73
CA PHE A 19 9.64 8.00 4.78
C PHE A 19 10.67 7.13 5.50
N GLU A 20 11.13 7.61 6.66
CA GLU A 20 12.11 6.88 7.44
C GLU A 20 11.63 5.47 7.76
N GLU A 21 10.55 5.37 8.54
CA GLU A 21 10.00 4.09 8.91
C GLU A 21 9.71 3.24 7.67
N PHE A 22 9.00 3.82 6.71
CA PHE A 22 8.67 3.12 5.48
C PHE A 22 9.90 2.43 4.89
N ASP A 23 10.99 3.18 4.79
CA ASP A 23 12.23 2.64 4.25
C ASP A 23 12.67 1.40 5.02
N LYS A 24 12.75 1.53 6.33
CA LYS A 24 13.16 0.42 7.19
C LYS A 24 12.33 -0.83 6.89
N ALA A 25 11.01 -0.71 7.00
CA ALA A 25 10.12 -1.82 6.74
C ALA A 25 10.33 -2.38 5.33
N VAL A 26 10.63 -1.49 4.39
CA VAL A 26 10.86 -1.89 3.00
C VAL A 26 12.10 -2.75 2.88
N LYS A 27 13.27 -2.14 3.07
CA LYS A 27 14.54 -2.85 2.98
C LYS A 27 14.47 -4.17 3.74
N GLU A 28 13.65 -4.22 4.78
CA GLU A 28 13.50 -5.42 5.58
C GLU A 28 12.88 -6.54 4.76
N HIS A 29 11.75 -6.25 4.12
CA HIS A 29 11.06 -7.24 3.30
C HIS A 29 11.39 -7.05 1.82
N GLU A 30 12.57 -6.49 1.55
CA GLU A 30 13.01 -6.26 0.18
C GLU A 30 13.07 -7.56 -0.60
N SER A 31 13.59 -8.62 0.04
CA SER A 31 13.70 -9.92 -0.59
C SER A 31 12.39 -10.32 -1.27
N LYS A 32 11.29 -10.12 -0.56
CA LYS A 32 9.98 -10.46 -1.09
C LYS A 32 9.26 -9.21 -1.59
N THR A 33 8.19 -9.41 -2.36
CA THR A 33 7.41 -8.30 -2.90
C THR A 33 6.83 -7.44 -1.78
N ILE A 34 6.91 -6.13 -1.95
CA ILE A 34 6.38 -5.19 -0.96
C ILE A 34 5.31 -4.30 -1.55
N PHE A 35 4.37 -3.86 -0.72
CA PHE A 35 3.29 -2.99 -1.16
C PHE A 35 3.10 -1.82 -0.20
N ALA A 36 3.45 -0.62 -0.67
CA ALA A 36 3.32 0.58 0.15
C ALA A 36 2.03 1.32 -0.16
N TYR A 37 1.20 1.53 0.85
CA TYR A 37 -0.07 2.24 0.67
C TYR A 37 -0.01 3.62 1.29
N PHE A 38 0.51 4.58 0.54
CA PHE A 38 0.63 5.96 1.01
C PHE A 38 -0.75 6.63 1.05
N SER A 39 -1.16 7.04 2.25
CA SER A 39 -2.45 7.69 2.42
C SER A 39 -2.43 8.61 3.65
N GLY A 40 -3.15 9.72 3.56
CA GLY A 40 -3.20 10.67 4.66
C GLY A 40 -3.21 9.97 6.01
N SER A 41 -2.60 10.61 7.01
CA SER A 41 -2.54 10.05 8.35
C SER A 41 -3.94 9.85 8.93
N LYS A 42 -4.01 9.23 10.10
CA LYS A 42 -5.28 9.00 10.76
C LYS A 42 -5.68 10.19 11.64
N ASP A 43 -6.85 10.09 12.26
CA ASP A 43 -7.34 11.15 13.14
C ASP A 43 -7.56 10.64 14.55
N THR A 44 -8.02 11.52 15.43
CA THR A 44 -8.27 11.17 16.81
C THR A 44 -9.29 10.02 16.92
N GLU A 45 -10.00 9.78 15.83
CA GLU A 45 -11.00 8.72 15.80
C GLU A 45 -10.43 7.46 15.15
N GLY A 46 -9.41 7.64 14.31
CA GLY A 46 -8.80 6.50 13.63
C GLY A 46 -9.23 6.39 12.19
N LYS A 47 -9.44 7.53 11.54
CA LYS A 47 -9.86 7.55 10.15
C LYS A 47 -9.12 8.63 9.37
N SER A 48 -8.75 8.32 8.13
CA SER A 48 -8.03 9.26 7.29
C SER A 48 -8.92 10.43 6.89
N TRP A 49 -8.38 11.63 6.97
CA TRP A 49 -9.13 12.83 6.62
C TRP A 49 -9.82 12.67 5.27
N CYS A 50 -9.14 12.00 4.35
CA CYS A 50 -9.69 11.77 3.02
C CYS A 50 -10.61 10.55 3.00
N PRO A 51 -11.78 10.71 2.36
CA PRO A 51 -12.78 9.64 2.26
C PRO A 51 -12.31 8.50 1.35
N ASP A 52 -11.58 8.86 0.30
CA ASP A 52 -11.08 7.87 -0.64
C ASP A 52 -10.35 6.75 0.08
N CYS A 53 -9.29 7.10 0.79
CA CYS A 53 -8.49 6.12 1.53
C CYS A 53 -9.40 5.19 2.34
N VAL A 54 -10.31 5.78 3.11
CA VAL A 54 -11.23 5.00 3.92
C VAL A 54 -12.17 4.17 3.05
N GLU A 55 -12.33 4.58 1.79
CA GLU A 55 -13.20 3.88 0.87
C GLU A 55 -12.42 2.86 0.04
N ALA A 56 -11.09 3.00 0.06
CA ALA A 56 -10.22 2.10 -0.69
C ALA A 56 -9.59 1.06 0.24
N GLU A 57 -9.46 1.41 1.51
CA GLU A 57 -8.87 0.51 2.48
C GLU A 57 -9.45 -0.90 2.35
N PRO A 58 -10.78 -1.00 2.50
CA PRO A 58 -11.50 -2.28 2.40
C PRO A 58 -11.51 -2.82 0.97
N VAL A 59 -11.11 -1.99 0.02
CA VAL A 59 -11.08 -2.38 -1.38
C VAL A 59 -9.70 -2.89 -1.78
N ILE A 60 -8.68 -2.49 -1.01
CA ILE A 60 -7.31 -2.91 -1.28
C ILE A 60 -6.94 -4.15 -0.47
N ARG A 61 -7.31 -4.15 0.80
CA ARG A 61 -7.02 -5.27 1.68
C ARG A 61 -7.84 -6.50 1.29
N GLU A 62 -9.02 -6.25 0.72
CA GLU A 62 -9.90 -7.33 0.29
C GLU A 62 -9.30 -8.09 -0.89
N GLY A 63 -8.47 -7.41 -1.66
CA GLY A 63 -7.84 -8.03 -2.82
C GLY A 63 -6.50 -8.64 -2.49
N LEU A 64 -5.80 -8.05 -1.53
CA LEU A 64 -4.49 -8.53 -1.12
C LEU A 64 -4.52 -10.03 -0.84
N LYS A 65 -5.71 -10.53 -0.52
CA LYS A 65 -5.88 -11.96 -0.23
C LYS A 65 -5.77 -12.79 -1.50
N HIS A 66 -6.30 -12.26 -2.60
CA HIS A 66 -6.26 -12.95 -3.88
C HIS A 66 -4.81 -13.07 -4.38
N VAL A 67 -3.95 -12.18 -3.90
CA VAL A 67 -2.55 -12.19 -4.29
C VAL A 67 -2.00 -13.61 -4.35
N THR A 68 -1.15 -13.87 -5.34
CA THR A 68 -0.55 -15.20 -5.50
C THR A 68 0.95 -15.15 -5.29
N GLU A 69 1.41 -14.18 -4.49
CA GLU A 69 2.84 -14.03 -4.21
C GLU A 69 3.06 -13.60 -2.76
N ASP A 70 4.08 -14.18 -2.14
CA ASP A 70 4.40 -13.86 -0.75
C ASP A 70 4.96 -12.44 -0.63
N CYS A 71 4.08 -11.49 -0.34
CA CYS A 71 4.48 -10.09 -0.21
C CYS A 71 4.23 -9.59 1.21
N VAL A 72 4.69 -8.38 1.49
CA VAL A 72 4.52 -7.78 2.81
C VAL A 72 3.94 -6.37 2.70
N PHE A 73 2.63 -6.27 2.86
CA PHE A 73 1.94 -4.98 2.78
C PHE A 73 2.53 -4.00 3.79
N ILE A 74 2.46 -2.71 3.46
CA ILE A 74 2.98 -1.66 4.33
C ILE A 74 2.08 -0.43 4.30
N TYR A 75 1.32 -0.24 5.37
CA TYR A 75 0.42 0.91 5.47
C TYR A 75 1.17 2.15 5.92
N CYS A 76 1.68 2.92 4.95
CA CYS A 76 2.42 4.13 5.25
C CYS A 76 1.55 5.36 5.06
N GLN A 77 1.71 6.35 5.93
CA GLN A 77 0.94 7.58 5.86
C GLN A 77 1.83 8.77 5.51
N VAL A 78 1.44 9.50 4.47
CA VAL A 78 2.21 10.66 4.03
C VAL A 78 2.23 11.74 5.11
N GLY A 79 1.06 12.11 5.60
CA GLY A 79 0.97 13.13 6.62
C GLY A 79 -0.42 13.75 6.72
N ASP A 80 -0.48 14.99 7.18
CA ASP A 80 -1.76 15.69 7.31
C ASP A 80 -2.24 16.22 5.96
N LYS A 81 -3.47 16.73 5.93
CA LYS A 81 -4.04 17.26 4.71
C LYS A 81 -3.20 18.41 4.17
N PRO A 82 -2.92 19.40 5.03
CA PRO A 82 -2.12 20.57 4.66
C PRO A 82 -0.65 20.23 4.43
N TYR A 83 -0.26 19.03 4.86
CA TYR A 83 1.11 18.58 4.69
C TYR A 83 1.30 17.84 3.37
N TRP A 84 0.40 16.91 3.09
CA TRP A 84 0.46 16.13 1.85
C TRP A 84 0.57 17.05 0.64
N LYS A 85 -0.33 18.04 0.57
CA LYS A 85 -0.33 18.98 -0.53
C LYS A 85 1.08 19.45 -0.86
N ASP A 86 1.89 19.63 0.18
CA ASP A 86 3.27 20.08 0.01
C ASP A 86 3.94 19.34 -1.15
N PRO A 87 4.21 20.07 -2.23
CA PRO A 87 4.85 19.51 -3.43
C PRO A 87 6.31 19.15 -3.18
N ASN A 88 6.91 19.76 -2.17
CA ASN A 88 8.30 19.51 -1.82
C ASN A 88 8.41 18.37 -0.82
N ASN A 89 7.47 17.44 -0.88
CA ASN A 89 7.47 16.29 0.02
C ASN A 89 8.37 15.18 -0.51
N ASP A 90 8.92 14.39 0.41
CA ASP A 90 9.80 13.29 0.03
C ASP A 90 9.02 12.21 -0.72
N PHE A 91 7.70 12.29 -0.65
CA PHE A 91 6.84 11.32 -1.33
C PHE A 91 6.72 11.64 -2.81
N ARG A 92 6.44 12.90 -3.11
CA ARG A 92 6.28 13.34 -4.50
C ARG A 92 7.65 13.60 -5.12
N GLN A 93 8.69 13.59 -4.31
CA GLN A 93 10.05 13.83 -4.78
C GLN A 93 10.79 12.51 -4.97
N LYS A 94 10.56 11.57 -4.07
CA LYS A 94 11.21 10.27 -4.14
C LYS A 94 10.27 9.22 -4.74
N LEU A 95 9.09 9.09 -4.14
CA LEU A 95 8.10 8.12 -4.61
C LEU A 95 7.30 8.68 -5.79
N LYS A 96 7.39 9.99 -5.97
CA LYS A 96 6.68 10.66 -7.06
C LYS A 96 5.19 10.36 -7.00
N ILE A 97 4.62 10.45 -5.80
CA ILE A 97 3.20 10.19 -5.60
C ILE A 97 2.35 11.23 -6.32
N THR A 98 1.51 10.77 -7.25
CA THR A 98 0.64 11.66 -8.00
C THR A 98 -0.56 12.11 -7.17
N ALA A 99 -1.24 11.15 -6.56
CA ALA A 99 -2.40 11.44 -5.73
C ALA A 99 -2.70 10.28 -4.77
N VAL A 100 -2.89 10.61 -3.50
CA VAL A 100 -3.18 9.60 -2.48
C VAL A 100 -4.67 9.33 -2.40
N PRO A 101 -5.01 8.09 -2.00
CA PRO A 101 -4.04 7.06 -1.68
C PRO A 101 -3.28 6.55 -2.90
N THR A 102 -2.02 6.20 -2.72
CA THR A 102 -1.20 5.71 -3.81
C THR A 102 -0.61 4.34 -3.49
N LEU A 103 -1.10 3.31 -4.17
CA LEU A 103 -0.62 1.96 -3.95
C LEU A 103 0.48 1.60 -4.94
N LEU A 104 1.73 1.67 -4.47
CA LEU A 104 2.88 1.36 -5.32
C LEU A 104 3.39 -0.04 -5.03
N LYS A 105 3.53 -0.85 -6.08
CA LYS A 105 4.02 -2.21 -5.95
C LYS A 105 5.55 -2.26 -6.07
N TYR A 106 6.22 -2.20 -4.92
CA TYR A 106 7.68 -2.25 -4.90
C TYR A 106 8.21 -3.35 -5.80
N GLY A 107 8.98 -2.97 -6.81
CA GLY A 107 9.55 -3.96 -7.73
C GLY A 107 9.04 -3.77 -9.15
N THR A 108 7.77 -3.41 -9.29
CA THR A 108 7.17 -3.21 -10.60
C THR A 108 6.56 -1.81 -10.71
N PRO A 109 6.55 -1.27 -11.94
CA PRO A 109 5.99 0.05 -12.22
C PRO A 109 4.48 0.09 -12.07
N GLN A 110 3.89 -1.05 -11.71
CA GLN A 110 2.45 -1.14 -11.54
C GLN A 110 2.00 -0.47 -10.26
N LYS A 111 1.15 0.55 -10.39
CA LYS A 111 0.66 1.28 -9.22
C LYS A 111 -0.84 1.58 -9.38
N LEU A 112 -1.50 1.84 -8.25
CA LEU A 112 -2.92 2.14 -8.26
C LEU A 112 -3.21 3.44 -7.51
N VAL A 113 -3.83 4.39 -8.20
CA VAL A 113 -4.16 5.67 -7.59
C VAL A 113 -5.53 5.63 -6.93
N GLU A 114 -5.90 6.73 -6.27
CA GLU A 114 -7.18 6.82 -5.58
C GLU A 114 -8.24 6.00 -6.33
N SER A 115 -8.44 6.30 -7.60
CA SER A 115 -9.42 5.60 -8.41
C SER A 115 -9.10 4.11 -8.49
N GLU A 116 -7.86 3.80 -8.86
CA GLU A 116 -7.43 2.42 -8.98
C GLU A 116 -7.34 1.75 -7.61
N CYS A 117 -7.49 2.55 -6.56
CA CYS A 117 -7.43 2.05 -5.20
C CYS A 117 -8.82 1.68 -4.69
N CYS A 118 -9.84 2.19 -5.37
CA CYS A 118 -11.22 1.91 -4.99
C CYS A 118 -11.86 0.90 -5.93
N GLN A 119 -11.12 0.52 -6.96
CA GLN A 119 -11.60 -0.44 -7.94
C GLN A 119 -11.10 -1.84 -7.63
N SER A 120 -11.88 -2.58 -6.84
CA SER A 120 -11.51 -3.94 -6.46
C SER A 120 -10.97 -4.72 -7.66
N SER A 121 -11.63 -4.55 -8.81
CA SER A 121 -11.22 -5.24 -10.03
C SER A 121 -9.72 -5.06 -10.27
N LEU A 122 -9.22 -3.87 -9.97
CA LEU A 122 -7.80 -3.57 -10.16
C LEU A 122 -6.97 -4.10 -9.00
N VAL A 123 -7.49 -3.93 -7.79
CA VAL A 123 -6.80 -4.40 -6.59
C VAL A 123 -6.48 -5.88 -6.68
N GLU A 124 -7.45 -6.67 -7.13
CA GLU A 124 -7.26 -8.11 -7.27
C GLU A 124 -6.28 -8.42 -8.40
N MET A 125 -6.21 -7.53 -9.37
CA MET A 125 -5.30 -7.71 -10.51
C MET A 125 -3.85 -7.50 -10.10
N ILE A 126 -3.53 -6.27 -9.71
CA ILE A 126 -2.17 -5.93 -9.28
C ILE A 126 -1.58 -7.03 -8.43
N PHE A 127 -2.44 -7.77 -7.73
CA PHE A 127 -2.00 -8.86 -6.86
C PHE A 127 -2.01 -10.19 -7.61
N SER A 128 -3.09 -10.42 -8.35
CA SER A 128 -3.23 -11.67 -9.12
C SER A 128 -1.98 -11.92 -9.96
N GLU A 129 -1.59 -10.93 -10.74
CA GLU A 129 -0.41 -11.05 -11.60
C GLU A 129 -0.27 -12.47 -12.13
N ASP A 130 -1.40 -13.13 -12.34
CA ASP A 130 -1.41 -14.51 -12.84
C ASP A 130 -2.04 -14.56 -14.24
#